data_8GES
#
_entry.id   8GES
#
_cell.length_a   100.414
_cell.length_b   145.950
_cell.length_c   281.383
_cell.angle_alpha   90.000
_cell.angle_beta   90.000
_cell.angle_gamma   90.000
#
_symmetry.space_group_name_H-M   'P 2 21 21'
#
loop_
_entity.id
_entity.type
_entity.pdbx_description
1 polymer beta-galactosidase
2 non-polymer 'FLAVIN MONONUCLEOTIDE'
3 non-polymer GLYCEROL
4 non-polymer "8-(4-beta-D-glucopyranuronosylpiperazin-1-yl)-5-(morpholin-4-yl)-1,2,3,4-tetrahydro[1,2,3]triazino[4',5':4,5]thieno[2,3 -c]isoquinoline"
5 water water
#
_entity_poly.entity_id   1
_entity_poly.type   'polypeptide(L)'
_entity_poly.pdbx_seq_one_letter_code
;MREVINFNTKWAFTKEATEVPKEMPEKWYWVTLPHSWNEIDGQDGGNDYYRGTCYYAKQLKKSELPEADCYYLELRGANA
SADVYVNGKAVAHHDGGYSTWRVDITKELTEEENLIVIAVENGVNDRVYPQNADFTFYGGLYRDVNIIAVNKSHFDLDYY
GGPGIKVTPEIKGADASVEVEVFLTNAAADQKLVYTVKDAEGKEVAKTETAAGETKAVLSIPAVHLWNGKKDPYLYTAEV
ALVSGEEAVDAVSTRFGCRTFEIDPERGFILNGEEYPLRGVSRHQDRWGIGNALLPEHHREDIDLICELGATTIRLAHYQ
HDQYFYDLCDERGLVIWAEIPYISSHMPNGRENTISQMKELVVQNYNHPSIVVWGLSNEITMAGSSDEDLLENHRILNDM
VHEMDHTRLTTIAVVSMCDIHDPYIQIPDVISYNHYFGWYGGDVSMNGPWMDNFHKEFPNIPLGMSEYGCEALNWHTSDP
KQGDYTEEYQAYYHEEMIKQLFTRKYIWATHVWNMFDFGADARNEGGENGQNHKGLVTFDRKYKKDSFYAYKAWLSDEPF
VHLCGKRYVDRVEDTTKVTVYSNLPEVELFVNGKSAGKLQAEDHFFHFEVPNVGESTLVAVAGEYKDESHIRKVDTFNEE
YSLKESGAILNWFDITEPEGYYSLNDRLSDIMKSEEGKALFMGLMSKVAAGMSQGNEKNDGNPAAGAMANPKMLEMLGGF
TVIRMINLMGAAGPAVEWKKEDLLGLNAQLNKIKRV
;
_entity_poly.pdbx_strand_id   A,D,C,B
#
# COMPACT_ATOMS: atom_id res chain seq x y z
N MET A 1 -17.12 6.99 22.08
CA MET A 1 -15.68 7.09 21.89
C MET A 1 -15.07 5.73 21.56
N ARG A 2 -15.93 4.76 21.26
CA ARG A 2 -15.46 3.47 20.77
C ARG A 2 -14.94 3.62 19.35
N GLU A 3 -13.78 3.03 19.06
CA GLU A 3 -13.11 3.21 17.79
C GLU A 3 -12.68 1.86 17.22
N VAL A 4 -13.06 1.61 15.98
CA VAL A 4 -12.69 0.39 15.26
C VAL A 4 -11.59 0.74 14.25
N ILE A 5 -10.49 -0.02 14.28
CA ILE A 5 -9.33 0.23 13.44
C ILE A 5 -9.10 -0.98 12.55
N ASN A 6 -9.11 -0.77 11.24
CA ASN A 6 -8.80 -1.85 10.32
C ASN A 6 -7.36 -2.31 10.54
N PHE A 7 -7.16 -3.64 10.46
CA PHE A 7 -5.87 -4.26 10.73
C PHE A 7 -5.52 -5.31 9.68
N ASN A 8 -5.89 -5.06 8.42
CA ASN A 8 -5.77 -6.05 7.35
C ASN A 8 -4.48 -5.92 6.53
N THR A 9 -3.76 -4.82 6.65
CA THR A 9 -2.68 -4.53 5.72
C THR A 9 -1.39 -5.21 6.13
N LYS A 10 -0.59 -5.56 5.12
CA LYS A 10 0.75 -6.11 5.30
C LYS A 10 0.83 -7.10 6.45
N TRP A 11 0.44 -8.37 6.20
CA TRP A 11 0.65 -9.46 7.14
C TRP A 11 1.66 -10.44 6.56
N ALA A 12 2.58 -10.90 7.41
CA ALA A 12 3.56 -11.90 6.97
C ALA A 12 2.93 -13.29 7.08
N PHE A 13 3.00 -14.06 5.99
CA PHE A 13 2.32 -15.34 5.92
C PHE A 13 3.28 -16.45 5.53
N THR A 14 3.04 -17.66 6.05
CA THR A 14 3.85 -18.81 5.71
C THR A 14 3.05 -20.09 5.96
N LYS A 15 3.35 -21.12 5.17
CA LYS A 15 2.85 -22.46 5.41
C LYS A 15 3.93 -23.38 5.99
N GLU A 16 5.15 -22.88 6.15
CA GLU A 16 6.31 -23.70 6.50
C GLU A 16 6.76 -23.52 7.94
N ALA A 17 6.09 -22.70 8.72
CA ALA A 17 6.50 -22.51 10.10
C ALA A 17 6.12 -23.73 10.95
N THR A 18 6.89 -23.93 12.02
CA THR A 18 6.65 -25.00 12.98
C THR A 18 6.33 -24.47 14.37
N GLU A 19 6.59 -23.19 14.63
CA GLU A 19 6.40 -22.61 15.94
C GLU A 19 6.10 -21.12 15.78
N VAL A 20 5.63 -20.50 16.85
CA VAL A 20 5.43 -19.05 16.80
C VAL A 20 6.79 -18.37 16.67
N PRO A 21 6.99 -17.49 15.69
CA PRO A 21 8.29 -16.83 15.58
C PRO A 21 8.51 -15.83 16.71
N LYS A 22 9.74 -15.76 17.19
CA LYS A 22 10.05 -14.88 18.31
C LYS A 22 10.19 -13.42 17.88
N GLU A 23 10.70 -13.16 16.69
CA GLU A 23 10.80 -11.82 16.13
C GLU A 23 10.04 -11.74 14.81
N MET A 24 9.86 -10.52 14.32
CA MET A 24 9.05 -10.31 13.12
C MET A 24 9.71 -10.94 11.91
N PRO A 25 9.07 -11.91 11.26
CA PRO A 25 9.71 -12.56 10.10
C PRO A 25 10.13 -11.56 9.03
N GLU A 26 11.27 -11.84 8.39
CA GLU A 26 11.79 -11.00 7.32
C GLU A 26 11.65 -11.61 5.93
N LYS A 27 11.39 -12.91 5.82
CA LYS A 27 11.32 -13.58 4.53
C LYS A 27 9.96 -14.21 4.26
N TRP A 28 8.96 -13.92 5.07
CA TRP A 28 7.64 -14.46 4.82
C TRP A 28 6.96 -13.70 3.67
N TYR A 29 5.86 -14.25 3.19
CA TYR A 29 5.14 -13.69 2.05
C TYR A 29 4.16 -12.64 2.54
N TRP A 30 4.16 -11.48 1.89
CA TRP A 30 3.28 -10.38 2.28
C TRP A 30 1.89 -10.59 1.72
N VAL A 31 0.89 -10.38 2.58
CA VAL A 31 -0.52 -10.48 2.20
C VAL A 31 -1.28 -9.37 2.90
N THR A 32 -2.39 -8.97 2.28
CA THR A 32 -3.35 -8.08 2.91
C THR A 32 -4.71 -8.77 2.97
N LEU A 33 -5.35 -8.70 4.12
CA LEU A 33 -6.61 -9.42 4.30
C LEU A 33 -7.79 -8.59 3.79
N PRO A 34 -8.89 -9.24 3.38
CA PRO A 34 -9.14 -10.70 3.42
C PRO A 34 -8.12 -11.55 2.64
N HIS A 35 -7.75 -12.70 3.20
CA HIS A 35 -6.78 -13.57 2.56
C HIS A 35 -7.14 -15.03 2.83
N SER A 36 -6.82 -15.88 1.85
CA SER A 36 -6.85 -17.32 2.01
C SER A 36 -5.73 -17.94 1.19
N TRP A 37 -5.04 -18.91 1.77
CA TRP A 37 -3.96 -19.60 1.06
C TRP A 37 -4.46 -20.67 0.11
N ASN A 38 -5.77 -20.89 0.03
CA ASN A 38 -6.36 -21.89 -0.84
C ASN A 38 -7.04 -21.28 -2.06
N GLU A 39 -6.63 -20.07 -2.46
CA GLU A 39 -7.31 -19.37 -3.53
C GLU A 39 -7.11 -20.05 -4.89
N ILE A 40 -6.01 -20.79 -5.06
CA ILE A 40 -5.73 -21.50 -6.30
C ILE A 40 -5.87 -23.01 -6.12
N ASP A 41 -5.10 -23.60 -5.20
CA ASP A 41 -5.10 -25.05 -5.05
C ASP A 41 -6.44 -25.60 -4.58
N GLY A 42 -7.34 -24.73 -4.10
CA GLY A 42 -8.66 -25.13 -3.65
C GLY A 42 -9.76 -24.97 -4.68
N GLN A 43 -9.43 -24.58 -5.92
CA GLN A 43 -10.41 -24.44 -6.97
C GLN A 43 -10.02 -25.15 -8.26
N ASP A 44 -8.98 -25.99 -8.23
CA ASP A 44 -8.48 -26.64 -9.42
C ASP A 44 -8.71 -28.14 -9.45
N GLY A 45 -9.15 -28.73 -8.34
CA GLY A 45 -9.43 -30.16 -8.29
C GLY A 45 -8.32 -30.93 -7.61
N GLY A 46 -8.50 -32.26 -7.62
CA GLY A 46 -7.59 -33.17 -6.98
C GLY A 46 -7.76 -33.31 -5.49
N ASN A 47 -8.65 -32.52 -4.87
CA ASN A 47 -8.83 -32.54 -3.43
C ASN A 47 -7.50 -32.34 -2.70
N ASP A 48 -6.55 -31.69 -3.37
CA ASP A 48 -5.19 -31.56 -2.88
C ASP A 48 -4.92 -30.24 -2.19
N TYR A 49 -5.93 -29.38 -2.03
CA TYR A 49 -5.68 -28.07 -1.45
C TYR A 49 -5.10 -28.21 -0.05
N TYR A 50 -4.07 -27.43 0.23
CA TYR A 50 -3.27 -27.62 1.44
C TYR A 50 -4.10 -27.34 2.69
N ARG A 51 -4.13 -28.32 3.58
CA ARG A 51 -4.83 -28.19 4.85
C ARG A 51 -3.86 -28.54 5.96
N GLY A 52 -3.70 -27.61 6.92
CA GLY A 52 -2.77 -27.77 8.00
C GLY A 52 -2.72 -26.52 8.87
N THR A 53 -1.53 -26.11 9.29
CA THR A 53 -1.36 -24.91 10.10
C THR A 53 -0.42 -23.96 9.38
N CYS A 54 -0.87 -22.71 9.20
CA CYS A 54 -0.09 -21.64 8.60
C CYS A 54 -0.14 -20.41 9.50
N TYR A 55 0.91 -19.60 9.44
CA TYR A 55 1.09 -18.52 10.40
C TYR A 55 0.99 -17.15 9.73
N TYR A 56 0.27 -16.24 10.38
CA TYR A 56 0.25 -14.83 10.03
C TYR A 56 1.01 -14.05 11.11
N ALA A 57 1.72 -13.00 10.70
CA ALA A 57 2.46 -12.17 11.63
C ALA A 57 2.40 -10.71 11.22
N LYS A 58 2.20 -9.84 12.19
CA LYS A 58 2.13 -8.39 11.94
C LYS A 58 2.42 -7.67 13.25
N GLN A 59 3.04 -6.50 13.14
CA GLN A 59 3.40 -5.70 14.30
C GLN A 59 2.27 -4.74 14.65
N LEU A 60 2.11 -4.50 15.94
CA LEU A 60 1.18 -3.50 16.47
C LEU A 60 2.00 -2.45 17.21
N LYS A 61 2.11 -1.27 16.61
CA LYS A 61 2.83 -0.15 17.22
C LYS A 61 1.88 0.60 18.15
N LYS A 62 2.19 0.58 19.45
CA LYS A 62 1.29 1.18 20.43
C LYS A 62 1.04 2.65 20.14
N SER A 63 2.08 3.38 19.73
CA SER A 63 1.94 4.81 19.48
C SER A 63 0.84 5.09 18.46
N GLU A 64 0.85 4.36 17.34
CA GLU A 64 -0.12 4.59 16.28
C GLU A 64 -1.56 4.38 16.72
N LEU A 65 -1.78 3.81 17.90
CA LEU A 65 -3.12 3.50 18.43
C LEU A 65 -3.71 4.72 19.13
N PRO A 66 -5.01 4.95 18.99
CA PRO A 66 -5.66 6.00 19.78
C PRO A 66 -5.59 5.66 21.25
N GLU A 67 -5.82 6.68 22.08
CA GLU A 67 -5.82 6.48 23.53
C GLU A 67 -7.18 5.95 23.97
N ALA A 68 -7.17 4.74 24.53
CA ALA A 68 -8.36 4.14 25.11
C ALA A 68 -7.93 3.32 26.33
N ASP A 69 -8.93 2.84 27.07
CA ASP A 69 -8.63 2.05 28.26
C ASP A 69 -8.33 0.60 27.91
N CYS A 70 -8.90 0.08 26.83
CA CYS A 70 -8.75 -1.32 26.47
C CYS A 70 -8.69 -1.46 24.96
N TYR A 71 -7.94 -2.46 24.50
CA TYR A 71 -7.78 -2.74 23.07
C TYR A 71 -8.13 -4.20 22.81
N TYR A 72 -9.14 -4.41 21.98
CA TYR A 72 -9.61 -5.74 21.63
C TYR A 72 -9.17 -6.08 20.21
N LEU A 73 -8.75 -7.34 20.01
CA LEU A 73 -8.57 -7.87 18.67
C LEU A 73 -9.85 -8.58 18.25
N GLU A 74 -10.38 -8.21 17.08
CA GLU A 74 -11.58 -8.81 16.53
C GLU A 74 -11.24 -9.53 15.23
N LEU A 75 -11.81 -10.72 15.05
CA LEU A 75 -11.62 -11.54 13.85
C LEU A 75 -12.97 -11.96 13.30
N ARG A 76 -13.30 -11.50 12.10
CA ARG A 76 -14.59 -11.83 11.48
C ARG A 76 -14.63 -13.22 10.86
N GLY A 77 -13.47 -13.81 10.58
CA GLY A 77 -13.44 -15.07 9.88
C GLY A 77 -12.07 -15.70 9.78
N ALA A 78 -11.85 -16.78 10.53
CA ALA A 78 -10.58 -17.51 10.54
C ALA A 78 -10.91 -19.00 10.40
N ASN A 79 -10.68 -19.54 9.21
CA ASN A 79 -11.01 -20.93 8.89
C ASN A 79 -9.76 -21.79 9.06
N ALA A 80 -9.83 -22.82 9.89
CA ALA A 80 -11.05 -23.19 10.61
C ALA A 80 -10.86 -23.02 12.13
N SER A 81 -9.67 -23.35 12.61
CA SER A 81 -9.28 -23.19 14.01
C SER A 81 -8.05 -22.30 14.09
N ALA A 82 -8.03 -21.38 15.06
CA ALA A 82 -6.97 -20.39 15.14
C ALA A 82 -6.53 -20.20 16.57
N ASP A 83 -5.28 -19.73 16.73
CA ASP A 83 -4.71 -19.39 18.01
C ASP A 83 -4.03 -18.03 17.89
N VAL A 84 -4.12 -17.23 18.94
CA VAL A 84 -3.67 -15.84 18.93
C VAL A 84 -2.52 -15.69 19.91
N TYR A 85 -1.42 -15.08 19.46
CA TYR A 85 -0.28 -14.80 20.30
C TYR A 85 0.06 -13.31 20.24
N VAL A 86 0.49 -12.76 21.37
CA VAL A 86 0.87 -11.36 21.49
C VAL A 86 2.21 -11.32 22.21
N ASN A 87 3.30 -11.15 21.45
CA ASN A 87 4.64 -11.18 22.01
C ASN A 87 4.99 -12.59 22.52
N GLY A 88 4.69 -13.59 21.70
CA GLY A 88 4.94 -14.97 22.06
C GLY A 88 3.95 -15.57 23.05
N LYS A 89 3.10 -14.75 23.66
CA LYS A 89 2.13 -15.24 24.63
C LYS A 89 0.83 -15.63 23.93
N ALA A 90 0.30 -16.79 24.30
CA ALA A 90 -1.02 -17.22 23.87
C ALA A 90 -2.10 -16.53 24.69
N VAL A 91 -3.16 -16.06 24.01
CA VAL A 91 -4.18 -15.29 24.71
C VAL A 91 -5.58 -15.63 24.19
N ALA A 92 -5.67 -16.52 23.19
CA ALA A 92 -6.98 -16.90 22.67
C ALA A 92 -6.95 -18.00 21.61
N HIS A 93 -7.90 -18.92 21.71
CA HIS A 93 -8.11 -19.96 20.70
C HIS A 93 -9.56 -19.89 20.24
N HIS A 94 -9.80 -20.42 19.04
CA HIS A 94 -11.16 -20.45 18.53
C HIS A 94 -11.35 -21.61 17.58
N ASP A 95 -12.56 -22.18 17.60
CA ASP A 95 -12.95 -23.25 16.70
C ASP A 95 -14.21 -22.83 15.94
N GLY A 96 -14.15 -22.92 14.61
CA GLY A 96 -15.24 -22.48 13.77
C GLY A 96 -14.86 -21.30 12.91
N GLY A 97 -14.71 -21.52 11.61
CA GLY A 97 -14.16 -20.51 10.73
C GLY A 97 -15.19 -19.67 9.99
N TYR A 98 -16.31 -19.40 10.64
CA TYR A 98 -17.35 -18.57 10.03
C TYR A 98 -17.97 -17.60 11.03
N SER A 99 -17.50 -17.58 12.26
CA SER A 99 -18.06 -16.76 13.32
C SER A 99 -17.09 -15.63 13.66
N THR A 100 -17.63 -14.61 14.31
CA THR A 100 -16.81 -13.52 14.85
C THR A 100 -16.38 -13.85 16.27
N TRP A 101 -15.13 -13.51 16.59
CA TRP A 101 -14.64 -13.65 17.95
C TRP A 101 -13.66 -12.52 18.23
N ARG A 102 -13.46 -12.25 19.51
CA ARG A 102 -12.61 -11.16 19.96
C ARG A 102 -11.82 -11.61 21.19
N VAL A 103 -10.77 -10.85 21.50
CA VAL A 103 -9.95 -11.11 22.67
C VAL A 103 -9.37 -9.80 23.17
N ASP A 104 -9.53 -9.53 24.46
CA ASP A 104 -8.94 -8.35 25.08
C ASP A 104 -7.45 -8.57 25.27
N ILE A 105 -6.63 -7.71 24.67
CA ILE A 105 -5.18 -7.89 24.67
C ILE A 105 -4.46 -6.67 25.25
N THR A 106 -5.18 -5.82 25.98
CA THR A 106 -4.58 -4.59 26.51
C THR A 106 -3.30 -4.90 27.29
N LYS A 107 -3.36 -5.86 28.21
CA LYS A 107 -2.26 -6.07 29.14
C LYS A 107 -1.05 -6.73 28.51
N GLU A 108 -1.16 -7.22 27.27
CA GLU A 108 0.00 -7.75 26.57
C GLU A 108 0.59 -6.78 25.58
N LEU A 109 0.04 -5.57 25.48
CA LEU A 109 0.65 -4.49 24.70
C LEU A 109 1.69 -3.79 25.59
N THR A 110 2.75 -4.55 25.88
CA THR A 110 3.80 -4.13 26.81
C THR A 110 4.93 -3.38 26.12
N GLU A 111 4.93 -3.32 24.80
CA GLU A 111 6.00 -2.68 24.04
C GLU A 111 5.42 -1.60 23.15
N GLU A 112 6.30 -0.93 22.41
CA GLU A 112 5.89 -0.06 21.32
C GLU A 112 5.68 -0.82 20.02
N GLU A 113 6.36 -1.96 19.86
CA GLU A 113 6.23 -2.82 18.68
C GLU A 113 5.83 -4.21 19.17
N ASN A 114 4.53 -4.52 19.11
CA ASN A 114 4.00 -5.77 19.64
C ASN A 114 3.82 -6.76 18.49
N LEU A 115 4.40 -7.96 18.65
CA LEU A 115 4.31 -9.00 17.64
C LEU A 115 3.02 -9.79 17.82
N ILE A 116 2.08 -9.61 16.91
CA ILE A 116 0.86 -10.41 16.88
C ILE A 116 1.09 -11.58 15.93
N VAL A 117 0.91 -12.79 16.42
CA VAL A 117 0.99 -14.00 15.60
C VAL A 117 -0.33 -14.74 15.73
N ILE A 118 -1.04 -14.90 14.61
CA ILE A 118 -2.24 -15.73 14.54
C ILE A 118 -1.87 -16.99 13.77
N ALA A 119 -2.09 -18.15 14.37
CA ALA A 119 -1.94 -19.42 13.69
C ALA A 119 -3.33 -19.90 13.27
N VAL A 120 -3.49 -20.18 11.98
CA VAL A 120 -4.76 -20.62 11.42
C VAL A 120 -4.61 -22.05 10.91
N GLU A 121 -5.65 -22.85 11.09
CA GLU A 121 -5.56 -24.28 10.80
C GLU A 121 -6.89 -24.79 10.26
N ASN A 122 -6.82 -25.64 9.23
CA ASN A 122 -8.01 -26.17 8.55
C ASN A 122 -7.84 -27.65 8.25
N GLY A 123 -7.35 -28.39 9.24
CA GLY A 123 -6.99 -29.79 9.07
C GLY A 123 -8.15 -30.74 9.30
N VAL A 124 -7.78 -31.99 9.57
CA VAL A 124 -8.72 -33.10 9.72
C VAL A 124 -8.80 -33.46 11.19
N ASN A 125 -10.01 -33.57 11.72
CA ASN A 125 -10.21 -33.94 13.11
C ASN A 125 -11.69 -34.24 13.34
N ASP A 126 -12.00 -34.78 14.52
CA ASP A 126 -13.34 -35.22 14.86
C ASP A 126 -14.08 -34.24 15.77
N ARG A 127 -13.64 -32.99 15.83
CA ARG A 127 -14.25 -32.03 16.74
C ARG A 127 -14.91 -30.84 16.05
N VAL A 128 -14.32 -30.34 14.97
CA VAL A 128 -14.72 -29.06 14.39
C VAL A 128 -15.37 -29.32 13.03
N TYR A 129 -16.67 -28.87 12.88
CA TYR A 129 -17.34 -28.92 11.58
C TYR A 129 -16.98 -27.69 10.75
N PRO A 130 -16.98 -27.80 9.41
CA PRO A 130 -17.34 -29.02 8.68
C PRO A 130 -16.14 -29.93 8.48
N GLN A 131 -16.40 -31.21 8.21
CA GLN A 131 -15.33 -32.15 7.84
C GLN A 131 -15.64 -32.94 6.57
N ASN A 132 -16.91 -33.12 6.21
CA ASN A 132 -17.29 -33.81 4.98
C ASN A 132 -18.38 -33.00 4.31
N ALA A 133 -17.99 -32.16 3.34
CA ALA A 133 -18.97 -31.36 2.62
C ALA A 133 -18.48 -31.14 1.20
N ASP A 134 -19.42 -30.81 0.32
CA ASP A 134 -19.11 -30.57 -1.09
C ASP A 134 -18.79 -29.08 -1.32
N PHE A 135 -17.76 -28.62 -0.62
CA PHE A 135 -17.22 -27.27 -0.82
C PHE A 135 -15.89 -27.17 -0.11
N THR A 136 -15.02 -26.29 -0.62
CA THR A 136 -13.65 -26.18 -0.13
C THR A 136 -13.62 -25.50 1.23
N PHE A 137 -12.78 -26.03 2.11
CA PHE A 137 -12.58 -25.44 3.44
C PHE A 137 -11.40 -24.46 3.37
N TYR A 138 -11.63 -23.37 2.63
CA TYR A 138 -10.62 -22.34 2.43
C TYR A 138 -10.00 -21.94 3.76
N GLY A 139 -8.67 -21.96 3.82
CA GLY A 139 -7.97 -21.64 5.05
C GLY A 139 -7.51 -20.19 5.12
N GLY A 140 -7.38 -19.70 6.34
CA GLY A 140 -6.74 -18.43 6.61
C GLY A 140 -7.70 -17.38 7.15
N LEU A 141 -7.18 -16.16 7.25
CA LEU A 141 -7.94 -15.00 7.72
C LEU A 141 -8.63 -14.37 6.51
N TYR A 142 -9.73 -14.99 6.11
CA TYR A 142 -10.45 -14.60 4.91
C TYR A 142 -11.47 -13.49 5.15
N ARG A 143 -11.56 -12.98 6.38
CA ARG A 143 -12.42 -11.86 6.72
C ARG A 143 -11.62 -10.83 7.50
N ASP A 144 -12.26 -9.67 7.75
CA ASP A 144 -11.58 -8.56 8.39
C ASP A 144 -10.99 -8.96 9.73
N VAL A 145 -9.82 -8.42 10.05
CA VAL A 145 -9.26 -8.42 11.39
C VAL A 145 -9.18 -6.96 11.85
N ASN A 146 -9.93 -6.63 12.89
CA ASN A 146 -10.02 -5.26 13.38
C ASN A 146 -9.44 -5.18 14.79
N ILE A 147 -9.17 -3.95 15.20
CA ILE A 147 -8.83 -3.62 16.58
C ILE A 147 -9.87 -2.63 17.08
N ILE A 148 -10.42 -2.90 18.26
CA ILE A 148 -11.48 -2.09 18.83
C ILE A 148 -10.94 -1.46 20.11
N ALA A 149 -10.93 -0.13 20.15
CA ALA A 149 -10.55 0.62 21.35
C ALA A 149 -11.82 1.10 22.02
N VAL A 150 -12.00 0.74 23.29
CA VAL A 150 -13.15 1.19 24.07
C VAL A 150 -12.69 1.56 25.47
N ASN A 151 -13.59 2.21 26.19
CA ASN A 151 -13.40 2.62 27.57
C ASN A 151 -13.53 1.43 28.50
N LYS A 152 -12.91 1.55 29.69
CA LYS A 152 -12.95 0.48 30.68
C LYS A 152 -14.36 -0.09 30.82
N SER A 153 -15.34 0.79 30.99
CA SER A 153 -16.75 0.40 30.98
C SER A 153 -17.27 0.49 29.54
N HIS A 154 -17.73 -0.63 29.01
CA HIS A 154 -18.10 -0.73 27.61
C HIS A 154 -19.15 -1.80 27.44
N PHE A 155 -19.81 -1.79 26.28
CA PHE A 155 -20.77 -2.82 25.97
C PHE A 155 -20.06 -4.14 25.69
N ASP A 156 -20.75 -5.24 26.00
CA ASP A 156 -20.11 -6.55 26.00
C ASP A 156 -19.43 -6.85 24.67
N LEU A 157 -18.17 -7.24 24.73
CA LEU A 157 -17.41 -7.67 23.57
C LEU A 157 -16.93 -9.10 23.69
N ASP A 158 -17.21 -9.78 24.80
CA ASP A 158 -16.69 -11.11 25.06
C ASP A 158 -17.76 -12.18 25.13
N TYR A 159 -18.98 -11.91 24.67
CA TYR A 159 -20.03 -12.93 24.67
C TYR A 159 -20.25 -13.43 23.25
N TYR A 160 -19.44 -14.43 22.86
CA TYR A 160 -19.59 -15.11 21.59
C TYR A 160 -19.63 -14.12 20.42
N GLY A 161 -18.77 -13.11 20.49
CA GLY A 161 -18.62 -12.18 19.38
C GLY A 161 -19.87 -11.41 19.02
N GLY A 162 -20.77 -11.22 19.99
CA GLY A 162 -22.03 -10.55 19.73
C GLY A 162 -21.87 -9.05 19.61
N PRO A 163 -23.00 -8.37 19.35
CA PRO A 163 -22.99 -6.91 19.24
C PRO A 163 -23.22 -6.17 20.55
N GLY A 164 -23.54 -6.88 21.64
CA GLY A 164 -23.81 -6.20 22.89
C GLY A 164 -25.15 -5.51 22.96
N ILE A 165 -26.05 -5.81 22.03
CA ILE A 165 -27.38 -5.21 22.00
C ILE A 165 -28.31 -6.17 21.28
N LYS A 166 -29.49 -6.40 21.87
CA LYS A 166 -30.43 -7.41 21.38
C LYS A 166 -31.82 -6.77 21.27
N VAL A 167 -32.30 -6.60 20.05
CA VAL A 167 -33.52 -5.85 19.76
C VAL A 167 -34.60 -6.82 19.32
N THR A 168 -35.71 -6.83 20.05
CA THR A 168 -36.82 -7.77 19.81
C THR A 168 -38.13 -7.00 19.73
N PRO A 169 -38.68 -6.78 18.54
CA PRO A 169 -39.93 -6.04 18.43
C PRO A 169 -41.16 -6.93 18.55
N GLU A 170 -42.18 -6.37 19.19
CA GLU A 170 -43.49 -7.00 19.32
C GLU A 170 -44.52 -6.12 18.64
N ILE A 171 -45.34 -6.71 17.78
CA ILE A 171 -46.32 -5.97 17.00
C ILE A 171 -47.67 -6.11 17.68
N LYS A 172 -48.14 -5.03 18.29
CA LYS A 172 -49.48 -4.95 18.88
C LYS A 172 -50.33 -4.09 17.95
N GLY A 173 -51.05 -4.74 17.04
CA GLY A 173 -51.88 -4.00 16.10
C GLY A 173 -51.03 -3.16 15.17
N ALA A 174 -51.38 -1.88 15.06
CA ALA A 174 -50.65 -0.94 14.22
C ALA A 174 -49.48 -0.29 14.96
N ASP A 175 -49.10 -0.81 16.11
CA ASP A 175 -48.00 -0.29 16.90
C ASP A 175 -47.01 -1.42 17.21
N ALA A 176 -45.82 -1.03 17.65
CA ALA A 176 -44.75 -1.98 17.94
C ALA A 176 -44.16 -1.67 19.32
N SER A 177 -44.09 -2.70 20.16
CA SER A 177 -43.40 -2.62 21.45
C SER A 177 -42.01 -3.20 21.24
N VAL A 178 -40.99 -2.35 21.22
CA VAL A 178 -39.62 -2.73 20.90
C VAL A 178 -38.86 -2.98 22.21
N GLU A 179 -38.44 -4.22 22.43
CA GLU A 179 -37.57 -4.54 23.55
C GLU A 179 -36.12 -4.32 23.14
N VAL A 180 -35.40 -3.57 23.95
CA VAL A 180 -34.00 -3.21 23.70
C VAL A 180 -33.18 -3.71 24.87
N GLU A 181 -32.34 -4.70 24.62
CA GLU A 181 -31.48 -5.27 25.65
C GLU A 181 -30.02 -5.06 25.29
N VAL A 182 -29.27 -4.51 26.23
CA VAL A 182 -27.83 -4.29 26.08
C VAL A 182 -27.11 -5.06 27.18
N PHE A 183 -25.82 -5.29 26.96
CA PHE A 183 -25.00 -6.06 27.89
C PHE A 183 -23.68 -5.33 28.11
N LEU A 184 -23.27 -5.21 29.36
CA LEU A 184 -22.17 -4.34 29.76
C LEU A 184 -21.00 -5.14 30.32
N THR A 185 -19.91 -4.42 30.61
CA THR A 185 -18.70 -5.00 31.16
C THR A 185 -18.02 -3.95 32.03
N ASN A 186 -17.84 -4.24 33.32
CA ASN A 186 -17.22 -3.30 34.24
C ASN A 186 -18.00 -1.98 34.30
N ALA A 187 -19.32 -2.08 34.31
CA ALA A 187 -20.17 -0.90 34.35
C ALA A 187 -20.36 -0.42 35.79
N ALA A 188 -20.17 0.87 36.01
CA ALA A 188 -20.42 1.43 37.33
C ALA A 188 -21.92 1.51 37.60
N ALA A 189 -22.30 1.25 38.86
CA ALA A 189 -23.71 1.33 39.23
C ALA A 189 -24.27 2.75 39.14
N ASP A 190 -23.41 3.76 38.94
CA ASP A 190 -23.83 5.14 38.87
C ASP A 190 -23.81 5.71 37.46
N GLN A 191 -23.67 4.86 36.44
CA GLN A 191 -23.80 5.29 35.06
C GLN A 191 -25.23 5.08 34.58
N LYS A 192 -25.59 5.78 33.52
CA LYS A 192 -26.92 5.70 32.93
C LYS A 192 -26.86 5.08 31.55
N LEU A 193 -28.04 4.74 31.04
CA LEU A 193 -28.19 4.18 29.70
C LEU A 193 -29.29 4.95 28.98
N VAL A 194 -28.95 5.52 27.82
CA VAL A 194 -29.90 6.29 27.02
C VAL A 194 -30.22 5.47 25.78
N TYR A 195 -31.43 4.92 25.73
CA TYR A 195 -31.91 4.20 24.57
C TYR A 195 -32.65 5.15 23.64
N THR A 196 -32.31 5.10 22.35
CA THR A 196 -33.00 5.90 21.34
C THR A 196 -33.23 5.04 20.11
N VAL A 197 -34.43 5.09 19.56
CA VAL A 197 -34.79 4.36 18.35
C VAL A 197 -35.14 5.39 17.27
N LYS A 198 -34.39 5.38 16.18
CA LYS A 198 -34.49 6.42 15.15
C LYS A 198 -35.16 5.89 13.90
N ASP A 199 -35.44 6.82 12.98
CA ASP A 199 -36.26 6.59 11.81
C ASP A 199 -35.44 5.93 10.69
N ALA A 200 -36.13 5.62 9.59
CA ALA A 200 -35.43 5.31 8.35
C ALA A 200 -34.73 6.54 7.79
N GLU A 201 -35.16 7.74 8.19
CA GLU A 201 -34.46 8.97 7.86
C GLU A 201 -33.60 9.47 9.01
N GLY A 202 -33.54 8.75 10.12
CA GLY A 202 -32.74 9.14 11.25
C GLY A 202 -33.41 10.05 12.26
N LYS A 203 -34.71 10.30 12.13
CA LYS A 203 -35.43 11.17 13.05
C LYS A 203 -35.80 10.39 14.30
N GLU A 204 -35.32 10.86 15.46
CA GLU A 204 -35.61 10.19 16.73
C GLU A 204 -37.11 9.98 16.90
N VAL A 205 -37.49 8.73 17.19
CA VAL A 205 -38.89 8.35 17.30
C VAL A 205 -39.25 7.86 18.69
N ALA A 206 -38.28 7.47 19.52
CA ALA A 206 -38.53 7.14 20.92
C ALA A 206 -37.22 7.19 21.67
N LYS A 207 -37.29 7.44 22.97
CA LYS A 207 -36.08 7.58 23.77
C LYS A 207 -36.41 7.43 25.24
N THR A 208 -35.59 6.68 25.96
CA THR A 208 -35.76 6.46 27.39
C THR A 208 -34.40 6.39 28.06
N GLU A 209 -34.37 6.79 29.33
CA GLU A 209 -33.16 6.75 30.15
C GLU A 209 -33.33 5.76 31.30
N THR A 210 -32.23 5.13 31.67
CA THR A 210 -32.22 4.26 32.84
C THR A 210 -30.78 4.09 33.30
N ALA A 211 -30.62 3.67 34.55
CA ALA A 211 -29.30 3.46 35.12
C ALA A 211 -28.69 2.16 34.61
N ALA A 212 -27.35 2.12 34.65
CA ALA A 212 -26.60 0.96 34.16
C ALA A 212 -27.19 -0.36 34.65
N GLY A 213 -27.80 -0.36 35.83
CA GLY A 213 -28.33 -1.59 36.40
C GLY A 213 -29.56 -2.13 35.72
N GLU A 214 -30.16 -1.37 34.80
CA GLU A 214 -31.33 -1.81 34.04
C GLU A 214 -30.92 -1.86 32.57
N THR A 215 -30.49 -3.04 32.11
CA THR A 215 -29.99 -3.23 30.76
C THR A 215 -31.09 -3.67 29.79
N LYS A 216 -32.34 -3.37 30.09
CA LYS A 216 -33.47 -3.83 29.28
C LYS A 216 -34.54 -2.74 29.28
N ALA A 217 -34.92 -2.29 28.09
CA ALA A 217 -35.91 -1.23 27.96
C ALA A 217 -36.86 -1.56 26.82
N VAL A 218 -38.11 -1.15 26.98
CA VAL A 218 -39.15 -1.32 25.98
C VAL A 218 -39.60 0.07 25.53
N LEU A 219 -39.28 0.43 24.29
CA LEU A 219 -39.67 1.69 23.70
C LEU A 219 -40.77 1.45 22.67
N SER A 220 -41.68 2.42 22.57
CA SER A 220 -42.84 2.32 21.69
C SER A 220 -42.61 3.08 20.40
N ILE A 221 -43.12 2.53 19.30
CA ILE A 221 -43.21 3.24 18.04
C ILE A 221 -44.61 3.00 17.47
N PRO A 222 -45.45 4.02 17.38
CA PRO A 222 -46.79 3.85 16.81
C PRO A 222 -46.78 4.02 15.30
N ALA A 223 -47.79 3.43 14.66
CA ALA A 223 -47.87 3.42 13.20
C ALA A 223 -46.55 2.98 12.59
N VAL A 224 -46.04 1.84 13.07
CA VAL A 224 -44.70 1.40 12.73
C VAL A 224 -44.67 0.93 11.28
N HIS A 225 -43.64 1.35 10.54
CA HIS A 225 -43.41 0.88 9.18
C HIS A 225 -42.76 -0.49 9.25
N LEU A 226 -43.53 -1.53 8.94
CA LEU A 226 -43.04 -2.90 9.05
C LEU A 226 -42.03 -3.21 7.96
N TRP A 227 -41.08 -4.08 8.31
CA TRP A 227 -40.19 -4.69 7.33
C TRP A 227 -41.01 -5.72 6.55
N ASN A 228 -41.41 -5.36 5.33
CA ASN A 228 -42.32 -6.20 4.56
C ASN A 228 -41.65 -6.76 3.31
N GLY A 229 -40.51 -7.44 3.48
CA GLY A 229 -39.82 -8.09 2.38
C GLY A 229 -39.41 -7.09 1.30
N LYS A 230 -39.40 -7.59 0.05
CA LYS A 230 -39.05 -6.73 -1.07
C LYS A 230 -40.08 -5.62 -1.27
N LYS A 231 -41.33 -5.85 -0.86
CA LYS A 231 -42.37 -4.84 -1.03
C LYS A 231 -42.03 -3.56 -0.28
N ASP A 232 -41.31 -3.68 0.83
CA ASP A 232 -40.86 -2.52 1.59
C ASP A 232 -39.91 -2.96 2.70
N PRO A 233 -38.60 -3.01 2.43
CA PRO A 233 -37.63 -3.40 3.47
C PRO A 233 -37.29 -2.25 4.41
N TYR A 234 -38.32 -1.77 5.11
CA TYR A 234 -38.12 -0.64 6.03
C TYR A 234 -37.28 -1.07 7.23
N LEU A 235 -36.32 -0.21 7.60
CA LEU A 235 -35.35 -0.51 8.64
C LEU A 235 -35.24 0.66 9.61
N TYR A 236 -35.66 0.45 10.85
CA TYR A 236 -35.30 1.35 11.94
C TYR A 236 -33.89 1.02 12.43
N THR A 237 -33.35 1.89 13.28
CA THR A 237 -32.06 1.64 13.92
C THR A 237 -32.17 1.93 15.41
N ALA A 238 -31.75 0.96 16.22
CA ALA A 238 -31.65 1.13 17.65
C ALA A 238 -30.28 1.71 18.02
N GLU A 239 -30.21 2.30 19.20
CA GLU A 239 -29.04 3.11 19.56
C GLU A 239 -29.03 3.32 21.07
N VAL A 240 -28.13 2.61 21.75
CA VAL A 240 -27.97 2.73 23.21
C VAL A 240 -26.58 3.27 23.50
N ALA A 241 -26.50 4.23 24.43
CA ALA A 241 -25.25 4.85 24.82
C ALA A 241 -25.09 4.74 26.33
N LEU A 242 -23.86 4.46 26.77
CA LEU A 242 -23.53 4.38 28.19
C LEU A 242 -22.88 5.70 28.60
N VAL A 243 -23.50 6.39 29.56
CA VAL A 243 -23.07 7.72 29.97
C VAL A 243 -22.55 7.67 31.40
N SER A 244 -21.45 8.38 31.64
CA SER A 244 -20.90 8.58 32.98
C SER A 244 -20.92 10.09 33.23
N GLY A 245 -21.90 10.56 33.98
CA GLY A 245 -22.20 11.98 33.96
C GLY A 245 -23.08 12.21 32.77
N GLU A 246 -22.69 13.16 31.93
CA GLU A 246 -23.18 13.29 30.56
C GLU A 246 -22.05 13.13 29.54
N GLU A 247 -20.94 12.52 29.94
CA GLU A 247 -20.07 11.91 28.97
C GLU A 247 -20.73 10.64 28.47
N ALA A 248 -20.50 10.32 27.22
CA ALA A 248 -20.88 9.03 26.64
C ALA A 248 -19.59 8.28 26.37
N VAL A 249 -19.29 7.29 27.22
CA VAL A 249 -18.01 6.58 27.15
C VAL A 249 -18.05 5.39 26.20
N ASP A 250 -19.23 4.95 25.77
CA ASP A 250 -19.36 3.87 24.80
C ASP A 250 -20.79 3.83 24.31
N ALA A 251 -20.98 3.31 23.10
CA ALA A 251 -22.31 3.25 22.50
C ALA A 251 -22.33 2.18 21.42
N VAL A 252 -23.46 1.49 21.32
CA VAL A 252 -23.67 0.44 20.33
C VAL A 252 -24.95 0.76 19.57
N SER A 253 -25.06 0.17 18.37
CA SER A 253 -26.25 0.38 17.56
C SER A 253 -26.45 -0.83 16.65
N THR A 254 -27.67 -0.94 16.11
CA THR A 254 -28.03 -1.98 15.18
C THR A 254 -29.26 -1.54 14.41
N ARG A 255 -29.31 -1.88 13.12
CA ARG A 255 -30.54 -1.77 12.36
C ARG A 255 -31.45 -2.96 12.69
N PHE A 256 -32.75 -2.74 12.59
CA PHE A 256 -33.70 -3.82 12.78
C PHE A 256 -34.97 -3.51 12.00
N GLY A 257 -35.76 -4.56 11.77
CA GLY A 257 -37.07 -4.41 11.19
C GLY A 257 -38.09 -5.17 11.99
N CYS A 258 -39.30 -4.61 12.07
CA CYS A 258 -40.41 -5.18 12.80
C CYS A 258 -41.35 -5.87 11.82
N ARG A 259 -41.48 -7.18 11.93
CA ARG A 259 -42.33 -7.95 11.03
C ARG A 259 -42.81 -9.19 11.78
N THR A 260 -43.95 -9.71 11.35
CA THR A 260 -44.43 -11.01 11.81
C THR A 260 -44.45 -11.97 10.63
N PHE A 261 -44.44 -13.26 10.94
CA PHE A 261 -44.44 -14.26 9.88
C PHE A 261 -44.91 -15.60 10.44
N GLU A 262 -45.25 -16.49 9.52
CA GLU A 262 -45.80 -17.80 9.83
C GLU A 262 -45.37 -18.72 8.71
N ILE A 263 -45.09 -19.98 9.05
CA ILE A 263 -44.87 -20.95 7.99
C ILE A 263 -45.99 -21.98 8.03
N ASP A 264 -47.04 -21.70 7.27
CA ASP A 264 -48.24 -22.54 7.26
C ASP A 264 -47.97 -23.82 6.47
N PRO A 265 -48.40 -24.97 6.96
CA PRO A 265 -48.16 -26.23 6.23
C PRO A 265 -48.88 -26.32 4.90
N GLU A 266 -49.90 -25.51 4.65
CA GLU A 266 -50.60 -25.55 3.37
C GLU A 266 -50.50 -24.25 2.58
N ARG A 267 -50.51 -23.10 3.25
CA ARG A 267 -50.41 -21.82 2.56
C ARG A 267 -48.97 -21.37 2.31
N GLY A 268 -47.99 -22.11 2.83
CA GLY A 268 -46.61 -21.72 2.65
C GLY A 268 -46.20 -20.58 3.56
N PHE A 269 -45.19 -19.83 3.13
CA PHE A 269 -44.72 -18.70 3.91
C PHE A 269 -45.77 -17.59 3.94
N ILE A 270 -45.97 -17.01 5.12
CA ILE A 270 -46.84 -15.85 5.30
C ILE A 270 -46.05 -14.78 6.03
N LEU A 271 -46.03 -13.57 5.47
CA LEU A 271 -45.24 -12.47 6.00
C LEU A 271 -46.15 -11.30 6.30
N ASN A 272 -46.16 -10.84 7.55
CA ASN A 272 -46.98 -9.70 7.96
C ASN A 272 -48.45 -9.93 7.61
N GLY A 273 -48.90 -11.17 7.71
CA GLY A 273 -50.28 -11.53 7.49
C GLY A 273 -50.60 -11.99 6.08
N GLU A 274 -49.90 -11.47 5.08
CA GLU A 274 -50.16 -11.80 3.68
C GLU A 274 -49.25 -12.92 3.21
N GLU A 275 -49.79 -13.82 2.40
CA GLU A 275 -48.96 -14.84 1.77
C GLU A 275 -47.82 -14.18 1.00
N TYR A 276 -46.63 -14.76 1.12
CA TYR A 276 -45.41 -14.17 0.54
C TYR A 276 -44.53 -15.31 0.06
N PRO A 277 -44.83 -15.87 -1.11
CA PRO A 277 -44.10 -17.06 -1.57
C PRO A 277 -42.58 -16.88 -1.53
N LEU A 278 -41.91 -17.82 -0.88
CA LEU A 278 -40.46 -17.85 -0.81
C LEU A 278 -39.94 -18.79 -1.90
N ARG A 279 -39.47 -18.21 -2.99
CA ARG A 279 -38.87 -18.97 -4.09
C ARG A 279 -37.57 -18.27 -4.48
N GLY A 280 -36.46 -18.95 -4.32
CA GLY A 280 -35.15 -18.33 -4.48
C GLY A 280 -34.03 -19.31 -4.76
N VAL A 281 -32.84 -18.98 -4.24
CA VAL A 281 -31.60 -19.66 -4.57
C VAL A 281 -30.72 -19.75 -3.33
N SER A 282 -29.70 -20.60 -3.43
CA SER A 282 -28.61 -20.67 -2.45
C SER A 282 -27.38 -19.94 -2.99
N ARG A 283 -26.45 -19.64 -2.08
CA ARG A 283 -25.26 -18.88 -2.46
C ARG A 283 -24.10 -19.22 -1.53
N HIS A 284 -22.95 -19.53 -2.12
CA HIS A 284 -21.72 -19.75 -1.38
C HIS A 284 -20.91 -18.47 -1.31
N GLN A 285 -20.05 -18.37 -0.30
CA GLN A 285 -19.29 -17.16 -0.02
C GLN A 285 -17.90 -17.18 -0.65
N ASP A 286 -17.74 -17.81 -1.81
CA ASP A 286 -16.46 -17.84 -2.50
C ASP A 286 -16.64 -17.26 -3.91
N ARG A 287 -15.53 -17.20 -4.65
CA ARG A 287 -15.55 -16.61 -5.98
C ARG A 287 -14.27 -16.98 -6.71
N TRP A 288 -14.38 -17.18 -8.02
CA TRP A 288 -13.25 -17.66 -8.80
C TRP A 288 -12.04 -16.74 -8.63
N GLY A 289 -10.92 -17.32 -8.19
CA GLY A 289 -9.64 -16.65 -8.19
C GLY A 289 -9.16 -16.20 -6.82
N ILE A 290 -10.08 -15.86 -5.91
CA ILE A 290 -9.70 -15.33 -4.61
C ILE A 290 -10.19 -16.23 -3.47
N GLY A 291 -10.54 -17.48 -3.77
CA GLY A 291 -11.07 -18.36 -2.77
C GLY A 291 -12.27 -17.77 -2.09
N ASN A 292 -12.21 -17.60 -0.76
CA ASN A 292 -13.28 -16.96 0.00
C ASN A 292 -12.84 -15.63 0.59
N ALA A 293 -11.81 -14.99 0.01
CA ALA A 293 -11.34 -13.68 0.46
C ALA A 293 -12.12 -12.59 -0.27
N LEU A 294 -13.38 -12.45 0.12
CA LEU A 294 -14.31 -11.55 -0.54
C LEU A 294 -14.19 -10.13 -0.02
N LEU A 295 -14.26 -9.17 -0.93
CA LEU A 295 -14.34 -7.76 -0.62
C LEU A 295 -15.78 -7.28 -0.75
N PRO A 296 -16.14 -6.19 -0.08
CA PRO A 296 -17.53 -5.73 -0.10
C PRO A 296 -18.17 -5.75 -1.48
N GLU A 297 -17.44 -5.31 -2.51
CA GLU A 297 -18.03 -5.26 -3.85
C GLU A 297 -18.49 -6.64 -4.32
N HIS A 298 -17.80 -7.70 -3.89
CA HIS A 298 -18.21 -9.04 -4.27
C HIS A 298 -19.53 -9.43 -3.63
N HIS A 299 -19.71 -9.09 -2.35
CA HIS A 299 -21.02 -9.27 -1.72
C HIS A 299 -22.08 -8.45 -2.43
N ARG A 300 -21.76 -7.19 -2.74
CA ARG A 300 -22.71 -6.33 -3.45
C ARG A 300 -23.08 -6.94 -4.80
N GLU A 301 -22.08 -7.32 -5.60
CA GLU A 301 -22.35 -7.92 -6.90
C GLU A 301 -23.18 -9.19 -6.77
N ASP A 302 -22.87 -10.03 -5.78
CA ASP A 302 -23.59 -11.29 -5.64
C ASP A 302 -25.09 -11.07 -5.44
N ILE A 303 -25.46 -10.17 -4.52
CA ILE A 303 -26.88 -9.95 -4.26
C ILE A 303 -27.53 -9.15 -5.38
N ASP A 304 -26.77 -8.25 -6.03
CA ASP A 304 -27.30 -7.53 -7.17
C ASP A 304 -27.81 -8.51 -8.22
N LEU A 305 -27.00 -9.51 -8.57
CA LEU A 305 -27.44 -10.51 -9.53
C LEU A 305 -28.66 -11.27 -9.03
N ILE A 306 -28.71 -11.55 -7.72
CA ILE A 306 -29.87 -12.24 -7.18
C ILE A 306 -31.11 -11.36 -7.25
N CYS A 307 -30.95 -10.07 -6.93
CA CYS A 307 -32.08 -9.14 -7.03
C CYS A 307 -32.55 -8.99 -8.47
N GLU A 308 -31.61 -8.94 -9.42
CA GLU A 308 -32.00 -8.96 -10.82
C GLU A 308 -32.82 -10.21 -11.13
N LEU A 309 -32.43 -11.35 -10.54
CA LEU A 309 -33.21 -12.56 -10.74
C LEU A 309 -34.61 -12.43 -10.16
N GLY A 310 -34.77 -11.60 -9.13
CA GLY A 310 -36.06 -11.45 -8.49
C GLY A 310 -36.33 -12.42 -7.36
N ALA A 311 -35.34 -13.19 -6.94
CA ALA A 311 -35.54 -14.13 -5.84
C ALA A 311 -36.02 -13.41 -4.59
N THR A 312 -36.96 -14.02 -3.88
CA THR A 312 -37.47 -13.46 -2.64
C THR A 312 -36.77 -14.01 -1.40
N THR A 313 -36.03 -15.11 -1.52
CA THR A 313 -35.27 -15.65 -0.40
C THR A 313 -33.94 -16.20 -0.90
N ILE A 314 -32.97 -16.24 0.03
CA ILE A 314 -31.66 -16.84 -0.20
C ILE A 314 -31.39 -17.83 0.93
N ARG A 315 -30.88 -19.01 0.58
CA ARG A 315 -30.39 -19.97 1.56
C ARG A 315 -28.89 -19.79 1.66
N LEU A 316 -28.44 -19.12 2.72
CA LEU A 316 -27.02 -18.85 2.93
C LEU A 316 -26.36 -20.08 3.57
N ALA A 317 -26.18 -21.11 2.75
CA ALA A 317 -25.50 -22.33 3.15
C ALA A 317 -24.01 -22.22 2.87
N HIS A 318 -23.22 -23.06 3.53
CA HIS A 318 -23.66 -24.03 4.55
C HIS A 318 -23.17 -23.60 5.92
N TYR A 319 -23.23 -22.30 6.22
CA TYR A 319 -22.51 -21.77 7.37
C TYR A 319 -22.94 -20.33 7.58
N GLN A 320 -22.50 -19.76 8.70
CA GLN A 320 -22.68 -18.33 8.93
C GLN A 320 -21.89 -17.55 7.89
N HIS A 321 -22.52 -16.53 7.31
CA HIS A 321 -21.90 -15.73 6.28
C HIS A 321 -21.34 -14.44 6.86
N ASP A 322 -20.92 -13.52 6.00
CA ASP A 322 -20.35 -12.27 6.44
C ASP A 322 -21.44 -11.31 6.90
N GLN A 323 -21.09 -10.47 7.88
CA GLN A 323 -22.06 -9.53 8.43
C GLN A 323 -22.55 -8.56 7.36
N TYR A 324 -21.65 -8.11 6.49
CA TYR A 324 -22.04 -7.18 5.44
C TYR A 324 -23.13 -7.76 4.56
N PHE A 325 -23.04 -9.05 4.24
CA PHE A 325 -24.01 -9.65 3.32
C PHE A 325 -25.37 -9.84 3.97
N TYR A 326 -25.41 -10.16 5.28
CA TYR A 326 -26.70 -10.19 5.97
C TYR A 326 -27.35 -8.81 5.95
N ASP A 327 -26.56 -7.76 6.18
CA ASP A 327 -27.09 -6.40 6.12
C ASP A 327 -27.77 -6.13 4.78
N LEU A 328 -27.06 -6.43 3.68
CA LEU A 328 -27.64 -6.19 2.35
C LEU A 328 -29.00 -6.86 2.21
N CYS A 329 -29.11 -8.11 2.68
CA CYS A 329 -30.38 -8.82 2.63
C CYS A 329 -31.44 -8.08 3.45
N ASP A 330 -31.05 -7.54 4.60
CA ASP A 330 -31.94 -6.67 5.35
C ASP A 330 -32.40 -5.49 4.50
N GLU A 331 -31.45 -4.84 3.81
CA GLU A 331 -31.78 -3.63 3.07
C GLU A 331 -32.70 -3.93 1.89
N ARG A 332 -32.53 -5.07 1.24
CA ARG A 332 -33.24 -5.38 0.01
C ARG A 332 -34.49 -6.23 0.23
N GLY A 333 -34.78 -6.61 1.47
CA GLY A 333 -36.01 -7.31 1.76
C GLY A 333 -36.00 -8.80 1.47
N LEU A 334 -34.83 -9.40 1.32
CA LEU A 334 -34.75 -10.84 1.10
C LEU A 334 -34.90 -11.57 2.42
N VAL A 335 -35.61 -12.70 2.39
CA VAL A 335 -35.86 -13.51 3.57
C VAL A 335 -34.81 -14.63 3.58
N ILE A 336 -34.06 -14.74 4.67
CA ILE A 336 -32.82 -15.50 4.69
C ILE A 336 -32.95 -16.71 5.59
N TRP A 337 -32.46 -17.85 5.10
CA TRP A 337 -32.28 -19.07 5.90
C TRP A 337 -30.80 -19.20 6.21
N ALA A 338 -30.46 -19.17 7.50
CA ALA A 338 -29.09 -19.31 7.95
C ALA A 338 -28.90 -20.64 8.65
N GLU A 339 -27.68 -21.17 8.62
CA GLU A 339 -27.42 -22.49 9.16
C GLU A 339 -25.95 -22.62 9.55
N ILE A 340 -25.61 -23.76 10.13
CA ILE A 340 -24.25 -24.06 10.57
C ILE A 340 -23.73 -25.24 9.78
N PRO A 341 -22.40 -25.41 9.70
CA PRO A 341 -21.83 -26.48 8.86
C PRO A 341 -21.96 -27.88 9.45
N TYR A 342 -23.00 -28.12 10.25
CA TYR A 342 -23.27 -29.49 10.74
C TYR A 342 -23.79 -30.24 9.53
N ILE A 343 -22.91 -30.93 8.81
CA ILE A 343 -23.37 -31.50 7.51
C ILE A 343 -22.81 -32.89 7.21
N SER A 344 -23.55 -33.64 6.39
CA SER A 344 -23.06 -34.94 5.86
C SER A 344 -22.95 -36.06 6.89
N SER A 345 -21.94 -36.02 7.75
CA SER A 345 -21.72 -37.14 8.71
C SER A 345 -21.78 -36.62 10.14
N HIS A 346 -22.50 -37.35 10.99
CA HIS A 346 -22.59 -36.94 12.41
C HIS A 346 -21.37 -37.43 13.17
N MET A 347 -20.56 -36.50 13.66
CA MET A 347 -19.44 -36.88 14.51
C MET A 347 -19.87 -36.74 15.97
N PRO A 348 -19.88 -37.83 16.75
CA PRO A 348 -20.23 -37.67 18.18
C PRO A 348 -19.42 -36.58 18.86
N ASN A 349 -18.12 -36.54 18.63
CA ASN A 349 -17.24 -35.58 19.30
C ASN A 349 -17.36 -34.17 18.74
N GLY A 350 -18.05 -33.98 17.62
CA GLY A 350 -18.32 -32.64 17.12
C GLY A 350 -19.47 -31.92 17.79
N ARG A 351 -20.13 -32.56 18.76
CA ARG A 351 -21.31 -31.97 19.37
C ARG A 351 -21.01 -30.59 19.95
N GLU A 352 -19.93 -30.47 20.71
CA GLU A 352 -19.62 -29.20 21.34
C GLU A 352 -19.43 -28.09 20.31
N ASN A 353 -18.94 -28.44 19.12
CA ASN A 353 -18.77 -27.42 18.09
C ASN A 353 -20.10 -26.99 17.50
N THR A 354 -21.03 -27.94 17.32
CA THR A 354 -22.37 -27.58 16.86
C THR A 354 -23.01 -26.57 17.80
N ILE A 355 -22.79 -26.71 19.10
CA ILE A 355 -23.38 -25.80 20.07
C ILE A 355 -22.69 -24.45 20.05
N SER A 356 -21.37 -24.43 19.87
CA SER A 356 -20.65 -23.17 19.88
C SER A 356 -20.96 -22.36 18.62
N GLN A 357 -20.87 -23.00 17.45
CA GLN A 357 -21.20 -22.31 16.20
C GLN A 357 -22.66 -21.86 16.20
N MET A 358 -23.57 -22.73 16.63
CA MET A 358 -24.99 -22.38 16.63
C MET A 358 -25.28 -21.25 17.62
N LYS A 359 -24.61 -21.26 18.78
CA LYS A 359 -24.74 -20.15 19.70
C LYS A 359 -24.19 -18.87 19.09
N GLU A 360 -23.08 -18.98 18.36
CA GLU A 360 -22.49 -17.80 17.73
C GLU A 360 -23.37 -17.28 16.61
N LEU A 361 -23.96 -18.18 15.82
CA LEU A 361 -24.84 -17.76 14.74
C LEU A 361 -26.00 -16.92 15.27
N VAL A 362 -26.66 -17.39 16.33
CA VAL A 362 -27.87 -16.73 16.81
C VAL A 362 -27.53 -15.41 17.50
N VAL A 363 -26.45 -15.38 18.29
CA VAL A 363 -26.07 -14.15 18.97
C VAL A 363 -25.63 -13.09 17.96
N GLN A 364 -24.88 -13.51 16.94
CA GLN A 364 -24.28 -12.57 15.99
C GLN A 364 -25.24 -12.12 14.90
N ASN A 365 -26.46 -12.69 14.82
CA ASN A 365 -27.36 -12.36 13.73
C ASN A 365 -28.82 -12.28 14.17
N TYR A 366 -29.09 -12.32 15.48
CA TYR A 366 -30.46 -12.17 15.98
C TYR A 366 -31.14 -10.95 15.37
N ASN A 367 -30.38 -9.88 15.12
CA ASN A 367 -30.97 -8.59 14.77
C ASN A 367 -31.32 -8.45 13.29
N HIS A 368 -30.90 -9.38 12.44
CA HIS A 368 -31.16 -9.22 11.01
C HIS A 368 -32.60 -9.59 10.69
N PRO A 369 -33.44 -8.61 10.36
CA PRO A 369 -34.84 -8.93 10.04
C PRO A 369 -35.00 -9.86 8.85
N SER A 370 -33.97 -10.00 8.00
CA SER A 370 -34.09 -10.86 6.83
C SER A 370 -34.09 -12.34 7.19
N ILE A 371 -33.66 -12.71 8.40
CA ILE A 371 -33.57 -14.11 8.80
C ILE A 371 -34.85 -14.52 9.49
N VAL A 372 -35.37 -15.69 9.13
CA VAL A 372 -36.56 -16.23 9.79
C VAL A 372 -36.39 -17.66 10.27
N VAL A 373 -35.48 -18.47 9.70
CA VAL A 373 -35.27 -19.84 10.15
C VAL A 373 -33.79 -20.07 10.39
N TRP A 374 -33.47 -20.79 11.46
CA TRP A 374 -32.12 -21.22 11.77
C TRP A 374 -31.99 -22.70 11.40
N GLY A 375 -31.08 -23.00 10.48
CA GLY A 375 -30.88 -24.38 10.05
C GLY A 375 -29.94 -25.14 10.97
N LEU A 376 -30.34 -26.36 11.30
CA LEU A 376 -29.56 -27.18 12.23
C LEU A 376 -28.52 -28.04 11.53
N SER A 377 -28.84 -28.58 10.35
CA SER A 377 -27.95 -29.52 9.68
C SER A 377 -28.37 -29.66 8.23
N ASN A 378 -27.44 -30.17 7.42
CA ASN A 378 -27.67 -30.44 6.00
C ASN A 378 -27.25 -31.87 5.71
N GLU A 379 -28.21 -32.72 5.34
CA GLU A 379 -27.95 -34.10 4.95
C GLU A 379 -27.13 -34.82 6.01
N ILE A 380 -27.54 -34.66 7.27
CA ILE A 380 -26.77 -35.23 8.37
C ILE A 380 -26.89 -36.74 8.45
N THR A 381 -27.93 -37.33 7.85
CA THR A 381 -28.09 -38.77 7.84
C THR A 381 -27.56 -39.42 6.56
N MET A 382 -26.83 -38.67 5.73
CA MET A 382 -26.24 -39.26 4.54
C MET A 382 -25.57 -40.58 4.86
N ALA A 383 -24.60 -40.56 5.79
CA ALA A 383 -23.83 -41.74 6.11
C ALA A 383 -24.54 -42.60 7.14
N GLY A 384 -25.84 -42.72 7.01
CA GLY A 384 -26.61 -43.68 7.79
C GLY A 384 -27.88 -43.08 8.36
N SER A 385 -28.78 -43.98 8.77
CA SER A 385 -30.02 -43.57 9.39
C SER A 385 -29.76 -42.97 10.77
N SER A 386 -30.75 -42.24 11.27
CA SER A 386 -30.58 -41.49 12.51
C SER A 386 -30.42 -42.44 13.70
N ASP A 387 -29.34 -42.23 14.47
CA ASP A 387 -29.12 -42.95 15.71
C ASP A 387 -29.34 -42.00 16.89
N GLU A 388 -29.15 -42.53 18.10
CA GLU A 388 -29.52 -41.77 19.30
C GLU A 388 -28.62 -40.56 19.52
N ASP A 389 -27.32 -40.70 19.24
CA ASP A 389 -26.42 -39.56 19.41
C ASP A 389 -26.78 -38.44 18.44
N LEU A 390 -27.02 -38.78 17.18
CA LEU A 390 -27.47 -37.78 16.22
C LEU A 390 -28.75 -37.10 16.71
N LEU A 391 -29.66 -37.87 17.30
CA LEU A 391 -30.96 -37.32 17.70
C LEU A 391 -30.86 -36.49 18.96
N GLU A 392 -30.02 -36.87 19.92
CA GLU A 392 -29.78 -36.00 21.06
C GLU A 392 -29.10 -34.70 20.62
N ASN A 393 -28.12 -34.81 19.73
CA ASN A 393 -27.46 -33.62 19.20
C ASN A 393 -28.47 -32.64 18.62
N HIS A 394 -29.44 -33.14 17.87
CA HIS A 394 -30.40 -32.24 17.22
C HIS A 394 -31.40 -31.66 18.22
N ARG A 395 -31.86 -32.48 19.17
CA ARG A 395 -32.76 -31.96 20.20
C ARG A 395 -32.08 -30.90 21.03
N ILE A 396 -30.77 -31.07 21.30
CA ILE A 396 -30.05 -30.10 22.11
C ILE A 396 -29.98 -28.76 21.40
N LEU A 397 -29.62 -28.78 20.11
CA LEU A 397 -29.62 -27.55 19.33
C LEU A 397 -31.02 -26.96 19.26
N ASN A 398 -32.00 -27.78 18.88
CA ASN A 398 -33.38 -27.30 18.73
C ASN A 398 -33.84 -26.55 19.97
N ASP A 399 -33.61 -27.13 21.15
CA ASP A 399 -34.06 -26.49 22.38
C ASP A 399 -33.27 -25.23 22.68
N MET A 400 -31.96 -25.26 22.45
CA MET A 400 -31.15 -24.06 22.70
C MET A 400 -31.60 -22.90 21.81
N VAL A 401 -31.80 -23.18 20.52
CA VAL A 401 -32.28 -22.13 19.61
C VAL A 401 -33.63 -21.61 20.09
N HIS A 402 -34.55 -22.52 20.42
CA HIS A 402 -35.87 -22.10 20.90
C HIS A 402 -35.78 -21.30 22.18
N GLU A 403 -34.76 -21.57 23.01
CA GLU A 403 -34.60 -20.86 24.28
C GLU A 403 -34.03 -19.46 24.09
N MET A 404 -33.12 -19.27 23.14
CA MET A 404 -32.52 -17.97 22.90
C MET A 404 -33.33 -17.09 21.97
N ASP A 405 -34.12 -17.67 21.07
CA ASP A 405 -34.81 -16.90 20.04
C ASP A 405 -36.25 -17.40 19.94
N HIS A 406 -37.19 -16.63 20.49
CA HIS A 406 -38.60 -17.00 20.47
C HIS A 406 -39.31 -16.60 19.19
N THR A 407 -38.69 -15.78 18.33
CA THR A 407 -39.36 -15.21 17.18
C THR A 407 -39.03 -15.90 15.86
N ARG A 408 -38.22 -16.96 15.87
CA ARG A 408 -37.83 -17.65 14.65
C ARG A 408 -38.13 -19.13 14.78
N LEU A 409 -38.04 -19.83 13.65
CA LEU A 409 -38.24 -21.27 13.60
C LEU A 409 -36.95 -21.97 13.19
N THR A 410 -36.89 -23.27 13.48
CA THR A 410 -35.76 -24.11 13.14
C THR A 410 -36.14 -25.06 12.01
N THR A 411 -35.19 -25.34 11.12
CA THR A 411 -35.42 -26.26 10.02
C THR A 411 -34.17 -27.09 9.78
N ILE A 412 -34.27 -28.02 8.83
CA ILE A 412 -33.18 -28.90 8.45
C ILE A 412 -33.24 -29.12 6.95
N ALA A 413 -32.09 -29.46 6.38
CA ALA A 413 -31.98 -29.86 4.98
C ALA A 413 -31.74 -31.37 4.95
N VAL A 414 -32.78 -32.12 4.58
CA VAL A 414 -32.73 -33.57 4.62
C VAL A 414 -32.15 -34.08 3.32
N VAL A 415 -31.22 -35.04 3.42
CA VAL A 415 -30.74 -35.71 2.21
C VAL A 415 -31.91 -36.43 1.54
N SER A 416 -31.76 -36.67 0.23
CA SER A 416 -32.90 -37.10 -0.57
C SER A 416 -33.38 -38.50 -0.18
N MET A 417 -32.48 -39.47 -0.12
CA MET A 417 -32.84 -40.86 0.14
C MET A 417 -33.28 -41.12 1.58
N CYS A 418 -33.28 -40.12 2.44
CA CYS A 418 -33.62 -40.32 3.84
C CYS A 418 -35.10 -40.65 3.97
N ASP A 419 -35.39 -41.83 4.53
CA ASP A 419 -36.77 -42.24 4.81
C ASP A 419 -37.55 -41.12 5.49
N ILE A 420 -38.72 -40.80 4.93
CA ILE A 420 -39.51 -39.71 5.49
C ILE A 420 -40.01 -40.03 6.90
N HIS A 421 -39.95 -41.30 7.30
CA HIS A 421 -40.33 -41.69 8.65
C HIS A 421 -39.15 -41.77 9.60
N ASP A 422 -38.05 -41.08 9.28
CA ASP A 422 -36.94 -41.05 10.21
C ASP A 422 -37.31 -40.16 11.39
N PRO A 423 -37.03 -40.58 12.62
CA PRO A 423 -37.34 -39.71 13.77
C PRO A 423 -36.67 -38.34 13.67
N TYR A 424 -35.70 -38.17 12.78
CA TYR A 424 -34.97 -36.91 12.66
C TYR A 424 -35.84 -35.78 12.12
N ILE A 425 -36.82 -36.10 11.28
CA ILE A 425 -37.63 -35.09 10.63
C ILE A 425 -38.60 -34.45 11.60
N GLN A 426 -38.86 -35.12 12.72
CA GLN A 426 -39.88 -34.66 13.65
C GLN A 426 -39.35 -33.67 14.69
N ILE A 427 -38.04 -33.42 14.72
CA ILE A 427 -37.45 -32.61 15.78
C ILE A 427 -37.70 -31.12 15.53
N PRO A 428 -37.36 -30.60 14.35
CA PRO A 428 -37.45 -29.15 14.12
C PRO A 428 -38.86 -28.70 13.76
N ASP A 429 -39.02 -27.38 13.66
CA ASP A 429 -40.31 -26.78 13.37
C ASP A 429 -40.76 -27.11 11.94
N VAL A 430 -39.89 -26.84 10.96
CA VAL A 430 -40.16 -27.17 9.57
C VAL A 430 -38.96 -27.96 9.03
N ILE A 431 -39.11 -28.45 7.81
CA ILE A 431 -38.06 -29.24 7.16
C ILE A 431 -38.15 -29.01 5.66
N SER A 432 -37.03 -29.25 4.97
CA SER A 432 -36.97 -29.26 3.53
C SER A 432 -36.07 -30.39 3.07
N TYR A 433 -36.32 -30.89 1.86
CA TYR A 433 -35.56 -31.98 1.29
C TYR A 433 -34.64 -31.47 0.18
N ASN A 434 -33.54 -32.17 -0.03
CA ASN A 434 -32.60 -31.87 -1.11
C ASN A 434 -32.76 -32.97 -2.16
N HIS A 435 -33.40 -32.64 -3.27
CA HIS A 435 -33.73 -33.63 -4.30
C HIS A 435 -33.04 -33.28 -5.61
N TYR A 436 -32.51 -34.29 -6.27
CA TYR A 436 -31.82 -34.14 -7.53
C TYR A 436 -32.35 -35.13 -8.55
N PHE A 437 -33.66 -35.33 -8.54
CA PHE A 437 -34.33 -36.14 -9.55
C PHE A 437 -34.21 -35.44 -10.91
N GLY A 438 -33.55 -36.11 -11.85
CA GLY A 438 -33.21 -35.49 -13.10
C GLY A 438 -31.75 -35.13 -13.24
N TRP A 439 -30.96 -35.29 -12.18
CA TRP A 439 -29.51 -35.14 -12.29
C TRP A 439 -28.78 -36.35 -11.74
N TYR A 440 -28.95 -36.65 -10.46
CA TYR A 440 -28.36 -37.85 -9.87
C TYR A 440 -29.27 -39.06 -10.09
N GLY A 441 -29.52 -39.35 -11.37
CA GLY A 441 -30.46 -40.39 -11.72
C GLY A 441 -31.90 -39.92 -11.59
N GLY A 442 -32.82 -40.81 -11.95
CA GLY A 442 -34.21 -40.42 -11.83
C GLY A 442 -34.65 -39.55 -13.00
N ASP A 443 -35.74 -38.81 -12.77
CA ASP A 443 -36.34 -38.00 -13.81
C ASP A 443 -36.97 -36.76 -13.17
N VAL A 444 -36.82 -35.61 -13.84
CA VAL A 444 -37.25 -34.34 -13.24
C VAL A 444 -38.72 -34.37 -12.87
N SER A 445 -39.54 -35.13 -13.61
CA SER A 445 -40.97 -35.16 -13.33
C SER A 445 -41.27 -35.77 -11.96
N MET A 446 -40.33 -36.50 -11.36
CA MET A 446 -40.58 -37.16 -10.08
C MET A 446 -40.69 -36.18 -8.92
N ASN A 447 -40.29 -34.92 -9.10
CA ASN A 447 -40.24 -33.99 -7.97
C ASN A 447 -41.64 -33.66 -7.46
N GLY A 448 -42.58 -33.43 -8.37
CA GLY A 448 -43.94 -33.11 -7.98
C GLY A 448 -44.61 -34.20 -7.19
N PRO A 449 -44.63 -35.42 -7.74
CA PRO A 449 -45.27 -36.53 -7.00
C PRO A 449 -44.63 -36.81 -5.66
N TRP A 450 -43.30 -36.71 -5.57
CA TRP A 450 -42.63 -36.97 -4.30
C TRP A 450 -43.07 -35.97 -3.23
N MET A 451 -43.03 -34.67 -3.55
CA MET A 451 -43.46 -33.66 -2.59
C MET A 451 -44.93 -33.83 -2.22
N ASP A 452 -45.76 -34.19 -3.20
CA ASP A 452 -47.16 -34.49 -2.89
C ASP A 452 -47.28 -35.65 -1.90
N ASN A 453 -46.45 -36.68 -2.07
CA ASN A 453 -46.56 -37.86 -1.23
C ASN A 453 -46.14 -37.57 0.20
N PHE A 454 -45.08 -36.78 0.39
CA PHE A 454 -44.72 -36.37 1.75
C PHE A 454 -45.81 -35.52 2.37
N HIS A 455 -46.38 -34.60 1.59
CA HIS A 455 -47.40 -33.71 2.14
C HIS A 455 -48.63 -34.49 2.58
N LYS A 456 -48.98 -35.54 1.85
CA LYS A 456 -50.09 -36.40 2.26
C LYS A 456 -49.80 -37.05 3.59
N GLU A 457 -48.61 -37.63 3.73
CA GLU A 457 -48.27 -38.41 4.93
C GLU A 457 -48.04 -37.52 6.15
N PHE A 458 -47.56 -36.29 5.94
CA PHE A 458 -47.21 -35.40 7.05
C PHE A 458 -47.85 -34.03 6.84
N PRO A 459 -49.18 -33.97 6.80
CA PRO A 459 -49.87 -32.72 6.47
C PRO A 459 -49.49 -31.54 7.36
N ASN A 460 -48.99 -31.81 8.57
CA ASN A 460 -48.83 -30.77 9.57
C ASN A 460 -47.41 -30.20 9.67
N ILE A 461 -46.47 -30.72 8.89
CA ILE A 461 -45.10 -30.19 8.87
C ILE A 461 -44.90 -29.41 7.59
N PRO A 462 -44.62 -28.10 7.65
CA PRO A 462 -44.34 -27.34 6.43
C PRO A 462 -43.12 -27.88 5.73
N LEU A 463 -43.31 -28.30 4.48
CA LEU A 463 -42.25 -28.93 3.69
C LEU A 463 -41.77 -27.97 2.61
N GLY A 464 -40.45 -27.86 2.47
CA GLY A 464 -39.85 -27.06 1.43
C GLY A 464 -38.82 -27.86 0.67
N MET A 465 -38.32 -27.25 -0.40
CA MET A 465 -37.25 -27.83 -1.21
C MET A 465 -36.00 -26.98 -0.97
N SER A 466 -35.12 -27.46 -0.10
CA SER A 466 -33.93 -26.72 0.28
C SER A 466 -32.81 -26.82 -0.75
N GLU A 467 -32.92 -27.73 -1.71
CA GLU A 467 -31.86 -27.91 -2.70
C GLU A 467 -32.41 -28.67 -3.89
N TYR A 468 -32.32 -28.07 -5.07
CA TYR A 468 -32.49 -28.77 -6.33
C TYR A 468 -31.57 -28.11 -7.34
N GLY A 469 -31.06 -28.89 -8.28
CA GLY A 469 -30.11 -28.33 -9.22
C GLY A 469 -29.60 -29.35 -10.22
N CYS A 470 -28.77 -28.84 -11.13
CA CYS A 470 -28.31 -29.57 -12.30
C CYS A 470 -27.06 -28.86 -12.82
N GLU A 471 -26.07 -29.64 -13.23
CA GLU A 471 -24.80 -29.08 -13.68
C GLU A 471 -24.95 -28.47 -15.07
N ALA A 472 -24.13 -27.46 -15.36
CA ALA A 472 -24.20 -26.79 -16.64
C ALA A 472 -22.86 -26.11 -16.91
N LEU A 473 -22.12 -26.60 -17.91
CA LEU A 473 -20.91 -25.95 -18.36
C LEU A 473 -21.18 -25.24 -19.68
N ASN A 474 -20.17 -25.08 -20.51
CA ASN A 474 -20.36 -24.49 -21.84
C ASN A 474 -20.43 -25.59 -22.91
N TRP A 475 -21.40 -26.49 -22.74
CA TRP A 475 -21.67 -27.57 -23.66
C TRP A 475 -23.07 -27.40 -24.23
N HIS A 476 -23.28 -27.94 -25.44
CA HIS A 476 -24.53 -27.68 -26.14
C HIS A 476 -24.89 -28.86 -27.02
N THR A 477 -26.20 -29.04 -27.18
CA THR A 477 -26.77 -30.12 -27.98
C THR A 477 -28.18 -29.69 -28.36
N SER A 478 -28.71 -30.32 -29.40
CA SER A 478 -30.12 -30.19 -29.73
C SER A 478 -30.93 -31.36 -29.19
N ASP A 479 -30.29 -32.26 -28.44
CA ASP A 479 -30.93 -33.45 -27.87
C ASP A 479 -30.51 -33.55 -26.42
N PRO A 480 -31.10 -32.73 -25.56
CA PRO A 480 -30.65 -32.69 -24.15
C PRO A 480 -30.89 -34.02 -23.44
N LYS A 481 -29.88 -34.47 -22.71
CA LYS A 481 -29.94 -35.68 -21.91
C LYS A 481 -29.27 -35.43 -20.57
N GLN A 482 -29.90 -35.91 -19.50
CA GLN A 482 -29.26 -35.90 -18.20
C GLN A 482 -27.88 -36.54 -18.28
N GLY A 483 -26.84 -35.76 -18.02
CA GLY A 483 -25.48 -36.26 -18.06
C GLY A 483 -24.61 -35.68 -19.16
N ASP A 484 -25.17 -34.92 -20.10
CA ASP A 484 -24.35 -34.28 -21.12
C ASP A 484 -23.78 -32.93 -20.65
N TYR A 485 -24.23 -32.42 -19.50
CA TYR A 485 -23.71 -31.20 -18.90
C TYR A 485 -23.99 -29.97 -19.75
N THR A 486 -24.94 -30.05 -20.68
CA THR A 486 -25.20 -28.98 -21.61
C THR A 486 -25.98 -27.85 -20.93
N GLU A 487 -25.74 -26.62 -21.41
CA GLU A 487 -26.55 -25.49 -20.98
C GLU A 487 -28.02 -25.72 -21.29
N GLU A 488 -28.31 -26.46 -22.35
CA GLU A 488 -29.70 -26.67 -22.76
C GLU A 488 -30.44 -27.52 -21.74
N TYR A 489 -29.91 -28.71 -21.42
CA TYR A 489 -30.61 -29.60 -20.50
C TYR A 489 -30.82 -28.95 -19.13
N GLN A 490 -29.82 -28.19 -18.66
CA GLN A 490 -29.98 -27.50 -17.39
C GLN A 490 -31.12 -26.48 -17.45
N ALA A 491 -31.34 -25.89 -18.62
CA ALA A 491 -32.48 -24.98 -18.77
C ALA A 491 -33.79 -25.75 -18.83
N TYR A 492 -33.82 -26.87 -19.55
CA TYR A 492 -35.01 -27.71 -19.54
C TYR A 492 -35.30 -28.22 -18.14
N TYR A 493 -34.26 -28.69 -17.43
CA TYR A 493 -34.45 -29.18 -16.07
C TYR A 493 -35.11 -28.13 -15.19
N HIS A 494 -34.65 -26.88 -15.27
CA HIS A 494 -35.17 -25.84 -14.41
C HIS A 494 -36.54 -25.34 -14.86
N GLU A 495 -36.85 -25.44 -16.16
CA GLU A 495 -38.22 -25.19 -16.60
C GLU A 495 -39.17 -26.17 -15.94
N GLU A 496 -38.89 -27.46 -16.06
CA GLU A 496 -39.74 -28.48 -15.45
C GLU A 496 -39.78 -28.34 -13.94
N MET A 497 -38.62 -28.06 -13.31
CA MET A 497 -38.61 -27.87 -11.87
C MET A 497 -39.41 -26.63 -11.47
N ILE A 498 -39.47 -25.62 -12.33
CA ILE A 498 -40.24 -24.42 -12.03
C ILE A 498 -41.72 -24.70 -12.11
N LYS A 499 -42.17 -25.34 -13.20
CA LYS A 499 -43.58 -25.64 -13.35
C LYS A 499 -44.08 -26.56 -12.24
N GLN A 500 -43.20 -27.39 -11.68
CA GLN A 500 -43.60 -28.30 -10.61
C GLN A 500 -43.64 -27.59 -9.26
N LEU A 501 -42.58 -26.85 -8.94
CA LEU A 501 -42.45 -26.28 -7.60
C LEU A 501 -43.22 -24.96 -7.47
N PHE A 502 -43.13 -24.09 -8.47
CA PHE A 502 -43.70 -22.76 -8.35
C PHE A 502 -45.22 -22.77 -8.30
N THR A 503 -45.86 -23.89 -8.65
CA THR A 503 -47.31 -24.00 -8.66
C THR A 503 -47.87 -24.70 -7.43
N ARG A 504 -47.01 -25.02 -6.45
CA ARG A 504 -47.42 -25.74 -5.25
C ARG A 504 -47.23 -24.81 -4.06
N LYS A 505 -48.28 -24.09 -3.70
CA LYS A 505 -48.20 -23.08 -2.65
C LYS A 505 -47.81 -23.67 -1.29
N TYR A 506 -48.01 -24.96 -1.08
CA TYR A 506 -47.74 -25.53 0.24
C TYR A 506 -46.24 -25.67 0.51
N ILE A 507 -45.42 -25.80 -0.54
CA ILE A 507 -43.97 -25.75 -0.39
C ILE A 507 -43.61 -24.36 0.14
N TRP A 508 -43.09 -24.29 1.36
CA TRP A 508 -42.92 -23.00 2.01
C TRP A 508 -41.70 -22.23 1.51
N ALA A 509 -40.77 -22.90 0.83
CA ALA A 509 -39.64 -22.18 0.25
C ALA A 509 -38.84 -23.13 -0.63
N THR A 510 -38.44 -22.63 -1.80
CA THR A 510 -37.59 -23.35 -2.74
C THR A 510 -36.27 -22.62 -2.88
N HIS A 511 -35.18 -23.37 -2.99
CA HIS A 511 -33.84 -22.81 -3.07
C HIS A 511 -33.08 -23.50 -4.21
N VAL A 512 -32.96 -22.81 -5.34
CA VAL A 512 -32.13 -23.33 -6.42
C VAL A 512 -30.71 -23.51 -5.93
N TRP A 513 -30.17 -24.71 -6.14
CA TRP A 513 -28.76 -25.00 -5.88
C TRP A 513 -28.04 -25.03 -7.23
N ASN A 514 -27.08 -24.12 -7.42
CA ASN A 514 -26.78 -23.02 -6.52
C ASN A 514 -26.86 -21.75 -7.36
N MET A 515 -26.92 -20.57 -6.75
CA MET A 515 -26.98 -19.34 -7.55
C MET A 515 -25.76 -19.23 -8.45
N PHE A 516 -24.56 -19.40 -7.88
CA PHE A 516 -23.32 -19.34 -8.64
C PHE A 516 -22.57 -20.67 -8.51
N ASP A 517 -21.75 -20.96 -9.52
CA ASP A 517 -20.77 -22.03 -9.38
C ASP A 517 -19.84 -21.70 -8.21
N PHE A 518 -19.28 -22.74 -7.59
CA PHE A 518 -18.54 -22.51 -6.35
C PHE A 518 -17.39 -23.49 -6.22
N GLY A 519 -16.50 -23.22 -5.27
CA GLY A 519 -15.27 -23.97 -5.16
C GLY A 519 -15.53 -25.26 -4.41
N ALA A 520 -15.23 -26.40 -5.04
CA ALA A 520 -15.32 -27.72 -4.40
C ALA A 520 -14.17 -28.55 -4.96
N ASP A 521 -13.02 -28.49 -4.28
CA ASP A 521 -11.76 -28.99 -4.84
C ASP A 521 -11.76 -30.49 -5.09
N ALA A 522 -12.71 -31.25 -4.54
CA ALA A 522 -12.74 -32.68 -4.75
C ALA A 522 -13.52 -33.09 -6.00
N ARG A 523 -14.24 -32.15 -6.61
CA ARG A 523 -14.96 -32.44 -7.83
C ARG A 523 -14.00 -32.55 -9.01
N ASN A 524 -14.34 -33.45 -9.94
CA ASN A 524 -13.58 -33.62 -11.18
C ASN A 524 -14.54 -34.10 -12.28
N GLU A 525 -15.43 -33.22 -12.71
CA GLU A 525 -16.43 -33.60 -13.70
C GLU A 525 -16.82 -32.39 -14.54
N GLY A 526 -17.15 -32.65 -15.81
CA GLY A 526 -17.74 -31.66 -16.69
C GLY A 526 -16.79 -30.95 -17.63
N GLY A 527 -15.48 -31.18 -17.50
CA GLY A 527 -14.49 -30.49 -18.31
C GLY A 527 -13.70 -29.42 -17.57
N GLU A 528 -14.01 -29.17 -16.31
CA GLU A 528 -13.33 -28.16 -15.51
C GLU A 528 -13.35 -28.64 -14.07
N ASN A 529 -12.22 -29.13 -13.58
CA ASN A 529 -12.16 -29.76 -12.27
C ASN A 529 -11.97 -28.73 -11.17
N GLY A 530 -12.49 -29.05 -9.98
CA GLY A 530 -12.37 -28.19 -8.83
C GLY A 530 -13.58 -27.34 -8.52
N GLN A 531 -14.66 -27.47 -9.29
CA GLN A 531 -15.84 -26.65 -9.11
C GLN A 531 -17.09 -27.51 -9.11
N ASN A 532 -18.12 -27.02 -8.43
CA ASN A 532 -19.49 -27.43 -8.67
C ASN A 532 -20.09 -26.48 -9.69
N HIS A 533 -20.63 -27.02 -10.77
CA HIS A 533 -21.13 -26.21 -11.88
C HIS A 533 -22.65 -26.22 -11.94
N LYS A 534 -23.32 -26.25 -10.79
CA LYS A 534 -24.77 -26.25 -10.72
C LYS A 534 -25.37 -24.86 -10.65
N GLY A 535 -24.54 -23.83 -10.75
CA GLY A 535 -25.03 -22.47 -10.59
C GLY A 535 -25.84 -22.00 -11.77
N LEU A 536 -26.60 -20.92 -11.54
CA LEU A 536 -27.23 -20.19 -12.63
C LEU A 536 -26.28 -19.18 -13.26
N VAL A 537 -25.24 -18.78 -12.52
CA VAL A 537 -24.15 -17.96 -13.02
C VAL A 537 -22.85 -18.72 -12.79
N THR A 538 -21.84 -18.39 -13.59
CA THR A 538 -20.58 -19.10 -13.49
C THR A 538 -19.72 -18.54 -12.36
N PHE A 539 -18.70 -19.32 -11.99
CA PHE A 539 -17.95 -19.07 -10.77
C PHE A 539 -17.40 -17.64 -10.71
N ASP A 540 -17.03 -17.08 -11.85
CA ASP A 540 -16.47 -15.74 -11.88
C ASP A 540 -17.53 -14.66 -11.98
N ARG A 541 -18.82 -15.03 -12.03
CA ARG A 541 -19.94 -14.11 -12.11
C ARG A 541 -20.04 -13.41 -13.47
N LYS A 542 -19.34 -13.90 -14.49
CA LYS A 542 -19.24 -13.20 -15.76
C LYS A 542 -20.29 -13.63 -16.78
N TYR A 543 -20.95 -14.78 -16.57
CA TYR A 543 -21.90 -15.30 -17.54
C TYR A 543 -23.13 -15.81 -16.81
N LYS A 544 -24.28 -15.19 -17.08
CA LYS A 544 -25.56 -15.71 -16.62
C LYS A 544 -26.02 -16.81 -17.57
N LYS A 545 -26.14 -18.03 -17.05
CA LYS A 545 -26.62 -19.13 -17.88
C LYS A 545 -28.10 -18.96 -18.20
N ASP A 546 -28.53 -19.62 -19.28
CA ASP A 546 -29.93 -19.52 -19.70
C ASP A 546 -30.88 -19.77 -18.53
N SER A 547 -30.60 -20.79 -17.72
CA SER A 547 -31.45 -21.10 -16.57
C SER A 547 -31.69 -19.87 -15.70
N PHE A 548 -30.69 -18.99 -15.60
CA PHE A 548 -30.87 -17.73 -14.87
C PHE A 548 -32.11 -16.98 -15.36
N TYR A 549 -32.29 -16.89 -16.67
CA TYR A 549 -33.38 -16.09 -17.23
C TYR A 549 -34.73 -16.78 -17.10
N ALA A 550 -34.75 -18.11 -17.01
CA ALA A 550 -36.00 -18.82 -16.77
C ALA A 550 -36.63 -18.39 -15.46
N TYR A 551 -35.80 -18.21 -14.42
CA TYR A 551 -36.34 -17.76 -13.13
C TYR A 551 -36.68 -16.28 -13.16
N LYS A 552 -35.84 -15.45 -13.78
CA LYS A 552 -36.16 -14.03 -13.93
C LYS A 552 -37.53 -13.85 -14.58
N ALA A 553 -37.88 -14.71 -15.53
CA ALA A 553 -39.19 -14.63 -16.16
C ALA A 553 -40.31 -14.78 -15.13
N TRP A 554 -40.09 -15.58 -14.09
CA TRP A 554 -41.13 -15.87 -13.11
C TRP A 554 -41.09 -14.96 -11.89
N LEU A 555 -39.98 -14.28 -11.64
CA LEU A 555 -39.80 -13.56 -10.38
C LEU A 555 -39.47 -12.09 -10.52
N SER A 556 -39.10 -11.62 -11.72
CA SER A 556 -38.74 -10.23 -11.93
C SER A 556 -39.87 -9.49 -12.62
N ASP A 557 -40.15 -8.28 -12.15
CA ASP A 557 -41.02 -7.36 -12.88
C ASP A 557 -40.22 -6.38 -13.72
N GLU A 558 -38.91 -6.60 -13.85
CA GLU A 558 -38.09 -5.93 -14.84
C GLU A 558 -38.38 -6.54 -16.20
N PRO A 559 -39.15 -5.86 -17.06
CA PRO A 559 -39.56 -6.49 -18.33
C PRO A 559 -38.36 -6.75 -19.22
N PHE A 560 -38.34 -7.94 -19.83
CA PHE A 560 -37.17 -8.34 -20.60
C PHE A 560 -37.58 -9.42 -21.60
N VAL A 561 -36.64 -9.80 -22.45
CA VAL A 561 -36.78 -10.88 -23.42
C VAL A 561 -35.43 -11.55 -23.56
N HIS A 562 -35.38 -12.89 -23.49
CA HIS A 562 -34.12 -13.61 -23.58
C HIS A 562 -34.22 -14.71 -24.62
N LEU A 563 -33.29 -14.71 -25.57
CA LEU A 563 -33.09 -15.83 -26.47
C LEU A 563 -32.11 -16.80 -25.82
N CYS A 564 -32.55 -18.04 -25.57
CA CYS A 564 -31.63 -19.07 -25.12
C CYS A 564 -30.82 -19.59 -26.31
N GLY A 565 -29.78 -20.35 -25.99
CA GLY A 565 -28.98 -20.99 -27.02
C GLY A 565 -28.10 -20.08 -27.83
N LYS A 566 -27.84 -18.86 -27.36
CA LYS A 566 -26.97 -17.95 -28.09
C LYS A 566 -25.63 -18.58 -28.40
N ARG A 567 -25.11 -19.38 -27.46
CA ARG A 567 -23.82 -20.02 -27.65
C ARG A 567 -23.88 -21.31 -28.46
N TYR A 568 -25.09 -21.80 -28.78
CA TYR A 568 -25.27 -22.97 -29.65
C TYR A 568 -25.63 -22.45 -31.03
N VAL A 569 -24.62 -22.25 -31.87
CA VAL A 569 -24.82 -21.62 -33.17
C VAL A 569 -24.93 -22.66 -34.26
N ASP A 570 -23.88 -23.43 -34.48
CA ASP A 570 -23.92 -24.41 -35.56
C ASP A 570 -24.80 -25.58 -35.17
N ARG A 571 -25.83 -25.84 -35.97
CA ARG A 571 -26.79 -26.92 -35.73
C ARG A 571 -27.02 -27.72 -37.01
N VAL A 572 -27.36 -29.00 -36.83
CA VAL A 572 -27.43 -29.93 -37.96
C VAL A 572 -28.84 -30.05 -38.54
N GLU A 573 -29.87 -29.90 -37.73
CA GLU A 573 -31.23 -30.16 -38.18
C GLU A 573 -31.70 -29.10 -39.18
N ASP A 574 -32.67 -29.49 -40.01
CA ASP A 574 -33.29 -28.54 -40.93
C ASP A 574 -34.29 -27.64 -40.22
N THR A 575 -35.03 -28.19 -39.26
CA THR A 575 -35.84 -27.42 -38.33
C THR A 575 -35.20 -27.47 -36.96
N THR A 576 -35.16 -26.33 -36.29
CA THR A 576 -34.54 -26.22 -34.98
C THR A 576 -35.46 -25.45 -34.05
N LYS A 577 -35.51 -25.85 -32.80
CA LYS A 577 -36.34 -25.18 -31.81
C LYS A 577 -35.57 -24.04 -31.16
N VAL A 578 -36.28 -22.98 -30.80
CA VAL A 578 -35.69 -21.80 -30.21
C VAL A 578 -36.51 -21.42 -28.98
N THR A 579 -35.86 -21.41 -27.81
CA THR A 579 -36.54 -21.11 -26.55
C THR A 579 -36.33 -19.65 -26.19
N VAL A 580 -37.42 -18.95 -25.89
CA VAL A 580 -37.39 -17.57 -25.45
C VAL A 580 -38.03 -17.50 -24.08
N TYR A 581 -37.35 -16.86 -23.13
CA TYR A 581 -37.91 -16.56 -21.83
C TYR A 581 -38.30 -15.09 -21.77
N SER A 582 -39.48 -14.81 -21.22
CA SER A 582 -39.90 -13.43 -21.04
C SER A 582 -41.04 -13.40 -20.02
N ASN A 583 -41.05 -12.34 -19.21
CA ASN A 583 -42.14 -12.11 -18.28
C ASN A 583 -43.21 -11.20 -18.87
N LEU A 584 -43.16 -10.94 -20.17
CA LEU A 584 -44.24 -10.25 -20.87
C LEU A 584 -45.17 -11.29 -21.47
N PRO A 585 -46.37 -10.86 -21.90
CA PRO A 585 -47.38 -11.83 -22.36
C PRO A 585 -47.12 -12.44 -23.73
N GLU A 586 -46.59 -11.69 -24.68
CA GLU A 586 -46.48 -12.13 -26.06
C GLU A 586 -45.07 -11.96 -26.59
N VAL A 587 -44.60 -12.94 -27.36
CA VAL A 587 -43.27 -12.94 -27.96
C VAL A 587 -43.40 -13.34 -29.43
N GLU A 588 -42.92 -12.48 -30.33
CA GLU A 588 -42.83 -12.78 -31.74
C GLU A 588 -41.37 -13.02 -32.12
N LEU A 589 -41.13 -14.05 -32.93
CA LEU A 589 -39.79 -14.43 -33.33
C LEU A 589 -39.61 -14.19 -34.82
N PHE A 590 -38.46 -13.60 -35.18
CA PHE A 590 -38.14 -13.26 -36.57
C PHE A 590 -36.89 -14.02 -36.98
N VAL A 591 -36.97 -14.69 -38.13
CA VAL A 591 -35.83 -15.35 -38.75
C VAL A 591 -35.42 -14.52 -39.95
N ASN A 592 -34.21 -13.96 -39.91
CA ASN A 592 -33.71 -13.08 -40.95
C ASN A 592 -34.76 -12.03 -41.34
N GLY A 593 -35.36 -11.42 -40.31
CA GLY A 593 -36.29 -10.34 -40.51
C GLY A 593 -37.72 -10.75 -40.77
N LYS A 594 -37.96 -11.96 -41.28
CA LYS A 594 -39.31 -12.41 -41.56
C LYS A 594 -39.88 -13.09 -40.32
N SER A 595 -41.14 -12.76 -39.98
CA SER A 595 -41.73 -13.20 -38.74
C SER A 595 -42.24 -14.64 -38.85
N ALA A 596 -41.79 -15.49 -37.95
CA ALA A 596 -42.19 -16.90 -37.92
C ALA A 596 -43.33 -17.18 -36.95
N GLY A 597 -43.93 -16.15 -36.37
CA GLY A 597 -45.12 -16.34 -35.54
C GLY A 597 -45.09 -15.66 -34.18
N LYS A 598 -46.27 -15.25 -33.73
CA LYS A 598 -46.48 -14.78 -32.36
C LYS A 598 -46.68 -15.97 -31.43
N LEU A 599 -46.41 -15.75 -30.15
CA LEU A 599 -46.61 -16.80 -29.16
C LEU A 599 -46.93 -16.17 -27.81
N GLN A 600 -47.88 -16.78 -27.09
CA GLN A 600 -48.18 -16.43 -25.72
C GLN A 600 -47.89 -17.63 -24.83
N ALA A 601 -46.91 -17.49 -23.94
CA ALA A 601 -46.50 -18.57 -23.05
C ALA A 601 -47.05 -18.31 -21.65
N GLU A 602 -47.96 -19.18 -21.21
CA GLU A 602 -48.46 -19.07 -19.85
C GLU A 602 -47.33 -19.26 -18.84
N ASP A 603 -46.47 -20.24 -19.09
CA ASP A 603 -45.35 -20.54 -18.21
C ASP A 603 -44.11 -19.71 -18.51
N HIS A 604 -44.23 -18.69 -19.37
CA HIS A 604 -43.13 -17.81 -19.76
C HIS A 604 -42.04 -18.52 -20.54
N PHE A 605 -42.28 -19.77 -20.95
CA PHE A 605 -41.32 -20.55 -21.71
C PHE A 605 -41.82 -20.63 -23.14
N PHE A 606 -41.33 -19.73 -23.99
CA PHE A 606 -41.79 -19.61 -25.37
C PHE A 606 -40.95 -20.53 -26.25
N HIS A 607 -41.56 -21.61 -26.73
CA HIS A 607 -40.87 -22.63 -27.51
C HIS A 607 -41.31 -22.54 -28.96
N PHE A 608 -40.45 -21.95 -29.80
CA PHE A 608 -40.69 -21.84 -31.22
C PHE A 608 -39.94 -22.92 -31.98
N GLU A 609 -40.39 -23.18 -33.20
CA GLU A 609 -39.64 -23.94 -34.20
C GLU A 609 -39.35 -23.03 -35.38
N VAL A 610 -38.18 -23.17 -35.96
CA VAL A 610 -37.80 -22.37 -37.12
C VAL A 610 -37.00 -23.23 -38.09
N PRO A 611 -36.98 -22.85 -39.36
CA PRO A 611 -36.08 -23.51 -40.30
C PRO A 611 -34.64 -23.08 -40.05
N ASN A 612 -33.72 -24.00 -40.30
CA ASN A 612 -32.29 -23.76 -40.16
C ASN A 612 -31.67 -23.86 -41.54
N VAL A 613 -31.44 -22.72 -42.19
CA VAL A 613 -30.95 -22.68 -43.55
C VAL A 613 -29.90 -21.58 -43.64
N GLY A 614 -28.69 -21.94 -44.05
CA GLY A 614 -27.62 -20.97 -44.13
C GLY A 614 -27.39 -20.29 -42.80
N GLU A 615 -26.97 -19.03 -42.87
CA GLU A 615 -26.76 -18.21 -41.67
C GLU A 615 -28.04 -17.47 -41.37
N SER A 616 -28.69 -17.82 -40.26
CA SER A 616 -29.95 -17.21 -39.86
C SER A 616 -29.73 -16.33 -38.65
N THR A 617 -30.37 -15.17 -38.66
CA THR A 617 -30.34 -14.24 -37.54
C THR A 617 -31.71 -14.22 -36.89
N LEU A 618 -31.75 -14.52 -35.59
CA LEU A 618 -33.00 -14.63 -34.84
C LEU A 618 -33.21 -13.39 -33.99
N VAL A 619 -34.43 -12.87 -34.01
CA VAL A 619 -34.80 -11.69 -33.23
C VAL A 619 -36.13 -11.99 -32.53
N ALA A 620 -36.15 -11.84 -31.20
CA ALA A 620 -37.38 -12.01 -30.42
C ALA A 620 -37.84 -10.65 -29.94
N VAL A 621 -39.14 -10.41 -30.05
CA VAL A 621 -39.73 -9.10 -29.75
C VAL A 621 -40.93 -9.29 -28.85
N ALA A 622 -41.02 -8.47 -27.80
CA ALA A 622 -42.17 -8.44 -26.89
C ALA A 622 -42.42 -6.97 -26.57
N GLY A 623 -43.22 -6.32 -27.40
CA GLY A 623 -43.42 -4.89 -27.24
C GLY A 623 -42.16 -4.14 -27.59
N GLU A 624 -41.74 -3.23 -26.70
CA GLU A 624 -40.57 -2.40 -26.95
C GLU A 624 -39.27 -3.09 -26.60
N TYR A 625 -39.29 -4.37 -26.25
CA TYR A 625 -38.08 -5.11 -25.89
C TYR A 625 -37.78 -6.17 -26.95
N LYS A 626 -36.50 -6.31 -27.26
CA LYS A 626 -36.05 -7.22 -28.30
C LYS A 626 -34.76 -7.91 -27.83
N ASP A 627 -34.46 -9.05 -28.45
CA ASP A 627 -33.21 -9.74 -28.21
C ASP A 627 -32.83 -10.50 -29.47
N GLU A 628 -31.53 -10.77 -29.61
CA GLU A 628 -30.97 -11.27 -30.85
C GLU A 628 -30.07 -12.48 -30.60
N SER A 629 -29.84 -13.24 -31.65
CA SER A 629 -29.01 -14.44 -31.61
C SER A 629 -28.73 -14.84 -33.06
N HIS A 630 -27.89 -15.87 -33.22
CA HIS A 630 -27.48 -16.32 -34.53
C HIS A 630 -27.36 -17.83 -34.55
N ILE A 631 -27.82 -18.45 -35.64
CA ILE A 631 -27.69 -19.88 -35.86
C ILE A 631 -27.17 -20.11 -37.27
N ARG A 632 -26.70 -21.33 -37.50
CA ARG A 632 -26.07 -21.67 -38.78
C ARG A 632 -26.27 -23.16 -39.06
N LYS A 633 -26.83 -23.46 -40.23
CA LYS A 633 -26.93 -24.85 -40.66
C LYS A 633 -25.54 -25.39 -40.99
N VAL A 634 -25.32 -26.66 -40.66
CA VAL A 634 -24.04 -27.32 -40.92
C VAL A 634 -24.32 -28.79 -41.23
N ASP A 635 -23.34 -29.44 -41.87
CA ASP A 635 -23.49 -30.83 -42.29
C ASP A 635 -23.28 -31.81 -41.14
N THR A 636 -22.40 -31.48 -40.19
CA THR A 636 -22.05 -32.42 -39.13
C THR A 636 -21.98 -31.68 -37.79
N PHE A 637 -22.37 -32.39 -36.72
CA PHE A 637 -22.32 -31.82 -35.39
C PHE A 637 -20.93 -31.30 -35.07
N ASN A 638 -20.87 -30.09 -34.49
CA ASN A 638 -19.61 -29.46 -34.12
C ASN A 638 -19.11 -30.10 -32.82
N GLU A 639 -18.03 -30.88 -32.92
CA GLU A 639 -17.54 -31.63 -31.76
C GLU A 639 -17.16 -30.71 -30.61
N GLU A 640 -16.77 -29.47 -30.91
CA GLU A 640 -16.47 -28.50 -29.86
C GLU A 640 -17.65 -28.27 -28.92
N TYR A 641 -18.83 -28.79 -29.25
CA TYR A 641 -20.04 -28.58 -28.46
C TYR A 641 -20.28 -29.67 -27.41
N SER A 642 -19.66 -30.83 -27.57
CA SER A 642 -19.97 -32.01 -26.76
C SER A 642 -18.80 -32.33 -25.84
N LEU A 643 -19.11 -32.68 -24.59
CA LEU A 643 -18.09 -33.05 -23.63
C LEU A 643 -17.17 -34.13 -24.19
N LYS A 644 -17.75 -35.24 -24.63
CA LYS A 644 -17.00 -36.31 -25.28
C LYS A 644 -15.70 -36.64 -24.55
N ARG B 2 18.45 77.86 15.57
CA ARG B 2 18.48 77.99 14.12
C ARG B 2 17.11 78.42 13.58
N GLU B 3 17.12 79.29 12.58
CA GLU B 3 15.89 79.85 12.04
C GLU B 3 16.03 79.95 10.51
N VAL B 4 14.97 79.55 9.80
CA VAL B 4 14.90 79.72 8.36
C VAL B 4 13.72 80.63 8.06
N ILE B 5 13.99 81.74 7.39
CA ILE B 5 12.99 82.78 7.12
C ILE B 5 12.67 82.79 5.63
N ASN B 6 11.39 82.83 5.31
CA ASN B 6 10.98 82.90 3.91
C ASN B 6 11.47 84.20 3.28
N PHE B 7 12.03 84.09 2.09
CA PHE B 7 12.54 85.24 1.36
C PHE B 7 12.05 85.20 -0.09
N ASN B 8 10.75 84.97 -0.27
CA ASN B 8 10.20 84.71 -1.59
C ASN B 8 9.44 85.89 -2.19
N THR B 9 8.94 86.81 -1.37
CA THR B 9 7.97 87.79 -1.82
C THR B 9 8.62 89.07 -2.33
N LYS B 10 8.03 89.63 -3.39
CA LYS B 10 8.37 90.95 -3.91
C LYS B 10 9.85 91.05 -4.30
N TRP B 11 10.19 90.28 -5.34
CA TRP B 11 11.47 90.38 -6.02
C TRP B 11 11.31 91.18 -7.29
N ALA B 12 12.25 92.09 -7.53
CA ALA B 12 12.31 92.79 -8.80
C ALA B 12 12.95 91.88 -9.83
N PHE B 13 12.31 91.81 -10.99
CA PHE B 13 12.81 90.93 -12.03
C PHE B 13 12.88 91.73 -13.30
N THR B 14 13.93 91.45 -14.08
CA THR B 14 14.09 92.15 -15.38
C THR B 14 14.55 91.17 -16.45
N LYS B 15 13.84 91.10 -17.57
CA LYS B 15 14.32 90.28 -18.70
C LYS B 15 14.88 91.28 -19.70
N GLU B 16 15.39 92.40 -19.21
CA GLU B 16 15.84 93.45 -20.15
C GLU B 16 17.19 94.02 -19.73
N ALA B 17 17.48 94.09 -18.43
CA ALA B 17 18.76 94.69 -18.12
C ALA B 17 19.92 93.97 -18.80
N THR B 18 21.19 94.55 -18.62
CA THR B 18 22.48 94.03 -19.13
C THR B 18 23.72 94.14 -18.18
N GLU B 19 23.47 94.37 -16.90
CA GLU B 19 24.49 94.56 -15.89
C GLU B 19 23.80 94.65 -14.53
N VAL B 20 24.53 94.22 -13.50
CA VAL B 20 23.99 94.22 -12.14
C VAL B 20 23.62 95.65 -11.75
N PRO B 21 22.42 95.89 -11.25
CA PRO B 21 22.07 97.26 -10.82
C PRO B 21 22.81 97.63 -9.56
N LYS B 22 23.29 98.87 -9.51
CA LYS B 22 23.95 99.38 -8.31
C LYS B 22 22.95 99.76 -7.22
N GLU B 23 21.70 100.03 -7.59
CA GLU B 23 20.65 100.41 -6.64
C GLU B 23 19.40 99.59 -6.90
N MET B 24 18.55 99.50 -5.88
CA MET B 24 17.30 98.76 -5.97
C MET B 24 16.45 99.29 -7.12
N PRO B 25 16.23 98.51 -8.17
CA PRO B 25 15.41 98.97 -9.29
C PRO B 25 14.01 99.38 -8.85
N GLU B 26 13.39 100.24 -9.67
CA GLU B 26 12.06 100.76 -9.39
C GLU B 26 11.10 100.64 -10.57
N LYS B 27 11.56 100.17 -11.73
CA LYS B 27 10.69 99.96 -12.88
C LYS B 27 10.75 98.53 -13.38
N TRP B 28 11.27 97.61 -12.56
CA TRP B 28 11.32 96.20 -12.91
C TRP B 28 9.99 95.52 -12.55
N TYR B 29 9.78 94.34 -13.12
CA TYR B 29 8.55 93.59 -12.86
C TYR B 29 8.64 92.87 -11.53
N TRP B 30 7.60 93.03 -10.70
CA TRP B 30 7.55 92.37 -9.40
C TRP B 30 7.09 90.93 -9.55
N VAL B 31 7.80 90.01 -8.90
CA VAL B 31 7.38 88.61 -8.83
C VAL B 31 7.63 88.10 -7.42
N THR B 32 6.86 87.10 -7.03
CA THR B 32 7.10 86.35 -5.80
C THR B 32 7.45 84.92 -6.17
N LEU B 33 8.38 84.32 -5.42
CA LEU B 33 8.82 83.01 -5.84
C LEU B 33 7.97 81.91 -5.21
N PRO B 34 7.87 80.73 -5.84
CA PRO B 34 8.53 80.34 -7.10
C PRO B 34 8.21 81.22 -8.30
N HIS B 35 9.18 81.37 -9.21
CA HIS B 35 8.98 82.11 -10.45
C HIS B 35 9.87 81.54 -11.53
N SER B 36 9.41 81.68 -12.78
CA SER B 36 10.23 81.44 -13.95
C SER B 36 9.71 82.33 -15.08
N TRP B 37 10.63 82.76 -15.94
CA TRP B 37 10.28 83.63 -17.06
C TRP B 37 9.90 82.86 -18.31
N ASN B 38 9.77 81.54 -18.23
CA ASN B 38 9.40 80.70 -19.37
C ASN B 38 8.00 80.11 -19.23
N GLU B 39 7.20 80.59 -18.27
CA GLU B 39 5.91 79.98 -17.99
C GLU B 39 4.99 80.03 -19.20
N ILE B 40 5.15 81.01 -20.08
CA ILE B 40 4.35 81.15 -21.29
C ILE B 40 5.13 80.78 -22.53
N ASP B 41 6.29 81.41 -22.74
CA ASP B 41 7.02 81.22 -23.99
C ASP B 41 7.60 79.83 -24.13
N GLY B 42 7.72 79.08 -23.03
CA GLY B 42 8.29 77.75 -23.07
C GLY B 42 7.25 76.64 -23.03
N GLN B 43 6.02 76.93 -23.46
CA GLN B 43 4.99 75.92 -23.54
C GLN B 43 4.14 76.06 -24.80
N ASP B 44 4.51 76.94 -25.73
CA ASP B 44 3.69 77.25 -26.89
C ASP B 44 4.30 76.77 -28.20
N GLY B 45 5.53 76.29 -28.20
CA GLY B 45 6.19 75.81 -29.39
C GLY B 45 7.27 76.76 -29.87
N GLY B 46 7.77 76.47 -31.08
CA GLY B 46 8.81 77.24 -31.71
C GLY B 46 10.18 77.10 -31.10
N ASN B 47 10.31 76.46 -29.94
CA ASN B 47 11.58 76.41 -29.22
C ASN B 47 12.14 77.81 -29.02
N ASP B 48 11.26 78.80 -28.95
CA ASP B 48 11.65 80.20 -28.89
C ASP B 48 11.62 80.76 -27.47
N TYR B 49 11.45 79.93 -26.45
CA TYR B 49 11.45 80.44 -25.09
C TYR B 49 12.77 81.16 -24.82
N TYR B 50 12.68 82.32 -24.19
CA TYR B 50 13.84 83.19 -24.03
C TYR B 50 14.86 82.53 -23.12
N ARG B 51 16.06 82.31 -23.64
CA ARG B 51 17.20 81.82 -22.87
C ARG B 51 18.27 82.91 -22.86
N GLY B 52 18.73 83.25 -21.67
CA GLY B 52 19.69 84.32 -21.51
C GLY B 52 19.92 84.63 -20.05
N THR B 53 20.43 85.82 -19.78
CA THR B 53 20.70 86.26 -18.42
C THR B 53 19.62 87.22 -17.96
N CYS B 54 18.96 86.88 -16.87
CA CYS B 54 17.96 87.74 -16.24
C CYS B 54 18.37 87.98 -14.81
N TYR B 55 17.83 89.04 -14.22
CA TYR B 55 18.27 89.53 -12.92
C TYR B 55 17.09 89.62 -11.95
N TYR B 56 17.35 89.20 -10.71
CA TYR B 56 16.42 89.35 -9.60
C TYR B 56 17.05 90.29 -8.56
N ALA B 57 16.23 91.17 -7.99
CA ALA B 57 16.72 92.12 -7.00
C ALA B 57 15.73 92.22 -5.85
N LYS B 58 16.26 92.39 -4.64
CA LYS B 58 15.48 92.40 -3.41
C LYS B 58 16.39 92.90 -2.30
N GLN B 59 15.82 93.64 -1.36
CA GLN B 59 16.58 94.31 -0.31
C GLN B 59 16.39 93.58 1.01
N LEU B 60 17.50 93.29 1.69
CA LEU B 60 17.50 92.64 2.99
C LEU B 60 17.81 93.69 4.05
N LYS B 61 16.90 93.87 5.00
CA LYS B 61 17.04 94.87 6.03
C LYS B 61 17.39 94.20 7.35
N LYS B 62 18.56 94.53 7.91
CA LYS B 62 18.91 94.04 9.23
C LYS B 62 17.74 94.15 10.20
N SER B 63 16.93 95.21 10.07
CA SER B 63 15.78 95.42 10.95
C SER B 63 14.98 94.14 11.18
N GLU B 64 14.70 93.40 10.11
CA GLU B 64 13.89 92.19 10.20
C GLU B 64 14.69 90.96 10.64
N LEU B 65 15.96 90.86 10.27
CA LEU B 65 16.73 89.67 10.58
C LEU B 65 16.74 89.42 12.09
N PRO B 66 16.71 88.16 12.53
CA PRO B 66 16.83 87.88 13.96
C PRO B 66 18.29 87.87 14.40
N GLU B 67 18.47 88.10 15.70
CA GLU B 67 19.81 88.11 16.27
C GLU B 67 20.50 86.77 16.04
N ALA B 68 21.60 86.80 15.30
CA ALA B 68 22.35 85.59 14.99
C ALA B 68 23.79 85.96 14.67
N ASP B 69 24.63 84.93 14.60
CA ASP B 69 26.07 85.13 14.40
C ASP B 69 26.52 84.91 12.96
N CYS B 70 25.70 84.26 12.12
CA CYS B 70 25.96 84.16 10.68
C CYS B 70 24.63 84.05 9.95
N TYR B 71 24.62 84.48 8.69
CA TYR B 71 23.40 84.55 7.88
C TYR B 71 23.69 83.92 6.53
N TYR B 72 22.93 82.87 6.22
CA TYR B 72 23.12 82.14 4.95
C TYR B 72 21.96 82.37 4.00
N LEU B 73 22.26 82.49 2.71
CA LEU B 73 21.25 82.65 1.67
C LEU B 73 21.06 81.31 0.98
N GLU B 74 19.89 80.70 1.17
CA GLU B 74 19.59 79.40 0.59
C GLU B 74 18.86 79.57 -0.75
N LEU B 75 19.25 78.77 -1.73
CA LEU B 75 18.62 78.77 -3.06
C LEU B 75 18.27 77.32 -3.40
N ARG B 76 16.99 76.95 -3.20
CA ARG B 76 16.56 75.59 -3.46
C ARG B 76 16.46 75.27 -4.95
N GLY B 77 16.52 76.26 -5.82
CA GLY B 77 16.42 75.99 -7.24
C GLY B 77 16.63 77.22 -8.12
N ALA B 78 17.71 77.22 -8.89
CA ALA B 78 18.05 78.34 -9.78
C ALA B 78 18.46 77.74 -11.12
N ASN B 79 17.49 77.53 -12.00
CA ASN B 79 17.75 76.97 -13.33
C ASN B 79 18.23 78.08 -14.26
N ALA B 80 19.45 77.93 -14.77
CA ALA B 80 20.31 76.79 -14.47
C ALA B 80 21.61 77.29 -13.83
N SER B 81 22.25 78.26 -14.47
CA SER B 81 23.46 78.87 -13.96
C SER B 81 23.12 80.21 -13.32
N ALA B 82 23.76 80.51 -12.19
CA ALA B 82 23.42 81.71 -11.44
C ALA B 82 24.65 82.28 -10.74
N ASP B 83 24.61 83.59 -10.54
CA ASP B 83 25.71 84.30 -9.83
C ASP B 83 25.03 85.22 -8.82
N VAL B 84 25.49 85.23 -7.58
CA VAL B 84 24.88 85.98 -6.49
C VAL B 84 25.79 87.14 -6.12
N TYR B 85 25.26 88.35 -6.18
CA TYR B 85 25.94 89.56 -5.73
C TYR B 85 25.16 90.17 -4.57
N VAL B 86 25.89 90.57 -3.53
CA VAL B 86 25.30 91.26 -2.38
C VAL B 86 26.01 92.59 -2.23
N ASN B 87 25.24 93.68 -2.31
CA ASN B 87 25.79 95.03 -2.27
C ASN B 87 26.84 95.26 -3.35
N GLY B 88 26.66 94.65 -4.51
CA GLY B 88 27.55 94.85 -5.64
C GLY B 88 28.68 93.85 -5.74
N LYS B 89 29.04 93.17 -4.65
CA LYS B 89 30.15 92.23 -4.66
C LYS B 89 29.63 90.82 -4.89
N ALA B 90 30.05 90.20 -6.00
CA ALA B 90 29.76 88.80 -6.22
C ALA B 90 30.32 87.96 -5.08
N VAL B 91 29.56 86.94 -4.66
CA VAL B 91 29.98 86.14 -3.52
C VAL B 91 29.67 84.66 -3.74
N ALA B 92 28.98 84.33 -4.83
CA ALA B 92 28.68 82.93 -5.07
C ALA B 92 28.41 82.71 -6.55
N HIS B 93 28.68 81.48 -7.00
CA HIS B 93 28.31 81.03 -8.34
C HIS B 93 27.83 79.59 -8.24
N HIS B 94 27.00 79.19 -9.19
CA HIS B 94 26.49 77.82 -9.18
C HIS B 94 26.01 77.45 -10.57
N ASP B 95 26.20 76.17 -10.91
CA ASP B 95 25.65 75.57 -12.12
C ASP B 95 24.87 74.33 -11.70
N GLY B 96 23.57 74.33 -12.01
CA GLY B 96 22.68 73.28 -11.57
C GLY B 96 21.34 73.84 -11.16
N GLY B 97 20.42 73.94 -12.11
CA GLY B 97 19.09 74.42 -11.85
C GLY B 97 18.17 73.53 -11.04
N TYR B 98 18.70 72.45 -10.44
CA TYR B 98 17.88 71.47 -9.73
C TYR B 98 18.46 71.12 -8.36
N SER B 99 19.44 71.86 -7.88
CA SER B 99 20.13 71.55 -6.64
C SER B 99 20.00 72.71 -5.66
N THR B 100 20.07 72.38 -4.37
CA THR B 100 20.12 73.38 -3.33
C THR B 100 21.57 73.84 -3.14
N TRP B 101 21.77 75.15 -3.15
CA TRP B 101 23.07 75.74 -2.84
C TRP B 101 22.89 76.91 -1.89
N ARG B 102 23.90 77.14 -1.06
CA ARG B 102 23.88 78.18 -0.05
C ARG B 102 25.15 79.02 -0.13
N VAL B 103 25.17 80.10 0.65
CA VAL B 103 26.28 81.03 0.68
C VAL B 103 26.22 81.87 1.94
N ASP B 104 27.35 82.02 2.63
CA ASP B 104 27.40 82.81 3.84
C ASP B 104 27.55 84.28 3.48
N ILE B 105 26.56 85.10 3.85
CA ILE B 105 26.56 86.53 3.56
C ILE B 105 26.62 87.36 4.84
N THR B 106 27.00 86.74 5.96
CA THR B 106 27.14 87.48 7.21
C THR B 106 28.03 88.69 7.05
N LYS B 107 29.14 88.54 6.32
CA LYS B 107 30.14 89.59 6.20
C LYS B 107 29.76 90.69 5.21
N GLU B 108 28.72 90.49 4.40
CA GLU B 108 28.40 91.41 3.32
C GLU B 108 27.22 92.31 3.66
N LEU B 109 26.60 92.12 4.83
CA LEU B 109 25.48 92.95 5.26
C LEU B 109 26.04 94.18 5.98
N THR B 110 26.69 95.02 5.18
CA THR B 110 27.44 96.16 5.74
C THR B 110 26.51 97.24 6.27
N GLU B 111 25.43 97.54 5.56
CA GLU B 111 24.51 98.59 5.96
C GLU B 111 23.11 98.01 6.18
N GLU B 112 22.19 98.86 6.64
CA GLU B 112 20.85 98.43 7.02
C GLU B 112 20.15 97.70 5.88
N GLU B 113 19.98 98.35 4.73
CA GLU B 113 19.23 97.77 3.62
C GLU B 113 20.22 97.37 2.52
N ASN B 114 20.48 96.07 2.43
CA ASN B 114 21.46 95.51 1.52
C ASN B 114 20.76 94.99 0.26
N LEU B 115 21.34 95.29 -0.89
CA LEU B 115 20.73 94.94 -2.19
C LEU B 115 21.29 93.60 -2.65
N ILE B 116 20.49 92.56 -2.52
CA ILE B 116 20.82 91.24 -3.04
C ILE B 116 20.35 91.16 -4.49
N VAL B 117 21.29 90.94 -5.40
CA VAL B 117 21.00 90.77 -6.82
C VAL B 117 21.48 89.39 -7.23
N ILE B 118 20.59 88.61 -7.87
CA ILE B 118 20.93 87.29 -8.39
C ILE B 118 20.76 87.33 -9.90
N ALA B 119 21.76 86.85 -10.63
CA ALA B 119 21.69 86.70 -12.08
C ALA B 119 21.49 85.21 -12.40
N VAL B 120 20.53 84.93 -13.27
CA VAL B 120 20.19 83.55 -13.63
C VAL B 120 20.23 83.44 -15.15
N GLU B 121 20.77 82.33 -15.64
CA GLU B 121 20.91 82.10 -17.07
C GLU B 121 20.55 80.66 -17.39
N ASN B 122 19.94 80.46 -18.55
CA ASN B 122 19.48 79.15 -18.99
C ASN B 122 19.83 78.92 -20.45
N GLY B 123 21.00 79.41 -20.87
CA GLY B 123 21.38 79.39 -22.27
C GLY B 123 22.24 78.19 -22.64
N VAL B 124 22.68 78.19 -23.89
CA VAL B 124 23.45 77.09 -24.45
C VAL B 124 24.92 77.20 -24.03
N ASN B 125 25.56 76.05 -23.86
CA ASN B 125 27.00 75.97 -23.61
C ASN B 125 27.37 74.50 -23.60
N ASP B 126 28.65 74.23 -23.31
CA ASP B 126 29.16 72.86 -23.29
C ASP B 126 29.64 72.45 -21.90
N ARG B 127 29.16 73.13 -20.85
CA ARG B 127 29.64 72.87 -19.51
C ARG B 127 28.54 72.45 -18.52
N VAL B 128 27.30 72.88 -18.72
CA VAL B 128 26.23 72.64 -17.75
C VAL B 128 25.07 71.92 -18.43
N TYR B 129 24.70 70.77 -17.89
CA TYR B 129 23.59 69.97 -18.37
C TYR B 129 22.27 70.44 -17.73
N PRO B 130 21.14 70.20 -18.41
CA PRO B 130 21.04 69.55 -19.72
C PRO B 130 21.17 70.54 -20.88
N GLN B 131 21.41 70.04 -22.08
CA GLN B 131 21.57 70.91 -23.24
C GLN B 131 20.78 70.41 -24.43
N ASN B 132 20.53 69.09 -24.50
CA ASN B 132 19.83 68.50 -25.63
C ASN B 132 18.77 67.50 -25.15
N ALA B 133 17.87 67.96 -24.29
CA ALA B 133 16.79 67.13 -23.77
C ALA B 133 15.45 67.58 -24.34
N ASP B 134 14.49 66.66 -24.34
CA ASP B 134 13.13 66.93 -24.80
C ASP B 134 12.27 67.42 -23.63
N PHE B 135 12.71 68.55 -23.05
CA PHE B 135 11.92 69.24 -22.05
C PHE B 135 12.48 70.65 -21.91
N THR B 136 11.59 71.61 -21.69
CA THR B 136 11.98 73.00 -21.60
C THR B 136 12.84 73.24 -20.37
N PHE B 137 13.86 74.09 -20.52
CA PHE B 137 14.72 74.47 -19.41
C PHE B 137 14.24 75.81 -18.83
N TYR B 138 13.05 75.75 -18.22
CA TYR B 138 12.48 76.92 -17.55
C TYR B 138 13.53 77.63 -16.71
N GLY B 139 13.94 78.83 -17.11
CA GLY B 139 14.91 79.58 -16.32
C GLY B 139 14.27 80.30 -15.16
N GLY B 140 15.08 80.56 -14.14
CA GLY B 140 14.68 81.45 -13.06
C GLY B 140 14.79 80.79 -11.71
N LEU B 141 14.44 81.57 -10.68
CA LEU B 141 14.35 81.09 -9.30
C LEU B 141 12.97 80.48 -9.12
N TYR B 142 12.82 79.25 -9.58
CA TYR B 142 11.54 78.55 -9.57
C TYR B 142 11.29 77.76 -8.29
N ARG B 143 12.22 77.78 -7.35
CA ARG B 143 12.02 77.19 -6.03
C ARG B 143 12.30 78.24 -4.96
N ASP B 144 11.95 77.90 -3.72
CA ASP B 144 12.08 78.85 -2.62
C ASP B 144 13.50 79.40 -2.54
N VAL B 145 13.60 80.63 -2.04
CA VAL B 145 14.88 81.22 -1.66
C VAL B 145 14.75 81.63 -0.20
N ASN B 146 15.61 81.09 0.65
CA ASN B 146 15.50 81.27 2.09
C ASN B 146 16.74 81.94 2.65
N ILE B 147 16.56 82.58 3.81
CA ILE B 147 17.65 83.08 4.64
C ILE B 147 17.65 82.27 5.92
N ILE B 148 18.80 81.68 6.27
CA ILE B 148 18.93 80.85 7.46
C ILE B 148 19.82 81.57 8.45
N ALA B 149 19.34 81.72 9.68
CA ALA B 149 20.08 82.33 10.77
C ALA B 149 20.69 81.24 11.63
N VAL B 150 22.02 81.26 11.75
CA VAL B 150 22.76 80.19 12.41
C VAL B 150 23.50 80.77 13.61
N ASN B 151 23.91 79.87 14.50
CA ASN B 151 24.86 80.23 15.54
C ASN B 151 26.29 80.17 14.98
N LYS B 152 27.20 80.84 15.67
CA LYS B 152 28.61 80.82 15.33
C LYS B 152 29.04 79.42 14.90
N SER B 153 28.90 78.45 15.79
CA SER B 153 29.21 77.07 15.45
C SER B 153 27.91 76.33 15.27
N HIS B 154 27.74 75.75 14.08
CA HIS B 154 26.48 75.17 13.64
C HIS B 154 26.75 73.92 12.82
N PHE B 155 25.69 73.17 12.56
CA PHE B 155 25.79 72.03 11.68
C PHE B 155 26.06 72.50 10.25
N ASP B 156 27.00 71.81 9.59
CA ASP B 156 27.48 72.24 8.28
C ASP B 156 26.34 72.56 7.34
N LEU B 157 26.49 73.67 6.61
CA LEU B 157 25.52 74.07 5.59
C LEU B 157 26.19 74.37 4.25
N ASP B 158 27.49 74.10 4.12
CA ASP B 158 28.22 74.37 2.85
C ASP B 158 28.58 73.07 2.15
N TYR B 159 28.39 71.94 2.83
CA TYR B 159 28.70 70.62 2.28
C TYR B 159 27.69 70.32 1.15
N TYR B 160 27.93 70.93 -0.01
CA TYR B 160 27.11 70.72 -1.20
C TYR B 160 25.62 70.89 -0.90
N GLY B 161 25.31 71.78 0.05
CA GLY B 161 23.95 72.11 0.42
C GLY B 161 23.18 71.04 1.18
N GLY B 162 23.85 70.02 1.70
CA GLY B 162 23.17 68.95 2.38
C GLY B 162 22.53 69.42 3.68
N PRO B 163 21.89 68.47 4.37
CA PRO B 163 21.24 68.81 5.65
C PRO B 163 22.18 68.86 6.85
N ILE B 165 23.17 66.19 8.36
CA ILE B 165 22.77 65.02 9.15
C ILE B 165 22.60 63.85 8.19
N LYS B 166 23.02 62.66 8.62
CA LYS B 166 23.06 61.50 7.75
C LYS B 166 22.70 60.27 8.55
N VAL B 167 21.60 59.61 8.17
CA VAL B 167 21.09 58.44 8.87
C VAL B 167 21.21 57.23 7.96
N THR B 168 21.97 56.22 8.39
CA THR B 168 22.15 54.97 7.65
C THR B 168 21.85 53.80 8.57
N PRO B 169 20.62 53.29 8.55
CA PRO B 169 20.26 52.17 9.42
C PRO B 169 20.83 50.84 8.96
N ILE B 171 19.85 47.10 10.74
CA ILE B 171 19.30 46.11 9.76
C ILE B 171 19.65 44.70 10.22
N LYS B 172 19.38 44.35 11.48
CA LYS B 172 19.83 43.03 12.00
C LYS B 172 18.70 42.32 12.74
N GLY B 173 18.02 41.40 12.07
CA GLY B 173 16.91 40.69 12.67
C GLY B 173 15.70 41.53 13.04
N ALA B 174 15.16 41.31 14.24
CA ALA B 174 13.94 42.00 14.66
C ALA B 174 14.15 43.49 14.93
N ASP B 175 15.38 43.99 14.84
CA ASP B 175 15.65 45.40 15.13
C ASP B 175 16.92 45.84 14.40
N ALA B 176 17.14 47.15 14.37
CA ALA B 176 18.14 47.75 13.50
C ALA B 176 19.08 48.67 14.25
N SER B 177 20.35 48.62 13.90
CA SER B 177 21.31 49.62 14.31
C SER B 177 21.40 50.67 13.21
N VAL B 178 21.43 51.93 13.60
CA VAL B 178 21.40 53.04 12.66
C VAL B 178 22.58 53.97 12.94
N GLU B 179 23.54 53.96 12.04
CA GLU B 179 24.64 54.91 12.07
C GLU B 179 24.17 56.25 11.52
N VAL B 180 24.32 57.31 12.30
CA VAL B 180 23.87 58.64 11.92
C VAL B 180 25.06 59.59 12.04
N GLU B 181 25.73 59.81 10.92
CA GLU B 181 26.87 60.71 10.83
C GLU B 181 26.39 62.14 10.61
N VAL B 182 26.98 63.09 11.35
CA VAL B 182 26.66 64.49 11.17
C VAL B 182 27.93 65.24 10.75
N PHE B 183 27.72 66.37 10.09
CA PHE B 183 28.79 67.28 9.70
C PHE B 183 28.72 68.53 10.55
N LEU B 184 29.89 69.10 10.86
CA LEU B 184 29.97 70.29 11.68
C LEU B 184 30.99 71.24 11.06
N THR B 185 30.82 72.53 11.36
CA THR B 185 31.71 73.58 10.85
C THR B 185 32.01 74.55 11.98
N ASN B 186 33.30 74.79 12.22
CA ASN B 186 33.76 75.67 13.30
C ASN B 186 33.12 75.23 14.62
N ALA B 187 33.11 73.93 14.85
CA ALA B 187 32.36 73.37 15.98
C ALA B 187 33.03 73.70 17.30
N ALA B 188 32.20 73.89 18.32
CA ALA B 188 32.64 74.20 19.68
C ALA B 188 33.90 73.44 20.06
N ALA B 189 33.89 72.12 19.88
CA ALA B 189 34.97 71.21 20.22
C ALA B 189 34.98 70.88 21.71
N ASP B 190 34.00 71.37 22.48
CA ASP B 190 33.97 71.17 23.92
C ASP B 190 32.57 70.81 24.41
N LEU B 193 26.44 67.49 21.54
CA LEU B 193 26.02 66.71 20.38
C LEU B 193 25.15 65.53 20.81
N VAL B 194 23.87 65.81 21.05
CA VAL B 194 22.94 64.79 21.53
C VAL B 194 22.20 64.21 20.33
N TYR B 195 22.29 62.89 20.16
CA TYR B 195 21.61 62.16 19.09
C TYR B 195 20.30 61.57 19.61
N THR B 196 19.20 61.86 18.93
CA THR B 196 17.88 61.36 19.31
C THR B 196 17.22 60.72 18.10
N VAL B 197 16.43 59.66 18.34
CA VAL B 197 15.61 59.05 17.25
C VAL B 197 14.20 58.86 17.84
N LYS B 198 13.15 59.45 17.25
CA LYS B 198 11.82 59.43 17.93
C LYS B 198 10.74 58.64 17.19
N ASP B 199 11.03 58.00 16.06
CA ASP B 199 10.00 57.13 15.41
C ASP B 199 8.80 57.96 14.93
N ALA B 200 7.65 57.32 14.72
CA ALA B 200 6.48 58.02 14.14
C ALA B 200 5.76 58.88 15.17
N GLU B 201 5.08 58.25 16.11
CA GLU B 201 4.31 59.01 17.13
C GLU B 201 5.26 59.95 17.86
N GLY B 202 6.56 59.83 17.59
CA GLY B 202 7.52 60.72 18.23
C GLY B 202 7.89 60.37 19.65
N LYS B 203 8.03 59.06 19.97
CA LYS B 203 8.55 58.54 21.24
C LYS B 203 10.08 58.48 21.21
N GLU B 204 10.70 58.97 22.29
CA GLU B 204 12.14 59.20 22.31
C GLU B 204 12.95 58.00 21.81
N VAL B 205 12.41 56.78 21.93
CA VAL B 205 13.06 55.58 21.44
C VAL B 205 14.49 55.53 21.96
N ALA B 206 15.39 56.29 21.34
CA ALA B 206 16.78 56.35 21.77
C ALA B 206 17.12 57.72 22.35
N GLU B 209 24.43 61.33 24.41
CA GLU B 209 24.98 62.69 24.63
C GLU B 209 26.48 62.68 24.41
N THR B 210 26.92 62.53 23.15
CA THR B 210 28.37 62.53 22.83
C THR B 210 28.95 63.92 23.11
N ALA B 211 30.22 64.14 22.77
CA ALA B 211 30.88 65.43 23.07
C ALA B 211 30.80 66.37 21.87
N ALA B 212 31.71 66.19 20.90
CA ALA B 212 31.74 67.09 19.75
C ALA B 212 32.49 66.45 18.60
N GLY B 213 33.74 66.05 18.83
CA GLY B 213 34.48 65.34 17.80
C GLY B 213 33.81 64.05 17.36
N GLU B 214 32.88 63.53 18.18
CA GLU B 214 32.17 62.29 17.85
C GLU B 214 31.03 62.64 16.91
N THR B 215 31.38 62.76 15.62
CA THR B 215 30.39 63.10 14.60
C THR B 215 29.75 61.84 14.07
N LYS B 216 29.67 60.81 14.91
CA LYS B 216 29.03 59.53 14.50
C LYS B 216 28.35 58.92 15.72
N VAL B 218 26.13 54.42 16.29
CA VAL B 218 24.86 53.64 16.19
C VAL B 218 24.05 53.89 17.46
N LEU B 219 22.73 53.88 17.34
CA LEU B 219 21.86 54.17 18.51
C LEU B 219 21.11 52.91 18.95
N SER B 220 19.78 53.00 19.09
CA SER B 220 19.00 51.85 19.62
C SER B 220 18.05 51.30 18.55
N ILE B 221 16.91 50.72 18.97
CA ILE B 221 15.89 50.21 18.01
C ILE B 221 14.78 49.42 18.74
N PRO B 222 13.50 49.75 18.53
CA PRO B 222 12.38 49.04 19.15
C PRO B 222 11.55 48.25 18.13
N ALA B 223 11.65 46.92 18.16
CA ALA B 223 10.92 46.09 17.19
C ALA B 223 10.70 46.88 15.90
N VAL B 224 11.82 47.24 15.27
CA VAL B 224 11.88 48.20 14.18
C VAL B 224 10.71 48.05 13.21
N HIS B 225 9.74 48.96 13.30
CA HIS B 225 8.72 49.07 12.27
C HIS B 225 9.38 49.44 10.96
N LEU B 226 9.46 48.50 10.03
CA LEU B 226 10.23 48.68 8.81
C LEU B 226 9.48 49.52 7.79
N TRP B 227 10.23 50.24 6.96
CA TRP B 227 9.66 50.95 5.82
C TRP B 227 9.34 49.93 4.75
N ASN B 228 8.08 49.54 4.66
CA ASN B 228 7.67 48.48 3.74
C ASN B 228 6.77 49.04 2.63
N GLY B 229 7.21 50.10 1.97
CA GLY B 229 6.50 50.58 0.80
C GLY B 229 5.09 51.04 1.12
N LYS B 230 4.19 50.84 0.16
CA LYS B 230 2.79 51.19 0.34
C LYS B 230 2.11 50.35 1.42
N LYS B 231 2.63 49.14 1.68
CA LYS B 231 2.05 48.30 2.72
C LYS B 231 2.09 49.00 4.07
N ASP B 232 3.26 49.49 4.46
CA ASP B 232 3.43 50.27 5.67
C ASP B 232 4.65 51.18 5.54
N PRO B 233 4.48 52.41 5.06
CA PRO B 233 5.61 53.33 4.89
C PRO B 233 6.02 54.01 6.19
N TYR B 234 6.42 53.21 7.17
CA TYR B 234 6.80 53.73 8.46
C TYR B 234 8.02 54.64 8.30
N LEU B 235 8.00 55.77 9.01
CA LEU B 235 9.06 56.76 8.89
C LEU B 235 9.59 57.14 10.26
N TYR B 236 10.89 56.94 10.45
CA TYR B 236 11.62 57.32 11.64
C TYR B 236 12.16 58.75 11.47
N THR B 237 12.28 59.48 12.59
CA THR B 237 12.86 60.82 12.56
C THR B 237 13.99 60.93 13.58
N ALA B 238 15.18 61.29 13.11
CA ALA B 238 16.35 61.50 13.93
C ALA B 238 16.67 62.99 14.02
N GLU B 239 17.27 63.40 15.14
CA GLU B 239 17.50 64.82 15.39
C GLU B 239 18.74 64.99 16.25
N VAL B 240 19.78 65.59 15.68
CA VAL B 240 21.02 65.90 16.40
C VAL B 240 20.93 67.32 16.94
N ALA B 241 21.50 67.53 18.13
CA ALA B 241 21.53 68.86 18.74
C ALA B 241 22.97 69.31 19.01
N GLY B 245 27.52 74.34 23.46
CA GLY B 245 27.71 74.42 24.90
C GLY B 245 26.59 73.76 25.68
N GLU B 246 26.55 74.04 26.99
CA GLU B 246 25.51 73.50 27.86
C GLU B 246 24.11 74.01 27.52
N GLU B 247 23.98 74.90 26.53
CA GLU B 247 22.70 75.33 25.99
C GLU B 247 22.63 74.94 24.52
N ALA B 248 21.47 74.45 24.09
CA ALA B 248 21.30 73.95 22.73
C ALA B 248 21.68 75.01 21.71
N VAL B 249 22.86 74.87 21.12
CA VAL B 249 23.33 75.88 20.17
C VAL B 249 22.47 75.86 18.90
N ASP B 250 22.04 74.67 18.48
CA ASP B 250 21.57 74.45 17.12
C ASP B 250 20.97 73.06 17.07
N ALA B 251 20.13 72.81 16.07
CA ALA B 251 19.52 71.51 15.91
C ALA B 251 19.40 71.18 14.44
N VAL B 252 19.34 69.88 14.14
CA VAL B 252 19.13 69.37 12.79
C VAL B 252 18.22 68.15 12.92
N SER B 253 17.49 67.86 11.83
CA SER B 253 16.52 66.79 11.87
C SER B 253 16.36 66.17 10.49
N THR B 254 15.97 64.90 10.47
CA THR B 254 15.56 64.22 9.25
C THR B 254 14.62 63.09 9.64
N ARG B 255 13.73 62.76 8.72
CA ARG B 255 13.03 61.49 8.77
C ARG B 255 13.84 60.46 7.98
N PHE B 256 13.71 59.20 8.37
CA PHE B 256 14.42 58.13 7.69
C PHE B 256 13.58 56.87 7.75
N GLY B 257 13.92 55.92 6.89
CA GLY B 257 13.24 54.65 6.86
C GLY B 257 14.25 53.51 6.91
N CYS B 258 13.89 52.47 7.65
CA CYS B 258 14.69 51.26 7.72
C CYS B 258 14.08 50.20 6.83
N ARG B 259 14.83 49.78 5.81
CA ARG B 259 14.37 48.78 4.87
C ARG B 259 15.57 48.33 4.06
N THR B 260 15.44 47.17 3.42
CA THR B 260 16.46 46.67 2.52
C THR B 260 15.78 46.06 1.30
N PHE B 261 16.53 45.99 0.20
CA PHE B 261 15.96 45.62 -1.08
C PHE B 261 17.01 44.94 -1.94
N GLU B 262 16.56 44.38 -3.06
CA GLU B 262 17.44 43.78 -4.05
C GLU B 262 16.81 43.95 -5.42
N ILE B 263 17.64 43.92 -6.46
CA ILE B 263 17.15 43.90 -7.83
C ILE B 263 17.58 42.59 -8.47
N ASP B 264 16.87 41.52 -8.16
CA ASP B 264 17.20 40.21 -8.71
C ASP B 264 16.97 40.20 -10.22
N PRO B 265 17.91 39.69 -11.02
CA PRO B 265 17.67 39.60 -12.47
C PRO B 265 16.60 38.59 -12.85
N GLU B 266 16.06 37.83 -11.90
CA GLU B 266 15.08 36.79 -12.18
C GLU B 266 13.72 37.06 -11.53
N ARG B 267 13.70 37.44 -10.25
CA ARG B 267 12.47 37.72 -9.52
C ARG B 267 12.12 39.21 -9.47
N GLY B 268 12.95 40.08 -10.05
CA GLY B 268 12.67 41.49 -10.04
C GLY B 268 12.97 42.15 -8.69
N PHE B 269 12.23 43.21 -8.40
CA PHE B 269 12.48 43.97 -7.19
C PHE B 269 12.01 43.21 -5.95
N ILE B 270 12.87 43.15 -4.95
CA ILE B 270 12.55 42.57 -3.65
C ILE B 270 12.67 43.66 -2.61
N LEU B 271 11.66 43.80 -1.76
CA LEU B 271 11.69 44.80 -0.68
C LEU B 271 11.49 44.09 0.65
N ASN B 272 12.48 44.22 1.54
CA ASN B 272 12.40 43.63 2.87
C ASN B 272 12.12 42.13 2.80
N GLY B 273 12.80 41.42 1.90
CA GLY B 273 12.66 39.99 1.83
C GLY B 273 11.61 39.55 0.84
N GLU B 274 10.49 40.27 0.81
CA GLU B 274 9.38 39.92 -0.05
C GLU B 274 9.58 40.51 -1.44
N GLU B 275 9.05 39.81 -2.44
CA GLU B 275 8.93 40.40 -3.76
C GLU B 275 7.96 41.58 -3.69
N TYR B 276 8.29 42.64 -4.44
CA TYR B 276 7.52 43.88 -4.42
C TYR B 276 7.64 44.54 -5.79
N PRO B 277 6.92 44.01 -6.78
CA PRO B 277 7.10 44.49 -8.16
C PRO B 277 7.00 46.00 -8.24
N LEU B 278 7.90 46.60 -9.04
CA LEU B 278 7.93 48.03 -9.24
C LEU B 278 7.27 48.33 -10.58
N ARG B 279 6.01 48.75 -10.55
CA ARG B 279 5.26 49.15 -11.73
C ARG B 279 4.75 50.57 -11.49
N GLY B 280 5.20 51.51 -12.31
CA GLY B 280 4.93 52.90 -12.07
C GLY B 280 5.04 53.82 -13.27
N VAL B 281 5.48 55.06 -13.01
CA VAL B 281 5.33 56.18 -13.92
C VAL B 281 6.50 57.13 -13.76
N SER B 282 6.69 58.00 -14.75
CA SER B 282 7.61 59.12 -14.68
C SER B 282 6.83 60.41 -14.44
N ARG B 283 7.54 61.42 -13.91
CA ARG B 283 6.92 62.70 -13.61
C ARG B 283 7.92 63.81 -13.84
N HIS B 284 7.58 64.74 -14.74
CA HIS B 284 8.31 65.99 -14.86
C HIS B 284 7.80 66.98 -13.81
N GLN B 285 8.62 68.00 -13.52
CA GLN B 285 8.37 68.91 -12.41
C GLN B 285 7.74 70.23 -12.86
N ASP B 286 6.79 70.18 -13.80
CA ASP B 286 6.14 71.39 -14.31
C ASP B 286 4.64 71.19 -14.35
N ARG B 287 3.93 72.29 -14.63
CA ARG B 287 2.49 72.25 -14.82
C ARG B 287 2.09 73.39 -15.73
N TRP B 288 0.98 73.19 -16.45
CA TRP B 288 0.56 74.15 -17.46
C TRP B 288 0.33 75.52 -16.85
N GLY B 289 0.90 76.55 -17.48
CA GLY B 289 0.65 77.93 -17.12
C GLY B 289 1.62 78.52 -16.12
N ILE B 290 2.31 77.70 -15.34
CA ILE B 290 3.24 78.19 -14.32
C ILE B 290 4.64 77.62 -14.51
N GLY B 291 4.93 77.10 -15.70
CA GLY B 291 6.23 76.50 -15.95
C GLY B 291 6.58 75.48 -14.88
N ASN B 292 7.73 75.66 -14.23
CA ASN B 292 8.18 74.77 -13.16
C ASN B 292 8.15 75.46 -11.79
N ALA B 293 7.37 76.53 -11.65
CA ALA B 293 7.26 77.27 -10.39
C ALA B 293 6.06 76.75 -9.59
N LEU B 294 6.18 75.50 -9.14
CA LEU B 294 5.11 74.79 -8.48
C LEU B 294 5.11 75.02 -6.97
N LEU B 295 3.92 75.16 -6.40
CA LEU B 295 3.70 75.33 -4.97
C LEU B 295 3.51 73.97 -4.32
N PRO B 296 3.47 73.92 -2.99
CA PRO B 296 3.25 72.63 -2.32
C PRO B 296 2.00 71.89 -2.80
N GLU B 297 0.88 72.60 -2.97
CA GLU B 297 -0.33 71.92 -3.41
C GLU B 297 -0.20 71.33 -4.80
N HIS B 298 0.75 71.81 -5.61
CA HIS B 298 0.99 71.19 -6.90
C HIS B 298 1.67 69.83 -6.73
N HIS B 299 2.68 69.76 -5.86
CA HIS B 299 3.33 68.48 -5.58
C HIS B 299 2.34 67.48 -5.00
N ARG B 300 1.56 67.90 -4.01
CA ARG B 300 0.60 66.99 -3.39
C ARG B 300 -0.43 66.48 -4.41
N GLU B 301 -0.83 67.31 -5.37
CA GLU B 301 -1.81 66.89 -6.34
C GLU B 301 -1.23 65.88 -7.33
N ASP B 302 0.03 66.08 -7.73
CA ASP B 302 0.67 65.12 -8.63
C ASP B 302 0.78 63.75 -7.98
N ILE B 303 1.24 63.71 -6.73
CA ILE B 303 1.37 62.43 -6.04
C ILE B 303 0.01 61.81 -5.77
N ASP B 304 -1.01 62.63 -5.51
CA ASP B 304 -2.35 62.10 -5.30
C ASP B 304 -2.86 61.41 -6.57
N LEU B 305 -2.65 62.02 -7.73
CA LEU B 305 -3.06 61.40 -8.98
C LEU B 305 -2.32 60.09 -9.23
N ILE B 306 -1.10 59.97 -8.72
CA ILE B 306 -0.27 58.81 -9.03
C ILE B 306 -0.57 57.62 -8.12
N CYS B 307 -0.85 57.86 -6.83
CA CYS B 307 -1.30 56.77 -5.96
C CYS B 307 -2.68 56.28 -6.39
N GLU B 308 -3.55 57.20 -6.82
CA GLU B 308 -4.87 56.83 -7.31
C GLU B 308 -4.76 55.85 -8.47
N LEU B 309 -3.76 56.05 -9.34
CA LEU B 309 -3.48 55.05 -10.36
C LEU B 309 -2.93 53.76 -9.77
N GLY B 310 -2.31 53.82 -8.59
CA GLY B 310 -1.79 52.64 -7.92
C GLY B 310 -0.32 52.35 -8.16
N ALA B 311 0.43 53.32 -8.65
CA ALA B 311 1.84 53.08 -9.00
C ALA B 311 2.67 52.73 -7.76
N THR B 312 3.74 51.96 -7.94
CA THR B 312 4.64 51.59 -6.82
C THR B 312 5.98 52.31 -7.01
N THR B 313 6.32 52.61 -8.27
CA THR B 313 7.61 53.31 -8.56
C THR B 313 7.36 54.60 -9.34
N ILE B 314 8.16 55.63 -9.07
CA ILE B 314 8.07 56.88 -9.86
C ILE B 314 9.48 57.23 -10.34
N ARG B 315 9.73 57.13 -11.64
CA ARG B 315 11.04 57.55 -12.21
C ARG B 315 11.04 59.08 -12.28
N LEU B 316 11.68 59.73 -11.32
CA LEU B 316 11.70 61.19 -11.28
C LEU B 316 12.85 61.69 -12.17
N ALA B 317 12.60 61.64 -13.47
CA ALA B 317 13.51 62.19 -14.45
C ALA B 317 13.21 63.68 -14.66
N HIS B 318 14.14 64.39 -15.32
CA HIS B 318 15.45 63.90 -15.69
C HIS B 318 16.50 64.58 -14.81
N TYR B 319 16.15 64.81 -13.55
CA TYR B 319 16.91 65.76 -12.73
C TYR B 319 16.44 65.60 -11.28
N GLN B 320 17.20 66.20 -10.37
CA GLN B 320 16.80 66.23 -8.97
C GLN B 320 15.51 67.02 -8.82
N HIS B 321 14.53 66.42 -8.14
CA HIS B 321 13.24 67.07 -7.95
C HIS B 321 13.25 67.85 -6.63
N ASP B 322 12.08 68.16 -6.10
CA ASP B 322 11.99 69.00 -4.91
C ASP B 322 12.03 68.14 -3.64
N GLN B 323 12.62 68.71 -2.59
CA GLN B 323 12.63 68.03 -1.30
C GLN B 323 11.22 67.72 -0.84
N TYR B 324 10.28 68.64 -1.07
CA TYR B 324 8.91 68.41 -0.64
C TYR B 324 8.27 67.23 -1.38
N PHE B 325 8.63 67.03 -2.65
CA PHE B 325 8.07 65.88 -3.36
C PHE B 325 8.73 64.58 -2.93
N TYR B 326 10.06 64.57 -2.81
CA TYR B 326 10.73 63.39 -2.28
C TYR B 326 10.15 62.99 -0.93
N ASP B 327 9.91 63.97 -0.07
CA ASP B 327 9.27 63.71 1.21
C ASP B 327 7.94 62.98 1.02
N LEU B 328 7.10 63.50 0.12
CA LEU B 328 5.78 62.91 -0.09
C LEU B 328 5.90 61.43 -0.45
N CYS B 329 6.92 61.07 -1.23
CA CYS B 329 7.14 59.66 -1.55
C CYS B 329 7.50 58.86 -0.31
N ASP B 330 8.37 59.40 0.53
CA ASP B 330 8.68 58.76 1.81
C ASP B 330 7.40 58.51 2.61
N GLU B 331 6.52 59.51 2.66
CA GLU B 331 5.31 59.40 3.46
C GLU B 331 4.33 58.40 2.86
N ARG B 332 4.37 58.19 1.54
CA ARG B 332 3.40 57.33 0.87
C ARG B 332 3.96 55.97 0.47
N GLY B 333 5.27 55.77 0.54
CA GLY B 333 5.83 54.46 0.26
C GLY B 333 6.09 54.16 -1.20
N LEU B 334 6.38 55.17 -2.01
CA LEU B 334 6.76 54.95 -3.40
C LEU B 334 8.27 54.77 -3.49
N VAL B 335 8.69 53.80 -4.32
CA VAL B 335 10.09 53.49 -4.49
C VAL B 335 10.61 54.30 -5.68
N ILE B 336 11.66 55.08 -5.46
CA ILE B 336 12.00 56.20 -6.33
C ILE B 336 13.36 55.96 -7.00
N TRP B 337 13.41 56.21 -8.30
CA TRP B 337 14.67 56.26 -9.07
C TRP B 337 14.95 57.73 -9.34
N ALA B 338 15.81 58.33 -8.53
CA ALA B 338 16.27 59.69 -8.75
C ALA B 338 17.53 59.68 -9.60
N GLU B 339 17.70 60.72 -10.41
CA GLU B 339 18.83 60.80 -11.31
C GLU B 339 19.23 62.27 -11.48
N ILE B 340 20.28 62.48 -12.29
CA ILE B 340 20.82 63.80 -12.58
C ILE B 340 20.58 64.13 -14.04
N PRO B 341 20.73 65.40 -14.45
CA PRO B 341 20.35 65.78 -15.82
C PRO B 341 21.38 65.43 -16.89
N TYR B 342 22.24 64.44 -16.63
CA TYR B 342 23.21 63.98 -17.62
C TYR B 342 22.53 63.19 -18.73
N ILE B 343 22.09 63.87 -19.79
CA ILE B 343 21.16 63.31 -20.76
C ILE B 343 21.68 63.58 -22.17
N SER B 344 20.96 63.07 -23.17
CA SER B 344 21.11 63.48 -24.56
C SER B 344 22.45 63.06 -25.14
N SER B 345 23.43 63.96 -25.07
CA SER B 345 24.74 63.73 -25.65
C SER B 345 25.80 64.08 -24.62
N HIS B 346 26.97 63.47 -24.77
CA HIS B 346 28.08 63.72 -23.87
C HIS B 346 28.85 64.95 -24.33
N MET B 347 28.99 65.91 -23.43
CA MET B 347 29.87 67.06 -23.67
C MET B 347 31.05 66.92 -22.73
N PRO B 348 32.25 66.67 -23.25
CA PRO B 348 33.41 66.43 -22.36
C PRO B 348 33.60 67.54 -21.33
N ASN B 349 33.36 68.79 -21.71
CA ASN B 349 33.51 69.91 -20.79
C ASN B 349 32.40 69.97 -19.74
N GLY B 350 31.53 68.97 -19.67
CA GLY B 350 30.37 69.06 -18.79
C GLY B 350 30.43 68.22 -17.54
N ARG B 351 31.37 67.27 -17.47
CA ARG B 351 31.31 66.34 -16.37
C ARG B 351 31.91 66.88 -15.07
N GLU B 352 32.54 68.06 -15.09
CA GLU B 352 32.66 68.79 -13.84
C GLU B 352 31.27 69.04 -13.26
N ASN B 353 30.30 69.30 -14.15
CA ASN B 353 28.91 69.44 -13.74
C ASN B 353 28.32 68.11 -13.30
N THR B 354 28.66 67.02 -14.00
CA THR B 354 28.09 65.72 -13.66
C THR B 354 28.38 65.35 -12.22
N ILE B 355 29.64 65.53 -11.79
CA ILE B 355 29.99 65.29 -10.40
C ILE B 355 29.36 66.35 -9.51
N SER B 356 29.27 67.59 -10.01
CA SER B 356 28.58 68.65 -9.30
C SER B 356 27.21 68.20 -8.84
N GLN B 357 26.32 67.92 -9.80
CA GLN B 357 24.94 67.63 -9.44
C GLN B 357 24.81 66.27 -8.75
N MET B 358 25.62 65.28 -9.15
CA MET B 358 25.47 63.94 -8.57
C MET B 358 25.90 63.92 -7.11
N LYS B 359 26.94 64.66 -6.76
CA LYS B 359 27.29 64.86 -5.37
C LYS B 359 26.15 65.57 -4.63
N GLU B 360 25.69 66.69 -5.18
CA GLU B 360 24.52 67.35 -4.61
C GLU B 360 23.34 66.41 -4.51
N LEU B 361 23.07 65.65 -5.58
CA LEU B 361 21.96 64.70 -5.57
C LEU B 361 22.04 63.77 -4.36
N VAL B 362 23.18 63.10 -4.19
CA VAL B 362 23.30 62.09 -3.15
C VAL B 362 23.39 62.74 -1.76
N VAL B 363 24.16 63.83 -1.65
CA VAL B 363 24.30 64.51 -0.37
C VAL B 363 22.95 64.96 0.15
N GLN B 364 22.16 65.61 -0.72
CA GLN B 364 20.92 66.24 -0.30
C GLN B 364 19.73 65.29 -0.23
N ASN B 365 19.83 64.10 -0.83
CA ASN B 365 18.72 63.15 -0.86
C ASN B 365 19.08 61.80 -0.26
N TYR B 366 20.17 61.74 0.52
CA TYR B 366 20.62 60.48 1.10
C TYR B 366 19.53 59.87 2.00
N ASN B 367 18.85 60.72 2.78
CA ASN B 367 17.98 60.24 3.85
C ASN B 367 16.59 59.81 3.37
N HIS B 368 16.33 59.82 2.07
CA HIS B 368 15.00 59.52 1.57
C HIS B 368 14.80 58.01 1.38
N PRO B 369 14.12 57.33 2.31
CA PRO B 369 13.85 55.90 2.10
C PRO B 369 13.20 55.60 0.76
N SER B 370 12.38 56.53 0.25
CA SER B 370 11.77 56.34 -1.06
C SER B 370 12.80 55.98 -2.12
N ILE B 371 14.03 56.45 -1.96
CA ILE B 371 15.06 56.36 -3.01
C ILE B 371 15.82 55.06 -2.84
N VAL B 372 16.01 54.34 -3.95
CA VAL B 372 16.70 53.06 -3.91
C VAL B 372 17.73 52.96 -5.03
N VAL B 373 17.69 53.90 -5.97
CA VAL B 373 18.54 53.79 -7.16
C VAL B 373 18.91 55.18 -7.65
N TRP B 374 20.20 55.41 -7.90
CA TRP B 374 20.72 56.66 -8.42
C TRP B 374 21.04 56.49 -9.90
N GLY B 375 20.57 57.42 -10.72
CA GLY B 375 20.74 57.34 -12.17
C GLY B 375 21.94 58.14 -12.65
N LEU B 376 22.69 57.55 -13.58
CA LEU B 376 23.88 58.19 -14.13
C LEU B 376 23.59 58.94 -15.42
N SER B 377 22.87 58.30 -16.34
CA SER B 377 22.75 58.81 -17.70
C SER B 377 21.36 58.50 -18.26
N ASN B 378 21.00 59.25 -19.30
CA ASN B 378 19.76 59.01 -20.02
C ASN B 378 20.03 59.16 -21.52
N GLU B 379 19.84 58.07 -22.26
CA GLU B 379 19.99 58.09 -23.71
C GLU B 379 21.28 58.78 -24.14
N ILE B 380 22.33 58.63 -23.33
CA ILE B 380 23.58 59.34 -23.57
C ILE B 380 24.26 58.94 -24.87
N THR B 381 23.79 57.89 -25.53
CA THR B 381 24.39 57.37 -26.75
C THR B 381 23.70 57.88 -28.02
N MET B 382 22.67 58.71 -27.89
CA MET B 382 21.90 59.19 -29.02
C MET B 382 22.80 59.76 -30.12
N SER B 385 27.59 56.10 -30.14
CA SER B 385 28.11 54.77 -29.74
C SER B 385 28.71 54.86 -28.34
N SER B 386 30.00 55.20 -28.24
CA SER B 386 30.68 55.29 -26.93
C SER B 386 32.13 55.72 -27.13
N ASP B 387 32.73 56.33 -26.10
CA ASP B 387 34.14 56.78 -26.19
C ASP B 387 34.71 56.74 -24.78
N GLU B 388 36.03 56.71 -24.65
CA GLU B 388 36.59 56.55 -23.31
C GLU B 388 36.30 57.75 -22.41
N ASP B 389 36.13 58.94 -22.98
CA ASP B 389 35.64 60.07 -22.19
C ASP B 389 34.25 59.77 -21.64
N LEU B 390 33.33 59.38 -22.54
CA LEU B 390 32.00 58.94 -22.14
C LEU B 390 32.08 57.89 -21.02
N LEU B 391 32.81 56.80 -21.28
CA LEU B 391 32.83 55.69 -20.33
C LEU B 391 33.57 56.05 -19.06
N GLU B 392 34.64 56.83 -19.17
CA GLU B 392 35.37 57.27 -17.97
C GLU B 392 34.45 58.01 -17.02
N ASN B 393 33.77 59.04 -17.54
CA ASN B 393 32.80 59.80 -16.74
C ASN B 393 31.87 58.85 -15.98
N HIS B 394 31.30 57.87 -16.69
CA HIS B 394 30.32 56.99 -16.07
C HIS B 394 30.89 56.28 -14.85
N ARG B 395 32.13 55.80 -14.94
CA ARG B 395 32.73 55.10 -13.82
C ARG B 395 33.14 56.07 -12.71
N ILE B 396 33.66 57.24 -13.08
CA ILE B 396 33.95 58.26 -12.08
C ILE B 396 32.69 58.58 -11.28
N LEU B 397 31.57 58.77 -11.99
CA LEU B 397 30.28 58.87 -11.30
C LEU B 397 29.95 57.56 -10.61
N ASN B 398 30.07 56.44 -11.33
CA ASN B 398 29.69 55.14 -10.78
C ASN B 398 30.41 54.85 -9.47
N ASP B 399 31.74 54.84 -9.50
CA ASP B 399 32.51 54.61 -8.28
C ASP B 399 32.27 55.71 -7.25
N MET B 400 32.00 56.93 -7.71
CA MET B 400 31.68 58.01 -6.78
C MET B 400 30.43 57.68 -5.97
N VAL B 401 29.33 57.37 -6.66
CA VAL B 401 28.10 56.98 -5.95
C VAL B 401 28.37 55.78 -5.06
N HIS B 402 28.98 54.74 -5.62
CA HIS B 402 29.25 53.54 -4.84
C HIS B 402 30.09 53.84 -3.60
N GLU B 403 30.99 54.82 -3.69
CA GLU B 403 31.83 55.17 -2.55
C GLU B 403 31.02 55.84 -1.45
N MET B 404 30.18 56.83 -1.80
CA MET B 404 29.47 57.57 -0.77
C MET B 404 28.13 56.97 -0.38
N ASP B 405 27.59 56.04 -1.16
CA ASP B 405 26.38 55.32 -0.77
C ASP B 405 26.54 53.84 -1.11
N HIS B 406 26.70 53.02 -0.07
CA HIS B 406 26.75 51.58 -0.22
C HIS B 406 25.38 50.93 -0.17
N THR B 407 24.32 51.70 0.11
CA THR B 407 22.98 51.16 0.28
C THR B 407 22.12 51.28 -0.96
N ARG B 408 22.63 51.85 -2.04
CA ARG B 408 21.88 51.99 -3.28
C ARG B 408 22.73 51.52 -4.46
N LEU B 409 22.05 51.15 -5.53
CA LEU B 409 22.70 50.79 -6.79
C LEU B 409 22.56 51.95 -7.78
N THR B 410 23.42 51.94 -8.79
CA THR B 410 23.33 52.87 -9.90
C THR B 410 22.60 52.22 -11.07
N THR B 411 22.05 53.07 -11.93
CA THR B 411 21.40 52.62 -13.16
C THR B 411 21.63 53.65 -14.25
N ILE B 412 21.10 53.34 -15.43
CA ILE B 412 21.16 54.22 -16.58
C ILE B 412 19.96 53.93 -17.46
N ALA B 413 19.50 54.94 -18.18
CA ALA B 413 18.44 54.78 -19.16
C ALA B 413 19.09 54.74 -20.54
N VAL B 414 18.87 53.65 -21.27
CA VAL B 414 19.47 53.43 -22.58
C VAL B 414 18.48 53.84 -23.66
N VAL B 415 18.99 54.49 -24.70
CA VAL B 415 18.15 54.75 -25.86
C VAL B 415 17.92 53.45 -26.61
N SER B 416 16.81 53.41 -27.36
CA SER B 416 16.31 52.13 -27.83
C SER B 416 17.30 51.42 -28.75
N MET B 417 18.04 52.16 -29.57
CA MET B 417 18.89 51.56 -30.59
C MET B 417 20.36 51.45 -30.19
N CYS B 418 20.66 51.62 -28.90
CA CYS B 418 22.00 51.32 -28.42
C CYS B 418 22.20 49.82 -28.37
N ASP B 419 23.25 49.35 -29.03
CA ASP B 419 23.54 47.92 -29.05
C ASP B 419 23.74 47.41 -27.63
N ILE B 420 23.11 46.27 -27.32
CA ILE B 420 23.20 45.72 -25.97
C ILE B 420 24.63 45.42 -25.56
N HIS B 421 25.56 45.37 -26.53
CA HIS B 421 26.96 45.10 -26.25
C HIS B 421 27.80 46.37 -26.16
N ASP B 422 27.17 47.54 -26.13
CA ASP B 422 27.92 48.77 -25.93
C ASP B 422 28.50 48.78 -24.51
N PRO B 423 29.80 49.04 -24.36
CA PRO B 423 30.43 48.85 -23.04
C PRO B 423 29.73 49.57 -21.90
N TYR B 424 29.19 50.77 -22.16
CA TYR B 424 28.58 51.54 -21.08
C TYR B 424 27.48 50.77 -20.37
N ILE B 425 26.74 49.94 -21.10
CA ILE B 425 25.66 49.18 -20.49
C ILE B 425 26.12 48.34 -19.30
N GLN B 426 27.41 47.99 -19.23
CA GLN B 426 27.92 47.08 -18.21
C GLN B 426 28.49 47.81 -16.99
N ILE B 427 28.46 49.13 -16.99
CA ILE B 427 29.11 49.94 -15.95
C ILE B 427 28.31 49.89 -14.66
N PRO B 428 27.02 50.19 -14.66
CA PRO B 428 26.28 50.31 -13.40
C PRO B 428 25.64 48.99 -12.97
N ASP B 429 25.28 48.96 -11.69
CA ASP B 429 24.65 47.78 -11.11
C ASP B 429 23.54 47.24 -11.99
N VAL B 430 22.53 48.09 -12.27
CA VAL B 430 21.36 47.71 -13.05
C VAL B 430 21.13 48.76 -14.13
N ILE B 431 20.30 48.40 -15.11
CA ILE B 431 19.99 49.26 -16.25
C ILE B 431 18.55 49.06 -16.68
N SER B 432 18.07 49.96 -17.54
CA SER B 432 16.73 49.93 -18.10
C SER B 432 16.73 50.63 -19.45
N TYR B 433 15.77 50.27 -20.30
CA TYR B 433 15.76 50.68 -21.70
C TYR B 433 14.55 51.55 -22.03
N ASN B 434 14.77 52.57 -22.87
CA ASN B 434 13.73 53.48 -23.35
C ASN B 434 13.24 52.98 -24.71
N HIS B 435 12.10 52.30 -24.73
CA HIS B 435 11.58 51.69 -25.95
C HIS B 435 10.26 52.32 -26.33
N TYR B 436 10.12 52.68 -27.61
CA TYR B 436 8.89 53.24 -28.15
C TYR B 436 8.45 52.44 -29.37
N PHE B 437 8.62 51.12 -29.26
CA PHE B 437 8.11 50.24 -30.34
C PHE B 437 6.63 50.58 -30.45
N GLY B 438 6.18 50.89 -31.66
CA GLY B 438 4.83 51.46 -31.79
C GLY B 438 5.06 52.93 -32.08
N TRP B 439 4.63 53.84 -31.22
CA TRP B 439 4.75 55.30 -31.54
C TRP B 439 5.93 55.64 -32.47
N TYR B 440 7.18 55.54 -32.01
CA TYR B 440 8.32 55.98 -32.81
C TYR B 440 8.71 54.84 -33.75
N GLY B 441 7.83 54.55 -34.71
CA GLY B 441 8.02 53.41 -35.57
C GLY B 441 7.98 52.10 -34.81
N GLY B 442 7.84 50.99 -35.52
CA GLY B 442 7.78 49.69 -34.88
C GLY B 442 6.36 49.27 -34.55
N ASP B 443 6.25 48.33 -33.62
CA ASP B 443 4.97 47.75 -33.24
C ASP B 443 4.98 47.41 -31.76
N VAL B 444 3.87 47.68 -31.08
CA VAL B 444 3.76 47.41 -29.65
C VAL B 444 4.07 45.95 -29.33
N SER B 445 3.94 45.06 -30.31
CA SER B 445 4.25 43.66 -30.04
C SER B 445 5.74 43.44 -29.78
N MET B 446 6.63 44.27 -30.34
CA MET B 446 8.06 43.99 -30.27
C MET B 446 8.64 44.14 -28.87
N ASN B 447 7.97 44.88 -27.99
CA ASN B 447 8.53 45.16 -26.67
C ASN B 447 8.80 43.89 -25.89
N GLY B 448 7.85 42.95 -25.89
CA GLY B 448 7.98 41.74 -25.13
C GLY B 448 9.16 40.89 -25.56
N PRO B 449 9.15 40.44 -26.82
CA PRO B 449 10.30 39.70 -27.33
C PRO B 449 11.62 40.41 -27.10
N TRP B 450 11.68 41.71 -27.38
CA TRP B 450 12.95 42.43 -27.32
C TRP B 450 13.61 42.28 -25.96
N MET B 451 12.87 42.54 -24.88
CA MET B 451 13.46 42.44 -23.55
C MET B 451 13.83 41.00 -23.19
N ASP B 452 13.22 40.01 -23.84
CA ASP B 452 13.62 38.63 -23.62
C ASP B 452 15.07 38.40 -24.05
N ASN B 453 15.45 38.96 -25.20
CA ASN B 453 16.78 38.71 -25.75
C ASN B 453 17.87 39.35 -24.88
N PHE B 454 17.66 40.57 -24.40
CA PHE B 454 18.61 41.15 -23.46
C PHE B 454 18.74 40.29 -22.21
N HIS B 455 17.62 39.84 -21.65
CA HIS B 455 17.68 38.89 -20.55
C HIS B 455 18.29 37.57 -21.02
N LYS B 456 18.02 37.17 -22.25
CA LYS B 456 18.60 35.93 -22.77
C LYS B 456 20.13 35.99 -22.75
N GLU B 457 20.71 37.12 -23.14
CA GLU B 457 22.16 37.20 -23.32
C GLU B 457 22.90 37.72 -22.09
N PHE B 458 22.26 38.56 -21.28
CA PHE B 458 22.87 39.11 -20.07
C PHE B 458 22.02 38.73 -18.85
N PRO B 459 21.77 37.44 -18.64
CA PRO B 459 20.74 37.04 -17.66
C PRO B 459 20.97 37.51 -16.23
N ASN B 460 22.14 38.05 -15.90
CA ASN B 460 22.40 38.50 -14.53
C ASN B 460 22.54 40.01 -14.40
N ILE B 461 22.39 40.75 -15.50
CA ILE B 461 22.17 42.19 -15.44
C ILE B 461 20.69 42.41 -15.34
N PRO B 462 20.17 42.92 -14.21
CA PRO B 462 18.72 43.12 -14.07
C PRO B 462 18.22 44.14 -15.09
N LEU B 463 17.11 43.81 -15.73
CA LEU B 463 16.56 44.59 -16.82
C LEU B 463 15.28 45.30 -16.39
N GLY B 464 15.15 46.57 -16.79
CA GLY B 464 13.94 47.32 -16.52
C GLY B 464 13.56 48.17 -17.72
N MET B 465 12.30 48.60 -17.77
CA MET B 465 11.89 49.51 -18.87
C MET B 465 12.00 50.95 -18.35
N SER B 466 12.93 51.72 -18.91
CA SER B 466 13.17 53.10 -18.44
C SER B 466 12.03 53.99 -18.91
N GLU B 467 11.53 53.72 -20.12
CA GLU B 467 10.50 54.61 -20.68
C GLU B 467 9.71 53.94 -21.79
N TYR B 468 8.38 54.08 -21.78
CA TYR B 468 7.53 53.66 -22.87
C TYR B 468 6.28 54.51 -22.82
N GLY B 469 5.77 54.87 -23.98
CA GLY B 469 4.64 55.78 -24.02
C GLY B 469 4.13 55.97 -25.42
N CYS B 470 3.08 56.77 -25.52
CA CYS B 470 2.36 56.99 -26.76
C CYS B 470 1.64 58.32 -26.66
N GLU B 471 1.67 59.10 -27.73
CA GLU B 471 1.04 60.41 -27.73
C GLU B 471 -0.48 60.28 -27.74
N ALA B 472 -1.15 61.17 -27.03
CA ALA B 472 -2.61 61.12 -26.92
C ALA B 472 -3.14 62.53 -26.69
N LEU B 473 -3.87 63.06 -27.67
CA LEU B 473 -4.62 64.29 -27.49
C LEU B 473 -6.10 63.98 -27.58
N ASN B 474 -6.95 65.00 -27.76
CA ASN B 474 -8.39 64.79 -27.88
C ASN B 474 -8.79 64.49 -29.33
N TRP B 475 -8.18 63.46 -29.91
CA TRP B 475 -8.60 62.95 -31.19
C TRP B 475 -9.11 61.53 -30.99
N HIS B 476 -10.08 61.13 -31.82
CA HIS B 476 -10.74 59.85 -31.62
C HIS B 476 -11.01 59.18 -32.96
N THR B 477 -11.22 57.86 -32.91
CA THR B 477 -11.43 57.05 -34.10
C THR B 477 -11.87 55.65 -33.70
N SER B 478 -12.41 54.92 -34.68
CA SER B 478 -12.68 53.51 -34.48
C SER B 478 -11.62 52.63 -35.13
N ASP B 479 -10.76 53.20 -35.96
CA ASP B 479 -9.63 52.49 -36.54
C ASP B 479 -8.34 53.03 -35.93
N PRO B 480 -8.01 52.62 -34.71
CA PRO B 480 -6.77 53.10 -34.09
C PRO B 480 -5.56 52.72 -34.94
N LYS B 481 -4.76 53.72 -35.29
CA LYS B 481 -3.53 53.52 -36.04
C LYS B 481 -2.44 54.39 -35.45
N GLN B 482 -1.22 53.84 -35.39
CA GLN B 482 -0.08 54.60 -34.90
C GLN B 482 0.09 55.86 -35.74
N GLY B 483 0.09 57.01 -35.08
CA GLY B 483 0.30 58.29 -35.73
C GLY B 483 -0.91 59.20 -35.75
N ASP B 484 -2.10 58.71 -35.41
CA ASP B 484 -3.29 59.56 -35.39
C ASP B 484 -3.48 60.29 -34.07
N TYR B 485 -2.61 60.05 -33.09
CA TYR B 485 -2.63 60.77 -31.82
C TYR B 485 -3.94 60.61 -31.06
N THR B 486 -4.70 59.57 -31.38
CA THR B 486 -6.02 59.41 -30.80
C THR B 486 -5.93 58.81 -29.40
N GLU B 487 -6.97 59.09 -28.60
CA GLU B 487 -7.07 58.50 -27.27
C GLU B 487 -7.22 56.99 -27.35
N GLU B 488 -7.87 56.49 -28.40
CA GLU B 488 -8.11 55.06 -28.52
C GLU B 488 -6.82 54.29 -28.71
N TYR B 489 -6.00 54.67 -29.70
CA TYR B 489 -4.76 53.94 -29.94
C TYR B 489 -3.86 53.96 -28.70
N GLN B 490 -3.72 55.13 -28.07
CA GLN B 490 -2.91 55.21 -26.86
C GLN B 490 -3.46 54.32 -25.76
N ALA B 491 -4.78 54.14 -25.73
CA ALA B 491 -5.37 53.17 -24.80
C ALA B 491 -5.07 51.75 -25.23
N TYR B 492 -5.05 51.51 -26.54
CA TYR B 492 -4.66 50.20 -27.06
C TYR B 492 -3.17 49.93 -26.83
N TYR B 493 -2.34 50.96 -26.96
CA TYR B 493 -0.90 50.78 -26.80
C TYR B 493 -0.54 50.36 -25.38
N HIS B 494 -1.17 50.97 -24.39
CA HIS B 494 -0.89 50.61 -23.00
C HIS B 494 -1.62 49.34 -22.57
N GLU B 495 -2.73 48.99 -23.23
CA GLU B 495 -3.33 47.68 -23.01
C GLU B 495 -2.32 46.57 -23.30
N GLU B 496 -1.78 46.57 -24.52
CA GLU B 496 -0.79 45.56 -24.86
C GLU B 496 0.49 45.72 -24.03
N MET B 497 0.91 46.96 -23.78
CA MET B 497 2.14 47.18 -23.03
C MET B 497 2.07 46.56 -21.64
N ILE B 498 0.93 46.67 -20.98
CA ILE B 498 0.78 46.07 -19.65
C ILE B 498 0.78 44.55 -19.75
N LYS B 499 0.04 44.00 -20.71
CA LYS B 499 -0.04 42.56 -20.85
C LYS B 499 1.34 41.94 -21.06
N GLN B 500 2.25 42.66 -21.71
CA GLN B 500 3.58 42.13 -21.97
C GLN B 500 4.52 42.36 -20.79
N LEU B 501 4.59 43.61 -20.30
CA LEU B 501 5.54 43.94 -19.26
C LEU B 501 5.12 43.41 -17.89
N PHE B 502 3.86 43.63 -17.52
CA PHE B 502 3.40 43.27 -16.17
C PHE B 502 3.40 41.77 -15.93
N THR B 503 3.53 40.95 -16.97
CA THR B 503 3.53 39.50 -16.84
C THR B 503 4.93 38.90 -16.97
N ARG B 504 5.98 39.73 -16.99
CA ARG B 504 7.37 39.29 -16.99
C ARG B 504 8.02 39.90 -15.75
N LYS B 505 8.03 39.15 -14.64
CA LYS B 505 8.49 39.72 -13.38
C LYS B 505 10.00 39.93 -13.33
N TYR B 506 10.74 39.48 -14.34
CA TYR B 506 12.18 39.73 -14.33
C TYR B 506 12.52 41.17 -14.66
N ILE B 507 11.59 41.90 -15.27
CA ILE B 507 11.75 43.34 -15.47
C ILE B 507 11.58 44.01 -14.11
N TRP B 508 12.69 44.49 -13.54
CA TRP B 508 12.67 44.93 -12.15
C TRP B 508 11.86 46.21 -11.94
N ALA B 509 11.62 46.98 -13.00
CA ALA B 509 10.82 48.19 -12.86
C ALA B 509 10.36 48.66 -14.23
N THR B 510 9.12 49.12 -14.30
CA THR B 510 8.57 49.75 -15.50
C THR B 510 8.10 51.15 -15.13
N HIS B 511 8.28 52.09 -16.04
CA HIS B 511 7.95 53.49 -15.80
C HIS B 511 7.27 54.06 -17.04
N VAL B 512 5.97 54.31 -16.94
CA VAL B 512 5.25 54.93 -18.06
C VAL B 512 5.85 56.30 -18.33
N TRP B 513 6.01 56.61 -19.62
CA TRP B 513 6.39 57.94 -20.06
C TRP B 513 5.24 58.51 -20.88
N ASN B 514 4.53 59.47 -20.30
CA ASN B 514 4.80 59.98 -18.96
C ASN B 514 3.50 60.00 -18.19
N MET B 515 3.55 60.28 -16.89
CA MET B 515 2.31 60.41 -16.13
C MET B 515 1.48 61.56 -16.67
N PHE B 516 2.08 62.73 -16.83
CA PHE B 516 1.40 63.93 -17.30
C PHE B 516 2.04 64.41 -18.59
N ASP B 517 1.23 65.07 -19.41
CA ASP B 517 1.82 65.92 -20.44
C ASP B 517 2.75 66.93 -19.78
N PHE B 518 3.72 67.42 -20.56
CA PHE B 518 4.69 68.32 -19.98
C PHE B 518 5.22 69.28 -21.04
N GLY B 519 5.96 70.27 -20.56
CA GLY B 519 6.57 71.29 -21.40
C GLY B 519 7.79 70.85 -22.18
N ALA B 520 7.68 70.95 -23.52
CA ALA B 520 8.77 70.66 -24.43
C ALA B 520 8.63 71.65 -25.58
N ASP B 521 9.13 72.87 -25.38
CA ASP B 521 8.87 73.96 -26.31
C ASP B 521 9.37 73.66 -27.71
N ALA B 522 10.28 72.69 -27.87
CA ALA B 522 10.72 72.32 -29.21
C ALA B 522 9.66 71.54 -29.97
N ARG B 523 8.71 70.94 -29.26
CA ARG B 523 7.71 70.09 -29.91
C ARG B 523 6.71 70.91 -30.71
N ASN B 524 6.38 70.43 -31.90
CA ASN B 524 5.38 71.05 -32.77
C ASN B 524 4.54 69.99 -33.45
N GLU B 525 4.01 69.04 -32.67
CA GLU B 525 3.21 67.97 -33.23
C GLU B 525 1.94 67.78 -32.41
N GLY B 526 0.97 67.10 -33.01
CA GLY B 526 -0.24 66.67 -32.33
C GLY B 526 -1.43 67.59 -32.46
N GLY B 527 -1.23 68.82 -32.89
CA GLY B 527 -2.30 69.81 -32.89
C GLY B 527 -2.26 70.77 -31.73
N GLU B 528 -1.26 70.68 -30.87
CA GLU B 528 -1.06 71.62 -29.77
C GLU B 528 0.44 71.64 -29.48
N ASN B 529 1.12 72.69 -29.93
CA ASN B 529 2.57 72.70 -29.91
C ASN B 529 3.08 73.10 -28.53
N GLY B 530 4.37 72.84 -28.31
CA GLY B 530 5.04 73.18 -27.07
C GLY B 530 4.99 72.12 -25.99
N GLN B 531 4.22 71.05 -26.19
CA GLN B 531 3.97 70.07 -25.15
C GLN B 531 4.37 68.67 -25.62
N ASN B 532 4.74 67.83 -24.66
CA ASN B 532 4.82 66.39 -24.86
C ASN B 532 3.52 65.79 -24.34
N HIS B 533 2.78 65.12 -25.22
CA HIS B 533 1.42 64.66 -24.92
C HIS B 533 1.35 63.14 -24.74
N LYS B 534 2.41 62.53 -24.23
CA LYS B 534 2.44 61.10 -23.96
C LYS B 534 2.03 60.76 -22.53
N GLY B 535 1.54 61.74 -21.78
CA GLY B 535 1.14 61.48 -20.41
C GLY B 535 -0.20 60.76 -20.33
N LEU B 536 -0.43 60.13 -19.18
CA LEU B 536 -1.74 59.56 -18.88
C LEU B 536 -2.72 60.63 -18.41
N VAL B 537 -2.22 61.78 -17.97
CA VAL B 537 -3.03 62.91 -17.55
C VAL B 537 -2.60 64.12 -18.36
N THR B 538 -3.53 65.03 -18.61
CA THR B 538 -3.20 66.21 -19.40
C THR B 538 -2.33 67.17 -18.60
N PHE B 539 -1.67 68.08 -19.32
CA PHE B 539 -0.67 68.95 -18.71
C PHE B 539 -1.25 69.73 -17.53
N ASP B 540 -2.49 70.21 -17.65
CA ASP B 540 -3.11 70.96 -16.57
C ASP B 540 -3.66 70.06 -15.47
N ARG B 541 -3.40 68.75 -15.53
CA ARG B 541 -3.80 67.79 -14.51
C ARG B 541 -5.31 67.70 -14.35
N LYS B 542 -6.07 68.18 -15.34
CA LYS B 542 -7.52 68.24 -15.22
C LYS B 542 -8.25 67.07 -15.86
N TYR B 543 -7.59 66.31 -16.73
CA TYR B 543 -8.25 65.22 -17.44
C TYR B 543 -7.39 63.96 -17.40
N LYS B 544 -7.96 62.89 -16.83
CA LYS B 544 -7.34 61.57 -16.87
C LYS B 544 -7.78 60.85 -18.14
N LYS B 545 -6.82 60.54 -19.00
CA LYS B 545 -7.13 59.87 -20.26
C LYS B 545 -7.51 58.41 -20.00
N ASP B 546 -8.12 57.79 -21.02
CA ASP B 546 -8.58 56.41 -20.91
C ASP B 546 -7.49 55.51 -20.36
N SER B 547 -6.27 55.61 -20.92
CA SER B 547 -5.20 54.69 -20.55
C SER B 547 -4.88 54.77 -19.07
N PHE B 548 -5.08 55.94 -18.44
CA PHE B 548 -4.88 56.05 -17.00
C PHE B 548 -5.66 54.98 -16.25
N TYR B 549 -6.86 54.67 -16.72
CA TYR B 549 -7.70 53.70 -16.03
C TYR B 549 -7.27 52.26 -16.31
N ALA B 550 -6.61 52.03 -17.45
CA ALA B 550 -6.04 50.72 -17.71
C ALA B 550 -5.03 50.35 -16.62
N TYR B 551 -4.17 51.30 -16.26
CA TYR B 551 -3.21 51.05 -15.19
C TYR B 551 -3.88 50.98 -13.83
N LYS B 552 -4.97 51.73 -13.63
CA LYS B 552 -5.72 51.61 -12.39
C LYS B 552 -6.36 50.23 -12.28
N ALA B 553 -6.71 49.61 -13.40
CA ALA B 553 -7.34 48.30 -13.36
C ALA B 553 -6.39 47.23 -12.81
N TRP B 554 -5.08 47.43 -12.95
CA TRP B 554 -4.11 46.43 -12.54
C TRP B 554 -3.43 46.75 -11.21
N LEU B 555 -3.35 48.02 -10.80
CA LEU B 555 -2.53 48.42 -9.66
C LEU B 555 -3.27 49.08 -8.50
N SER B 556 -4.53 49.47 -8.65
CA SER B 556 -5.28 50.10 -7.57
C SER B 556 -6.23 49.10 -6.92
N ASP B 557 -6.23 49.07 -5.59
CA ASP B 557 -7.19 48.29 -4.83
C ASP B 557 -8.46 49.09 -4.54
N GLU B 558 -8.61 50.26 -5.16
CA GLU B 558 -9.79 51.10 -4.99
C GLU B 558 -10.82 50.71 -6.04
N PRO B 559 -11.93 50.08 -5.65
CA PRO B 559 -12.86 49.54 -6.65
C PRO B 559 -13.42 50.63 -7.55
N PHE B 560 -13.48 50.33 -8.84
CA PHE B 560 -13.93 51.28 -9.84
C PHE B 560 -14.32 50.53 -11.11
N VAL B 561 -15.14 51.18 -11.91
CA VAL B 561 -15.43 50.76 -13.27
C VAL B 561 -15.44 52.00 -14.15
N HIS B 562 -14.97 51.87 -15.39
CA HIS B 562 -14.71 53.04 -16.24
C HIS B 562 -15.05 52.72 -17.68
N LEU B 563 -16.05 53.42 -18.22
CA LEU B 563 -16.30 53.40 -19.65
C LEU B 563 -15.22 54.17 -20.40
N CYS B 564 -14.62 53.52 -21.39
CA CYS B 564 -13.68 54.19 -22.28
C CYS B 564 -14.41 54.77 -23.49
N GLY B 565 -13.85 55.83 -24.05
CA GLY B 565 -14.44 56.46 -25.20
C GLY B 565 -15.56 57.43 -24.91
N LYS B 566 -15.61 57.97 -23.69
CA LYS B 566 -16.67 58.92 -23.35
C LYS B 566 -16.64 60.13 -24.28
N ARG B 567 -15.46 60.62 -24.62
CA ARG B 567 -15.32 61.78 -25.49
C ARG B 567 -15.44 61.43 -26.96
N TYR B 568 -15.77 60.18 -27.29
CA TYR B 568 -15.96 59.72 -28.67
C TYR B 568 -17.44 59.35 -28.80
N VAL B 569 -18.26 60.35 -29.11
CA VAL B 569 -19.71 60.18 -29.12
C VAL B 569 -20.25 59.96 -30.53
N ASP B 570 -19.75 60.72 -31.50
CA ASP B 570 -20.23 60.61 -32.88
C ASP B 570 -19.48 59.49 -33.60
N ARG B 571 -20.20 58.44 -33.97
CA ARG B 571 -19.58 57.29 -34.64
C ARG B 571 -20.46 56.83 -35.80
N VAL B 572 -19.82 56.42 -36.88
CA VAL B 572 -20.52 56.17 -38.14
C VAL B 572 -20.97 54.72 -38.27
N GLU B 573 -20.17 53.77 -37.80
CA GLU B 573 -20.43 52.36 -38.07
C GLU B 573 -21.71 51.89 -37.40
N ASP B 574 -22.30 50.83 -37.95
CA ASP B 574 -23.58 50.33 -37.47
C ASP B 574 -23.44 49.64 -36.12
N THR B 575 -22.33 48.95 -35.89
CA THR B 575 -22.04 48.33 -34.61
C THR B 575 -20.62 48.67 -34.20
N THR B 576 -20.44 49.04 -32.93
CA THR B 576 -19.24 49.72 -32.47
C THR B 576 -18.63 48.99 -31.29
N LYS B 577 -17.32 49.18 -31.10
CA LYS B 577 -16.60 48.58 -29.99
C LYS B 577 -16.72 49.44 -28.74
N VAL B 578 -16.95 48.79 -27.60
CA VAL B 578 -16.99 49.44 -26.30
C VAL B 578 -16.00 48.74 -25.39
N THR B 579 -15.25 49.53 -24.61
CA THR B 579 -14.22 49.00 -23.73
C THR B 579 -14.46 49.51 -22.32
N VAL B 580 -14.39 48.60 -21.34
CA VAL B 580 -14.51 48.94 -19.94
C VAL B 580 -13.29 48.40 -19.21
N TYR B 581 -12.64 49.26 -18.43
CA TYR B 581 -11.59 48.85 -17.51
C TYR B 581 -12.16 48.80 -16.10
N SER B 582 -11.76 47.79 -15.34
CA SER B 582 -12.15 47.70 -13.94
C SER B 582 -11.30 46.64 -13.25
N ASN B 583 -11.04 46.86 -11.97
CA ASN B 583 -10.34 45.90 -11.13
C ASN B 583 -11.31 44.97 -10.40
N LEU B 584 -12.53 44.84 -10.89
CA LEU B 584 -13.53 43.93 -10.35
C LEU B 584 -13.80 42.80 -11.33
N PRO B 585 -14.30 41.66 -10.83
CA PRO B 585 -14.32 40.45 -11.68
C PRO B 585 -15.26 40.51 -12.87
N GLU B 586 -16.47 41.03 -12.63
CA GLU B 586 -17.50 40.99 -13.69
C GLU B 586 -17.98 42.38 -14.09
N VAL B 587 -18.33 42.55 -15.37
CA VAL B 587 -18.81 43.82 -15.91
C VAL B 587 -19.92 43.50 -16.89
N GLU B 588 -21.12 44.05 -16.66
CA GLU B 588 -22.23 43.93 -17.59
C GLU B 588 -22.51 45.30 -18.20
N LEU B 589 -22.64 45.33 -19.52
CA LEU B 589 -22.89 46.56 -20.26
C LEU B 589 -24.35 46.60 -20.71
N PHE B 590 -24.94 47.80 -20.64
CA PHE B 590 -26.33 48.01 -21.04
C PHE B 590 -26.38 49.07 -22.14
N VAL B 591 -27.06 48.74 -23.23
CA VAL B 591 -27.36 49.68 -24.29
C VAL B 591 -28.81 50.12 -24.11
N ASN B 592 -29.01 51.35 -23.65
CA ASN B 592 -30.35 51.88 -23.41
C ASN B 592 -31.13 51.00 -22.42
N GLY B 593 -30.42 50.48 -21.42
CA GLY B 593 -31.05 49.74 -20.35
C GLY B 593 -31.22 48.26 -20.59
N LYS B 594 -30.89 47.77 -21.78
CA LYS B 594 -31.04 46.35 -22.11
C LYS B 594 -29.65 45.73 -22.22
N SER B 595 -29.42 44.68 -21.43
CA SER B 595 -28.08 44.14 -21.24
C SER B 595 -27.49 43.63 -22.57
N ALA B 596 -26.24 43.99 -22.81
CA ALA B 596 -25.49 43.52 -23.96
C ALA B 596 -24.54 42.37 -23.62
N GLY B 597 -24.76 41.72 -22.48
CA GLY B 597 -23.92 40.61 -22.07
C GLY B 597 -23.17 40.87 -20.77
N LYS B 598 -22.73 39.80 -20.14
CA LYS B 598 -21.90 39.88 -18.94
C LYS B 598 -20.54 39.27 -19.25
N LEU B 599 -19.48 39.92 -18.79
CA LEU B 599 -18.13 39.53 -19.16
C LEU B 599 -17.23 39.45 -17.93
N GLN B 600 -16.32 38.49 -17.95
CA GLN B 600 -15.16 38.47 -17.07
C GLN B 600 -13.92 38.70 -17.92
N ALA B 601 -12.92 39.36 -17.35
CA ALA B 601 -11.70 39.69 -18.07
C ALA B 601 -10.49 39.41 -17.19
N GLU B 602 -9.63 38.51 -17.64
CA GLU B 602 -8.40 38.23 -16.90
C GLU B 602 -7.48 39.45 -16.89
N ASP B 603 -7.28 40.06 -18.06
CA ASP B 603 -6.45 41.25 -18.19
C ASP B 603 -7.18 42.53 -17.84
N HIS B 604 -8.38 42.44 -17.26
CA HIS B 604 -9.15 43.58 -16.78
C HIS B 604 -9.64 44.48 -17.90
N PHE B 605 -9.60 44.04 -19.15
CA PHE B 605 -10.01 44.86 -20.30
C PHE B 605 -11.25 44.22 -20.92
N PHE B 606 -12.42 44.53 -20.38
CA PHE B 606 -13.67 43.99 -20.90
C PHE B 606 -14.02 44.67 -22.21
N HIS B 607 -14.19 43.87 -23.27
CA HIS B 607 -14.42 44.37 -24.63
C HIS B 607 -15.78 43.89 -25.12
N PHE B 608 -16.69 44.84 -25.35
CA PHE B 608 -18.02 44.54 -25.88
C PHE B 608 -18.16 45.03 -27.31
N GLU B 609 -19.24 44.60 -27.95
CA GLU B 609 -19.63 45.07 -29.28
C GLU B 609 -21.14 45.23 -29.30
N VAL B 610 -21.60 46.44 -29.61
CA VAL B 610 -23.02 46.77 -29.47
C VAL B 610 -23.48 47.56 -30.68
N PRO B 611 -24.75 47.40 -31.05
CA PRO B 611 -25.28 48.14 -32.20
C PRO B 611 -25.38 49.63 -31.91
N ASN B 612 -25.16 50.42 -32.97
CA ASN B 612 -25.15 51.87 -32.88
C ASN B 612 -26.36 52.41 -33.65
N VAL B 613 -27.48 52.57 -32.94
CA VAL B 613 -28.72 53.05 -33.52
C VAL B 613 -29.15 54.32 -32.81
N GLY B 614 -29.44 55.36 -33.59
CA GLY B 614 -29.84 56.62 -33.00
C GLY B 614 -28.88 57.06 -31.92
N GLU B 615 -29.43 57.55 -30.81
CA GLU B 615 -28.64 58.00 -29.68
C GLU B 615 -28.76 56.99 -28.56
N SER B 616 -27.64 56.41 -28.15
CA SER B 616 -27.60 55.35 -27.16
C SER B 616 -26.98 55.85 -25.87
N THR B 617 -27.37 55.22 -24.77
CA THR B 617 -26.81 55.48 -23.45
C THR B 617 -26.21 54.18 -22.91
N LEU B 618 -24.91 54.20 -22.64
CA LEU B 618 -24.19 53.02 -22.17
C LEU B 618 -23.94 53.14 -20.67
N VAL B 619 -24.37 52.14 -19.92
CA VAL B 619 -24.09 52.06 -18.49
C VAL B 619 -23.36 50.76 -18.22
N ALA B 620 -22.12 50.87 -17.74
CA ALA B 620 -21.36 49.73 -17.27
C ALA B 620 -21.58 49.58 -15.77
N VAL B 621 -21.88 48.37 -15.32
CA VAL B 621 -22.14 48.09 -13.91
C VAL B 621 -21.26 46.91 -13.50
N ALA B 622 -20.57 47.05 -12.36
CA ALA B 622 -19.72 46.00 -11.81
C ALA B 622 -19.95 45.97 -10.30
N GLY B 623 -20.73 45.00 -9.84
CA GLY B 623 -21.11 45.01 -8.44
C GLY B 623 -22.10 46.13 -8.20
N GLU B 624 -21.85 46.94 -7.17
CA GLU B 624 -22.61 48.16 -6.92
C GLU B 624 -21.83 49.40 -7.37
N TYR B 625 -21.13 49.29 -8.49
CA TYR B 625 -20.44 50.40 -9.14
C TYR B 625 -20.88 50.45 -10.59
N LYS B 626 -21.03 51.66 -11.11
CA LYS B 626 -21.37 51.83 -12.52
C LYS B 626 -20.77 53.13 -13.04
N ASP B 627 -20.62 53.18 -14.37
CA ASP B 627 -20.17 54.35 -15.09
C ASP B 627 -21.09 54.53 -16.29
N GLU B 628 -21.12 55.74 -16.84
CA GLU B 628 -22.04 56.04 -17.92
C GLU B 628 -21.34 56.78 -19.05
N SER B 629 -21.70 56.43 -20.28
CA SER B 629 -21.27 57.14 -21.47
C SER B 629 -22.42 57.11 -22.47
N HIS B 630 -22.34 57.98 -23.47
CA HIS B 630 -23.37 58.04 -24.51
C HIS B 630 -22.73 58.12 -25.88
N ILE B 631 -23.45 57.65 -26.89
CA ILE B 631 -22.98 57.60 -28.27
C ILE B 631 -24.12 58.02 -29.21
N ARG B 632 -23.75 58.22 -30.48
CA ARG B 632 -24.68 58.65 -31.52
C ARG B 632 -24.35 57.93 -32.80
N LYS B 633 -25.37 57.54 -33.55
CA LYS B 633 -25.19 57.08 -34.92
C LYS B 633 -25.24 58.28 -35.86
N VAL B 634 -24.22 58.42 -36.70
CA VAL B 634 -24.15 59.47 -37.70
C VAL B 634 -23.86 58.84 -39.05
N ASP B 635 -24.03 59.63 -40.11
CA ASP B 635 -23.85 59.13 -41.46
C ASP B 635 -22.41 59.24 -41.95
N THR B 636 -21.65 60.21 -41.46
CA THR B 636 -20.26 60.38 -41.87
C THR B 636 -19.43 60.83 -40.68
N PHE B 637 -18.12 60.58 -40.77
CA PHE B 637 -17.22 60.85 -39.66
C PHE B 637 -17.25 62.32 -39.27
N ASN B 638 -17.23 62.55 -37.95
CA ASN B 638 -17.13 63.91 -37.40
C ASN B 638 -15.70 64.40 -37.56
N GLU B 639 -15.49 65.38 -38.44
CA GLU B 639 -14.13 65.82 -38.77
C GLU B 639 -13.42 66.40 -37.56
N GLU B 640 -14.18 67.00 -36.63
CA GLU B 640 -13.57 67.54 -35.40
C GLU B 640 -12.77 66.50 -34.64
N TYR B 641 -12.92 65.22 -34.96
CA TYR B 641 -12.26 64.15 -34.22
C TYR B 641 -10.87 63.82 -34.74
N SER B 642 -10.61 64.01 -36.03
CA SER B 642 -9.35 63.65 -36.64
C SER B 642 -8.41 64.84 -36.69
N LEU B 643 -7.12 64.58 -36.48
CA LEU B 643 -6.07 65.60 -36.61
C LEU B 643 -5.84 66.03 -38.06
N LYS B 644 -6.74 65.63 -38.95
CA LYS B 644 -6.68 66.03 -40.35
C LYS B 644 -6.37 67.51 -40.50
N MET C 1 2.97 -25.27 -37.82
CA MET C 1 3.32 -26.30 -36.86
C MET C 1 3.75 -25.69 -35.53
N ARG C 2 4.17 -24.43 -35.57
CA ARG C 2 4.58 -23.72 -34.38
C ARG C 2 3.45 -23.67 -33.36
N GLU C 3 3.77 -23.99 -32.11
CA GLU C 3 2.79 -23.95 -31.03
C GLU C 3 3.40 -23.29 -29.80
N VAL C 4 2.66 -22.37 -29.19
CA VAL C 4 3.06 -21.70 -27.96
C VAL C 4 2.01 -22.00 -26.90
N ILE C 5 2.46 -22.55 -25.77
CA ILE C 5 1.59 -23.00 -24.69
C ILE C 5 1.78 -22.11 -23.48
N ASN C 6 0.68 -21.60 -22.94
CA ASN C 6 0.75 -20.87 -21.69
C ASN C 6 1.29 -21.77 -20.59
N PHE C 7 2.15 -21.20 -19.74
CA PHE C 7 2.81 -21.92 -18.66
C PHE C 7 2.77 -21.10 -17.38
N ASN C 8 1.71 -20.33 -17.19
CA ASN C 8 1.62 -19.32 -16.15
C ASN C 8 1.04 -19.83 -14.83
N THR C 9 0.23 -20.89 -14.86
CA THR C 9 -0.58 -21.26 -13.71
C THR C 9 0.27 -21.75 -12.54
N TRP C 11 2.27 -22.39 -10.05
CA TRP C 11 3.68 -22.19 -9.69
C TRP C 11 3.86 -22.10 -8.18
N ALA C 12 4.75 -22.93 -7.64
CA ALA C 12 5.15 -22.80 -6.25
C ALA C 12 6.19 -21.70 -6.12
N PHE C 13 5.99 -20.78 -5.18
CA PHE C 13 6.90 -19.67 -4.97
C PHE C 13 7.22 -19.53 -3.48
N THR C 14 8.45 -19.10 -3.19
CA THR C 14 8.84 -18.81 -1.81
C THR C 14 9.98 -17.81 -1.79
N LYS C 15 10.12 -17.15 -0.64
CA LYS C 15 11.24 -16.27 -0.36
C LYS C 15 12.17 -16.82 0.71
N GLU C 16 11.82 -17.92 1.36
CA GLU C 16 12.61 -18.47 2.44
C GLU C 16 13.61 -19.52 2.01
N ALA C 17 13.40 -20.17 0.87
CA ALA C 17 14.37 -21.15 0.38
C ALA C 17 15.75 -20.53 0.30
N THR C 18 16.79 -21.36 0.34
CA THR C 18 18.15 -20.90 0.14
C THR C 18 18.93 -21.83 -0.79
N GLU C 19 18.24 -22.73 -1.51
CA GLU C 19 18.86 -23.60 -2.49
C GLU C 19 17.76 -24.17 -3.37
N VAL C 20 18.15 -24.67 -4.54
CA VAL C 20 17.15 -25.25 -5.43
C VAL C 20 16.55 -26.49 -4.79
N PRO C 21 15.22 -26.62 -4.75
CA PRO C 21 14.64 -27.85 -4.23
C PRO C 21 14.85 -29.00 -5.20
N LYS C 22 15.07 -30.19 -4.64
CA LYS C 22 15.37 -31.34 -5.49
C LYS C 22 14.11 -32.06 -5.95
N GLU C 23 13.01 -31.94 -5.20
CA GLU C 23 11.70 -32.39 -5.65
C GLU C 23 10.66 -31.31 -5.40
N MET C 24 9.54 -31.43 -6.10
CA MET C 24 8.49 -30.44 -6.10
C MET C 24 8.13 -30.01 -4.68
N PRO C 25 8.27 -28.74 -4.33
CA PRO C 25 7.83 -28.30 -3.00
C PRO C 25 6.34 -28.54 -2.81
N GLU C 26 5.96 -28.81 -1.56
CA GLU C 26 4.57 -29.05 -1.22
C GLU C 26 3.97 -27.97 -0.32
N LYS C 27 4.78 -27.24 0.43
CA LYS C 27 4.30 -26.22 1.35
C LYS C 27 4.74 -24.81 0.92
N TRP C 28 4.96 -24.60 -0.37
CA TRP C 28 5.27 -23.28 -0.89
C TRP C 28 3.98 -22.54 -1.24
N TYR C 29 4.11 -21.23 -1.46
CA TYR C 29 2.94 -20.41 -1.79
C TYR C 29 2.65 -20.48 -3.28
N TRP C 30 1.39 -20.72 -3.63
CA TRP C 30 0.96 -20.84 -5.02
C TRP C 30 0.68 -19.46 -5.59
N VAL C 31 1.22 -19.21 -6.79
CA VAL C 31 0.94 -18.02 -7.56
C VAL C 31 0.67 -18.44 -9.00
N THR C 32 -0.09 -17.63 -9.71
CA THR C 32 -0.21 -17.72 -11.15
C THR C 32 0.34 -16.43 -11.77
N LEU C 33 1.06 -16.56 -12.84
CA LEU C 33 1.77 -15.47 -13.50
C LEU C 33 0.83 -14.70 -14.41
N PRO C 34 1.08 -13.40 -14.63
CA PRO C 34 2.19 -12.62 -14.06
C PRO C 34 2.15 -12.49 -12.53
N HIS C 35 3.33 -12.48 -11.90
CA HIS C 35 3.43 -12.39 -10.45
C HIS C 35 4.69 -11.62 -10.07
N SER C 36 4.63 -10.97 -8.91
CA SER C 36 5.79 -10.33 -8.31
C SER C 36 5.60 -10.35 -6.80
N TRP C 37 6.70 -10.53 -6.08
CA TRP C 37 6.65 -10.59 -4.63
C TRP C 37 6.79 -9.22 -3.97
N ASN C 38 6.86 -8.14 -4.74
CA ASN C 38 6.99 -6.80 -4.21
C ASN C 38 5.70 -6.00 -4.38
N GLU C 39 4.58 -6.67 -4.63
CA GLU C 39 3.34 -5.97 -4.94
C GLU C 39 2.84 -5.15 -3.76
N ILE C 40 3.19 -5.54 -2.54
CA ILE C 40 2.78 -4.80 -1.34
C ILE C 40 3.93 -4.00 -0.76
N ASP C 41 5.04 -4.67 -0.41
CA ASP C 41 6.15 -4.00 0.24
C ASP C 41 6.91 -3.06 -0.69
N GLY C 42 6.68 -3.15 -2.00
CA GLY C 42 7.29 -2.27 -2.97
C GLY C 42 6.49 -1.03 -3.32
N GLN C 43 5.40 -0.75 -2.60
CA GLN C 43 4.58 0.43 -2.87
C GLN C 43 4.16 1.14 -1.59
N ASP C 44 4.85 0.88 -0.47
CA ASP C 44 4.44 1.43 0.82
C ASP C 44 5.51 2.28 1.50
N GLY C 45 6.73 2.33 0.97
CA GLY C 45 7.77 3.19 1.49
C GLY C 45 8.82 2.42 2.27
N GLY C 46 9.76 3.18 2.83
CA GLY C 46 10.88 2.66 3.57
C GLY C 46 12.00 2.10 2.74
N ASN C 47 11.82 1.97 1.42
CA ASN C 47 12.81 1.30 0.57
C ASN C 47 13.13 -0.08 1.10
N ASP C 48 12.17 -0.71 1.77
CA ASP C 48 12.38 -1.98 2.42
C ASP C 48 11.79 -3.16 1.65
N TYR C 49 11.27 -2.93 0.45
CA TYR C 49 10.75 -4.04 -0.33
C TYR C 49 11.84 -5.09 -0.52
N TYR C 50 11.47 -6.34 -0.29
CA TYR C 50 12.46 -7.41 -0.15
C TYR C 50 13.21 -7.62 -1.46
N ARG C 51 14.54 -7.51 -1.39
CA ARG C 51 15.42 -7.74 -2.54
C ARG C 51 16.37 -8.88 -2.18
N GLY C 52 16.25 -9.98 -2.92
CA GLY C 52 17.06 -11.14 -2.65
C GLY C 52 16.82 -12.19 -3.72
N THR C 53 17.05 -13.45 -3.36
CA THR C 53 16.81 -14.56 -4.27
C THR C 53 15.57 -15.31 -3.84
N CYS C 54 14.61 -15.44 -4.75
CA CYS C 54 13.36 -16.15 -4.52
C CYS C 54 13.19 -17.18 -5.62
N TYR C 55 12.52 -18.28 -5.28
CA TYR C 55 12.44 -19.43 -6.17
C TYR C 55 11.00 -19.68 -6.62
N TYR C 56 10.86 -20.10 -7.88
CA TYR C 56 9.62 -20.60 -8.46
C TYR C 56 9.82 -22.06 -8.85
N ALA C 57 8.76 -22.86 -8.72
CA ALA C 57 8.85 -24.29 -9.01
C ALA C 57 7.56 -24.79 -9.63
N LYS C 58 7.70 -25.61 -10.67
CA LYS C 58 6.57 -26.16 -11.41
C LYS C 58 7.06 -27.39 -12.16
N GLN C 59 6.11 -28.22 -12.60
CA GLN C 59 6.41 -29.48 -13.27
C GLN C 59 5.85 -29.48 -14.68
N LEU C 60 6.68 -29.94 -15.63
CA LEU C 60 6.30 -30.06 -17.03
C LEU C 60 6.07 -31.53 -17.33
N LYS C 61 4.81 -31.90 -17.59
CA LYS C 61 4.44 -33.27 -17.92
C LYS C 61 4.62 -33.48 -19.42
N LYS C 62 5.66 -34.23 -19.79
CA LYS C 62 5.93 -34.48 -21.20
C LYS C 62 4.69 -34.96 -21.94
N SER C 63 3.74 -35.58 -21.23
CA SER C 63 2.56 -36.13 -21.88
C SER C 63 1.64 -35.02 -22.39
N GLU C 64 1.39 -33.99 -21.58
CA GLU C 64 0.49 -32.92 -21.99
C GLU C 64 1.12 -31.96 -22.99
N LEU C 65 2.38 -32.14 -23.33
CA LEU C 65 2.94 -31.37 -24.43
C LEU C 65 2.52 -31.99 -25.76
N PRO C 66 2.24 -31.18 -26.78
CA PRO C 66 2.03 -31.74 -28.12
C PRO C 66 3.34 -32.30 -28.67
N GLU C 67 3.20 -33.22 -29.61
CA GLU C 67 4.38 -33.82 -30.22
C GLU C 67 5.10 -32.78 -31.06
N ALA C 68 6.41 -32.66 -30.84
CA ALA C 68 7.24 -31.75 -31.63
C ALA C 68 8.68 -32.19 -31.45
N ASP C 69 9.60 -31.52 -32.16
CA ASP C 69 10.99 -31.94 -32.16
C ASP C 69 11.82 -31.25 -31.08
N CYS C 70 11.52 -29.98 -30.77
CA CYS C 70 12.30 -29.22 -29.80
C CYS C 70 11.38 -28.32 -28.99
N TYR C 71 11.61 -28.28 -27.68
CA TYR C 71 10.79 -27.49 -26.77
C TYR C 71 11.62 -26.37 -26.16
N TYR C 72 11.05 -25.17 -26.11
CA TYR C 72 11.74 -23.99 -25.60
C TYR C 72 10.96 -23.39 -24.43
N LEU C 73 11.69 -22.92 -23.43
CA LEU C 73 11.11 -22.12 -22.34
C LEU C 73 11.33 -20.65 -22.65
N GLU C 74 10.24 -19.87 -22.60
CA GLU C 74 10.27 -18.46 -22.94
C GLU C 74 9.79 -17.65 -21.74
N LEU C 75 10.68 -16.82 -21.21
CA LEU C 75 10.34 -15.88 -20.15
C LEU C 75 10.27 -14.48 -20.73
N ARG C 76 9.07 -13.89 -20.70
CA ARG C 76 8.87 -12.54 -21.21
C ARG C 76 9.35 -11.47 -20.24
N GLY C 77 9.41 -11.79 -18.95
CA GLY C 77 9.79 -10.81 -17.95
C GLY C 77 10.23 -11.47 -16.65
N ALA C 78 11.51 -11.32 -16.31
CA ALA C 78 12.09 -11.92 -15.10
C ALA C 78 13.02 -10.87 -14.50
N ASN C 79 12.46 -10.02 -13.64
CA ASN C 79 13.21 -8.95 -12.98
C ASN C 79 13.83 -9.52 -11.70
N ALA C 80 15.15 -9.47 -11.58
CA ALA C 80 16.03 -8.83 -12.58
C ALA C 80 16.92 -9.84 -13.30
N SER C 81 17.55 -10.73 -12.53
CA SER C 81 18.35 -11.82 -13.06
C SER C 81 17.73 -13.15 -12.63
N ALA C 82 17.95 -14.18 -13.43
CA ALA C 82 17.31 -15.47 -13.18
C ALA C 82 18.21 -16.60 -13.63
N ASP C 83 18.06 -17.75 -12.95
CA ASP C 83 18.67 -19.00 -13.36
C ASP C 83 17.57 -20.05 -13.54
N VAL C 84 17.64 -20.81 -14.63
CA VAL C 84 16.61 -21.78 -14.97
C VAL C 84 17.19 -23.18 -14.81
N TYR C 85 16.54 -23.99 -13.98
CA TYR C 85 16.94 -25.37 -13.73
C TYR C 85 15.86 -26.31 -14.22
N VAL C 86 16.27 -27.36 -14.93
CA VAL C 86 15.39 -28.46 -15.32
C VAL C 86 15.92 -29.73 -14.65
N ASN C 87 15.10 -30.32 -13.79
CA ASN C 87 15.48 -31.54 -13.07
C ASN C 87 16.83 -31.37 -12.37
N GLY C 88 17.03 -30.20 -11.77
CA GLY C 88 18.22 -29.90 -11.00
C GLY C 88 19.40 -29.38 -11.79
N LYS C 89 19.32 -29.41 -13.12
CA LYS C 89 20.44 -29.06 -13.98
C LYS C 89 20.32 -27.60 -14.41
N ALA C 90 21.34 -26.81 -14.08
CA ALA C 90 21.38 -25.42 -14.53
C ALA C 90 21.47 -25.37 -16.06
N VAL C 91 20.57 -24.63 -16.69
CA VAL C 91 20.45 -24.63 -18.13
C VAL C 91 20.36 -23.23 -18.72
N ALA C 92 20.34 -22.18 -17.91
CA ALA C 92 20.21 -20.85 -18.49
C ALA C 92 20.41 -19.78 -17.42
N HIS C 93 20.94 -18.63 -17.85
CA HIS C 93 21.06 -17.45 -17.01
C HIS C 93 20.72 -16.23 -17.85
N HIS C 94 20.27 -15.17 -17.19
CA HIS C 94 19.91 -13.94 -17.89
C HIS C 94 19.97 -12.78 -16.92
N ASP C 95 20.34 -11.61 -17.45
CA ASP C 95 20.39 -10.37 -16.70
C ASP C 95 19.63 -9.30 -17.48
N GLY C 96 18.61 -8.72 -16.84
CA GLY C 96 17.77 -7.74 -17.50
C GLY C 96 16.30 -8.08 -17.34
N GLY C 97 15.65 -7.43 -16.39
CA GLY C 97 14.29 -7.79 -16.03
C GLY C 97 13.19 -7.37 -16.97
N TYR C 98 13.52 -6.85 -18.15
CA TYR C 98 12.52 -6.25 -19.03
C TYR C 98 12.59 -6.78 -20.46
N SER C 99 13.39 -7.81 -20.73
CA SER C 99 13.53 -8.35 -22.07
C SER C 99 13.12 -9.82 -22.10
N THR C 100 12.72 -10.26 -23.28
CA THR C 100 12.37 -11.65 -23.52
C THR C 100 13.62 -12.49 -23.66
N TRP C 101 13.61 -13.69 -23.09
CA TRP C 101 14.65 -14.67 -23.36
C TRP C 101 14.05 -16.06 -23.44
N ARG C 102 14.80 -16.96 -24.07
CA ARG C 102 14.37 -18.33 -24.31
C ARG C 102 15.51 -19.28 -23.98
N VAL C 103 15.21 -20.57 -24.00
CA VAL C 103 16.20 -21.61 -23.77
C VAL C 103 15.65 -22.94 -24.24
N ASP C 104 16.40 -23.64 -25.09
CA ASP C 104 16.00 -24.97 -25.51
C ASP C 104 16.23 -25.96 -24.37
N ILE C 105 15.18 -26.70 -24.00
CA ILE C 105 15.21 -27.63 -22.90
C ILE C 105 14.86 -29.05 -23.33
N THR C 106 14.81 -29.31 -24.63
CA THR C 106 14.28 -30.59 -25.12
C THR C 106 15.03 -31.77 -24.54
N LYS C 107 16.36 -31.69 -24.49
CA LYS C 107 17.15 -32.82 -24.01
C LYS C 107 17.08 -32.98 -22.50
N GLU C 108 16.49 -32.03 -21.78
CA GLU C 108 16.30 -32.15 -20.33
C GLU C 108 14.99 -32.82 -19.96
N LEU C 109 14.07 -32.97 -20.90
CA LEU C 109 12.76 -33.59 -20.65
C LEU C 109 12.92 -35.11 -20.57
N THR C 110 13.69 -35.55 -19.57
CA THR C 110 14.02 -36.95 -19.41
C THR C 110 12.97 -37.72 -18.63
N GLU C 111 12.10 -37.03 -17.90
CA GLU C 111 11.09 -37.68 -17.06
C GLU C 111 9.71 -37.44 -17.62
N GLU C 112 8.74 -38.11 -17.01
CA GLU C 112 7.34 -37.76 -17.25
C GLU C 112 7.00 -36.46 -16.55
N GLU C 113 7.54 -36.24 -15.36
CA GLU C 113 7.34 -35.01 -14.59
C GLU C 113 8.71 -34.37 -14.36
N ASN C 114 9.00 -33.32 -15.13
CA ASN C 114 10.29 -32.64 -15.08
C ASN C 114 10.17 -31.39 -14.23
N LEU C 115 11.10 -31.23 -13.28
CA LEU C 115 11.03 -30.16 -12.29
C LEU C 115 11.74 -28.92 -12.83
N ILE C 116 10.98 -27.87 -13.10
CA ILE C 116 11.51 -26.59 -13.55
C ILE C 116 11.57 -25.65 -12.34
N VAL C 117 12.77 -25.27 -11.94
CA VAL C 117 12.98 -24.30 -10.87
C VAL C 117 13.63 -23.06 -11.49
N ILE C 118 13.09 -21.89 -11.16
CA ILE C 118 13.61 -20.62 -11.64
C ILE C 118 13.98 -19.78 -10.42
N ALA C 119 15.26 -19.50 -10.26
CA ALA C 119 15.73 -18.62 -9.20
C ALA C 119 15.80 -17.19 -9.73
N VAL C 120 15.05 -16.28 -9.11
CA VAL C 120 15.03 -14.89 -9.51
C VAL C 120 15.59 -14.04 -8.38
N GLU C 121 16.25 -12.95 -8.74
CA GLU C 121 16.89 -12.07 -7.79
C GLU C 121 16.84 -10.65 -8.31
N ASN C 122 16.57 -9.70 -7.41
CA ASN C 122 16.53 -8.28 -7.73
C ASN C 122 17.43 -7.52 -6.77
N GLY C 123 18.55 -8.13 -6.40
CA GLY C 123 19.45 -7.56 -5.41
C GLY C 123 20.37 -6.49 -6.00
N VAL C 124 21.38 -6.15 -5.21
CA VAL C 124 22.31 -5.06 -5.51
C VAL C 124 23.61 -5.63 -6.04
N ASN C 125 24.13 -5.01 -7.09
CA ASN C 125 25.41 -5.39 -7.68
C ASN C 125 25.78 -4.34 -8.73
N ASP C 126 26.98 -4.46 -9.28
CA ASP C 126 27.51 -3.48 -10.21
C ASP C 126 27.58 -3.98 -11.65
N ARG C 127 26.75 -4.96 -12.01
CA ARG C 127 26.73 -5.49 -13.37
C ARG C 127 25.41 -5.32 -14.09
N VAL C 128 24.28 -5.32 -13.40
CA VAL C 128 22.96 -5.29 -14.03
C VAL C 128 22.22 -4.02 -13.59
N TYR C 129 21.77 -3.25 -14.57
CA TYR C 129 20.96 -2.03 -14.53
C TYR C 129 19.48 -2.39 -14.57
N PRO C 130 18.62 -1.69 -13.80
CA PRO C 130 18.93 -0.55 -12.94
C PRO C 130 19.44 -0.90 -11.53
N GLN C 131 20.19 0.02 -10.94
CA GLN C 131 20.65 -0.10 -9.56
C GLN C 131 20.35 1.17 -8.79
N ASN C 132 20.32 2.31 -9.50
CA ASN C 132 20.11 3.63 -8.88
C ASN C 132 19.04 4.36 -9.68
N ALA C 133 17.79 4.30 -9.22
CA ALA C 133 16.71 4.95 -9.93
C ALA C 133 15.56 5.21 -8.96
N ASP C 134 14.64 6.06 -9.40
CA ASP C 134 13.47 6.43 -8.58
C ASP C 134 12.25 5.62 -9.02
N PHE C 135 12.38 4.30 -8.95
CA PHE C 135 11.25 3.41 -9.14
C PHE C 135 11.61 2.04 -8.59
N THR C 136 10.59 1.34 -8.09
CA THR C 136 10.81 0.06 -7.43
C THR C 136 11.23 -1.00 -8.45
N PHE C 137 12.26 -1.76 -8.10
CA PHE C 137 12.70 -2.90 -8.91
C PHE C 137 11.90 -4.14 -8.51
N TYR C 138 10.63 -4.14 -8.90
CA TYR C 138 9.74 -5.27 -8.62
C TYR C 138 10.39 -6.58 -9.05
N GLY C 139 10.58 -7.49 -8.11
CA GLY C 139 11.17 -8.77 -8.41
C GLY C 139 10.13 -9.84 -8.72
N GLY C 140 10.51 -10.78 -9.59
CA GLY C 140 9.72 -11.96 -9.83
C GLY C 140 9.50 -12.20 -11.31
N LEU C 141 8.63 -13.17 -11.59
CA LEU C 141 8.24 -13.53 -12.96
C LEU C 141 6.95 -12.78 -13.27
N TYR C 142 7.10 -11.50 -13.58
CA TYR C 142 5.97 -10.57 -13.71
C TYR C 142 5.38 -10.51 -15.11
N ARG C 143 5.94 -11.27 -16.07
CA ARG C 143 5.35 -11.41 -17.38
C ARG C 143 5.20 -12.89 -17.69
N ASP C 144 4.58 -13.19 -18.82
CA ASP C 144 4.24 -14.57 -19.17
C ASP C 144 5.48 -15.46 -19.21
N VAL C 145 5.29 -16.73 -18.87
CA VAL C 145 6.25 -17.79 -19.14
C VAL C 145 5.57 -18.78 -20.07
N ASN C 146 6.27 -19.20 -21.13
CA ASN C 146 5.63 -19.97 -22.19
C ASN C 146 6.50 -21.16 -22.58
N ILE C 147 5.85 -22.14 -23.18
CA ILE C 147 6.52 -23.26 -23.86
C ILE C 147 6.20 -23.15 -25.34
N ILE C 148 7.22 -23.34 -26.17
CA ILE C 148 7.07 -23.30 -27.62
C ILE C 148 7.49 -24.65 -28.18
N ALA C 149 6.63 -25.26 -28.99
CA ALA C 149 6.90 -26.53 -29.64
C ALA C 149 7.17 -26.29 -31.11
N VAL C 150 8.41 -26.58 -31.55
CA VAL C 150 8.85 -26.23 -32.89
C VAL C 150 9.41 -27.46 -33.59
N ASN C 151 9.47 -27.38 -34.91
CA ASN C 151 10.03 -28.42 -35.75
C ASN C 151 11.56 -28.41 -35.65
N LYS C 152 12.16 -29.50 -36.14
CA LYS C 152 13.61 -29.62 -36.19
C LYS C 152 14.25 -28.32 -36.68
N SER C 153 13.86 -27.88 -37.87
CA SER C 153 14.28 -26.59 -38.42
C SER C 153 13.20 -25.57 -38.14
N HIS C 154 13.59 -24.45 -37.54
CA HIS C 154 12.64 -23.44 -37.11
C HIS C 154 13.27 -22.06 -37.18
N PHE C 155 12.42 -21.05 -37.34
CA PHE C 155 12.89 -19.67 -37.31
C PHE C 155 13.56 -19.39 -35.97
N ASP C 156 14.70 -18.69 -36.04
CA ASP C 156 15.57 -18.53 -34.88
C ASP C 156 14.80 -18.08 -33.65
N LEU C 157 14.96 -18.84 -32.57
CA LEU C 157 14.41 -18.48 -31.27
C LEU C 157 15.49 -18.22 -30.24
N ASP C 158 16.77 -18.27 -30.62
CA ASP C 158 17.88 -18.17 -29.69
C ASP C 158 18.65 -16.86 -29.80
N TYR C 159 18.33 -16.01 -30.77
CA TYR C 159 19.01 -14.73 -30.89
C TYR C 159 18.26 -13.69 -30.08
N TYR C 160 18.72 -13.46 -28.85
CA TYR C 160 18.27 -12.35 -28.02
C TYR C 160 16.75 -12.24 -27.98
N GLY C 161 16.09 -13.39 -27.78
CA GLY C 161 14.65 -13.42 -27.64
C GLY C 161 13.88 -12.70 -28.74
N GLY C 162 14.50 -12.57 -29.91
CA GLY C 162 13.87 -11.86 -31.01
C GLY C 162 12.82 -12.69 -31.70
N PRO C 163 12.13 -12.06 -32.65
CA PRO C 163 11.08 -12.75 -33.40
C PRO C 163 11.58 -13.59 -34.57
N GLY C 164 12.87 -13.60 -34.84
CA GLY C 164 13.39 -14.32 -35.98
C GLY C 164 12.96 -13.78 -37.33
N ILE C 165 12.32 -12.62 -37.36
CA ILE C 165 11.88 -11.99 -38.61
C ILE C 165 12.11 -10.49 -38.49
N LYS C 166 12.77 -9.92 -39.50
CA LYS C 166 13.10 -8.49 -39.53
C LYS C 166 12.50 -7.89 -40.80
N VAL C 167 11.65 -6.87 -40.62
CA VAL C 167 10.95 -6.25 -41.74
C VAL C 167 11.34 -4.78 -41.78
N THR C 168 11.99 -4.36 -42.86
CA THR C 168 12.42 -2.98 -43.04
C THR C 168 11.88 -2.44 -44.36
N PRO C 169 10.90 -1.54 -44.33
CA PRO C 169 10.37 -0.99 -45.58
C PRO C 169 11.23 0.15 -46.11
N GLU C 170 10.99 0.46 -47.39
CA GLU C 170 11.61 1.59 -48.06
C GLU C 170 10.55 2.28 -48.91
N ILE C 171 10.31 3.55 -48.65
CA ILE C 171 9.25 4.30 -49.31
C ILE C 171 9.82 4.98 -50.56
N LYS C 172 9.33 4.56 -51.72
CA LYS C 172 9.76 5.08 -53.02
C LYS C 172 8.55 5.75 -53.68
N GLY C 173 8.30 7.00 -53.32
CA GLY C 173 7.19 7.73 -53.89
C GLY C 173 5.85 7.29 -53.34
N ALA C 174 4.95 6.82 -54.20
CA ALA C 174 3.67 6.29 -53.79
C ALA C 174 3.72 4.80 -53.45
N ASP C 175 4.88 4.17 -53.58
CA ASP C 175 5.03 2.74 -53.34
C ASP C 175 6.12 2.50 -52.30
N ALA C 176 6.11 1.30 -51.73
CA ALA C 176 7.09 0.91 -50.71
C ALA C 176 7.71 -0.42 -51.11
N SER C 177 9.03 -0.48 -51.02
CA SER C 177 9.77 -1.71 -51.28
C SER C 177 10.29 -2.22 -49.93
N VAL C 178 9.65 -3.25 -49.40
CA VAL C 178 9.90 -3.71 -48.04
C VAL C 178 10.75 -4.97 -48.09
N GLU C 179 11.90 -4.93 -47.41
CA GLU C 179 12.77 -6.08 -47.29
C GLU C 179 12.39 -6.87 -46.04
N VAL C 180 12.26 -8.19 -46.20
CA VAL C 180 11.86 -9.08 -45.12
C VAL C 180 12.98 -10.08 -44.91
N GLU C 181 13.60 -10.03 -43.73
CA GLU C 181 14.72 -10.89 -43.38
C GLU C 181 14.28 -11.86 -42.30
N VAL C 182 14.44 -13.16 -42.57
CA VAL C 182 14.16 -14.20 -41.59
C VAL C 182 15.49 -14.84 -41.18
N PHE C 183 15.43 -15.63 -40.11
CA PHE C 183 16.60 -16.31 -39.58
C PHE C 183 16.20 -17.70 -39.13
N LEU C 184 16.99 -18.71 -39.50
CA LEU C 184 16.61 -20.10 -39.33
C LEU C 184 17.62 -20.82 -38.45
N THR C 185 17.22 -22.01 -37.99
CA THR C 185 18.07 -22.90 -37.21
C THR C 185 17.89 -24.32 -37.70
N ASN C 186 19.00 -24.99 -38.03
CA ASN C 186 18.98 -26.37 -38.50
C ASN C 186 18.12 -26.51 -39.76
N ALA C 187 18.30 -25.59 -40.70
CA ALA C 187 17.62 -25.68 -41.98
C ALA C 187 18.46 -26.45 -42.98
N ALA C 188 17.82 -26.91 -44.04
CA ALA C 188 18.49 -27.61 -45.13
C ALA C 188 18.42 -26.77 -46.39
N ALA C 189 19.02 -27.28 -47.47
CA ALA C 189 19.08 -26.57 -48.74
C ALA C 189 17.91 -26.89 -49.66
N ASP C 190 16.93 -27.69 -49.21
CA ASP C 190 15.84 -28.13 -50.06
C ASP C 190 14.47 -27.59 -49.67
N GLN C 191 14.31 -27.03 -48.47
CA GLN C 191 13.03 -26.44 -48.09
C GLN C 191 12.92 -25.02 -48.63
N LYS C 192 11.68 -24.63 -48.94
CA LYS C 192 11.42 -23.33 -49.54
C LYS C 192 11.33 -22.25 -48.46
N LEU C 193 10.98 -21.04 -48.88
CA LEU C 193 10.72 -19.93 -47.97
C LEU C 193 9.66 -19.06 -48.62
N VAL C 194 8.46 -19.06 -48.06
CA VAL C 194 7.32 -18.34 -48.63
C VAL C 194 7.16 -17.02 -47.89
N TYR C 195 7.31 -15.91 -48.60
CA TYR C 195 7.12 -14.58 -48.05
C TYR C 195 5.77 -14.04 -48.54
N THR C 196 5.00 -13.45 -47.62
CA THR C 196 3.73 -12.85 -47.98
C THR C 196 3.49 -11.60 -47.15
N VAL C 197 2.97 -10.56 -47.80
CA VAL C 197 2.57 -9.33 -47.14
C VAL C 197 1.07 -9.16 -47.37
N LYS C 198 0.34 -8.82 -46.32
CA LYS C 198 -1.11 -8.80 -46.39
C LYS C 198 -1.66 -7.48 -45.89
N ASP C 199 -2.88 -7.20 -46.35
CA ASP C 199 -3.50 -5.89 -46.07
C ASP C 199 -4.05 -5.78 -44.66
N ALA C 200 -4.56 -4.60 -44.35
CA ALA C 200 -5.10 -4.34 -43.03
C ALA C 200 -6.36 -5.14 -42.74
N GLU C 201 -7.03 -5.62 -43.81
CA GLU C 201 -8.16 -6.54 -43.77
C GLU C 201 -7.77 -7.95 -44.22
N GLY C 202 -6.46 -8.23 -44.33
CA GLY C 202 -5.97 -9.55 -44.65
C GLY C 202 -5.69 -9.79 -46.13
N LYS C 203 -6.08 -8.87 -47.01
CA LYS C 203 -5.94 -9.08 -48.44
C LYS C 203 -4.47 -9.19 -48.83
N GLU C 204 -4.07 -10.35 -49.34
CA GLU C 204 -2.70 -10.55 -49.78
C GLU C 204 -2.36 -9.57 -50.90
N VAL C 205 -1.18 -8.97 -50.82
CA VAL C 205 -0.79 -7.94 -51.78
C VAL C 205 0.54 -8.29 -52.43
N ALA C 206 1.38 -9.07 -51.73
CA ALA C 206 2.67 -9.48 -52.25
C ALA C 206 2.98 -10.90 -51.79
N LYS C 207 3.87 -11.55 -52.54
CA LYS C 207 4.30 -12.90 -52.22
C LYS C 207 5.49 -13.25 -53.09
N THR C 208 6.44 -14.00 -52.53
CA THR C 208 7.54 -14.51 -53.35
C THR C 208 8.29 -15.58 -52.56
N GLU C 209 8.81 -16.54 -53.31
CA GLU C 209 9.32 -17.80 -52.77
C GLU C 209 10.79 -17.92 -53.13
N THR C 210 11.66 -17.85 -52.13
CA THR C 210 13.07 -18.18 -52.30
C THR C 210 13.33 -19.55 -51.69
N ALA C 211 14.58 -19.98 -51.75
CA ALA C 211 14.98 -21.22 -51.09
C ALA C 211 15.51 -20.91 -49.69
N ALA C 212 15.59 -21.96 -48.86
CA ALA C 212 16.05 -21.78 -47.49
C ALA C 212 17.31 -20.94 -47.42
N GLY C 213 18.21 -21.10 -48.40
CA GLY C 213 19.47 -20.37 -48.37
C GLY C 213 19.28 -18.88 -48.57
N GLU C 214 18.21 -18.48 -49.25
CA GLU C 214 17.96 -17.06 -49.50
C GLU C 214 17.16 -16.52 -48.33
N THR C 215 17.88 -16.14 -47.26
CA THR C 215 17.32 -15.61 -46.03
C THR C 215 16.63 -14.25 -46.19
N LYS C 216 16.57 -13.69 -47.41
CA LYS C 216 16.06 -12.34 -47.63
C LYS C 216 15.27 -12.27 -48.92
N ALA C 217 14.23 -11.45 -48.92
CA ALA C 217 13.46 -11.15 -50.12
C ALA C 217 12.92 -9.75 -49.97
N VAL C 218 12.58 -9.14 -51.11
CA VAL C 218 12.01 -7.81 -51.13
C VAL C 218 10.75 -7.86 -51.99
N LEU C 219 9.59 -7.97 -51.35
CA LEU C 219 8.33 -7.67 -52.00
C LEU C 219 8.01 -6.20 -51.80
N SER C 220 7.28 -5.62 -52.74
CA SER C 220 6.98 -4.20 -52.69
C SER C 220 5.50 -3.96 -52.86
N ILE C 221 5.02 -2.91 -52.20
CA ILE C 221 3.60 -2.64 -52.00
C ILE C 221 3.19 -1.48 -52.90
N PRO C 222 2.34 -1.68 -53.91
CA PRO C 222 1.86 -0.55 -54.70
C PRO C 222 0.87 0.29 -53.90
N ALA C 223 0.92 1.61 -54.12
CA ALA C 223 -0.01 2.55 -53.49
C ALA C 223 -0.11 2.29 -51.98
N VAL C 224 1.04 2.27 -51.32
CA VAL C 224 1.13 1.81 -49.94
C VAL C 224 0.43 2.79 -49.01
N HIS C 225 -0.53 2.29 -48.23
CA HIS C 225 -1.07 3.05 -47.11
C HIS C 225 0.04 3.26 -46.08
N LEU C 226 0.41 4.52 -45.84
CA LEU C 226 1.49 4.84 -44.93
C LEU C 226 0.97 4.94 -43.50
N TRP C 227 1.69 4.31 -42.58
CA TRP C 227 1.44 4.52 -41.16
C TRP C 227 1.67 5.99 -40.82
N ASN C 228 0.64 6.67 -40.34
CA ASN C 228 0.65 8.12 -40.15
C ASN C 228 0.15 8.51 -38.77
N GLY C 229 0.67 7.83 -37.75
CA GLY C 229 0.33 8.19 -36.38
C GLY C 229 -1.17 8.10 -36.12
N LYS C 230 -1.66 9.02 -35.28
CA LYS C 230 -3.09 9.05 -34.97
C LYS C 230 -3.92 9.28 -36.22
N LYS C 231 -3.38 10.02 -37.20
CA LYS C 231 -4.13 10.31 -38.42
C LYS C 231 -4.63 9.02 -39.07
N ASP C 232 -3.73 8.08 -39.32
CA ASP C 232 -4.10 6.79 -39.91
C ASP C 232 -3.03 5.75 -39.62
N PRO C 233 -3.15 5.00 -38.52
CA PRO C 233 -2.13 4.01 -38.14
C PRO C 233 -2.26 2.70 -38.93
N TYR C 234 -2.13 2.79 -40.25
CA TYR C 234 -2.26 1.61 -41.09
C TYR C 234 -1.16 0.60 -40.79
N LEU C 235 -1.55 -0.67 -40.70
CA LEU C 235 -0.63 -1.75 -40.38
C LEU C 235 -0.76 -2.86 -41.40
N TYR C 236 0.37 -3.28 -41.97
CA TYR C 236 0.46 -4.48 -42.78
C TYR C 236 0.95 -5.64 -41.93
N THR C 237 0.96 -6.82 -42.53
CA THR C 237 1.47 -8.02 -41.86
C THR C 237 2.46 -8.73 -42.75
N ALA C 238 3.57 -9.16 -42.15
CA ALA C 238 4.55 -10.02 -42.81
C ALA C 238 4.41 -11.45 -42.29
N GLU C 239 4.50 -12.40 -43.21
CA GLU C 239 4.28 -13.81 -42.90
C GLU C 239 5.25 -14.65 -43.74
N VAL C 240 6.17 -15.34 -43.08
CA VAL C 240 7.15 -16.19 -43.76
C VAL C 240 7.01 -17.61 -43.22
N ALA C 241 6.79 -18.56 -44.12
CA ALA C 241 6.68 -19.96 -43.78
C ALA C 241 7.88 -20.73 -44.34
N LEU C 242 8.21 -21.85 -43.69
CA LEU C 242 9.34 -22.70 -44.09
C LEU C 242 8.77 -24.02 -44.62
N VAL C 243 8.54 -24.05 -45.94
CA VAL C 243 7.96 -25.23 -46.59
C VAL C 243 9.02 -26.32 -46.71
N SER C 244 8.57 -27.58 -46.65
CA SER C 244 9.43 -28.75 -46.90
C SER C 244 8.72 -29.63 -47.91
N GLY C 245 8.57 -29.13 -49.12
CA GLY C 245 7.75 -29.77 -50.13
C GLY C 245 6.53 -28.93 -50.42
N GLU C 246 5.34 -29.46 -50.16
CA GLU C 246 4.13 -28.64 -50.14
C GLU C 246 3.55 -28.48 -48.75
N GLU C 247 4.23 -29.00 -47.72
CA GLU C 247 3.83 -28.87 -46.32
C GLU C 247 4.71 -27.86 -45.60
N ALA C 248 4.10 -26.99 -44.79
CA ALA C 248 4.82 -25.96 -44.06
C ALA C 248 5.17 -26.52 -42.67
N VAL C 249 6.44 -26.43 -42.29
CA VAL C 249 6.89 -27.02 -41.04
C VAL C 249 6.99 -25.94 -39.96
N ASP C 250 7.17 -24.71 -40.39
CA ASP C 250 7.27 -23.60 -39.44
C ASP C 250 6.86 -22.30 -40.13
N ALA C 251 6.57 -21.29 -39.31
CA ALA C 251 6.15 -19.99 -39.82
C ALA C 251 6.25 -18.96 -38.72
N VAL C 252 6.51 -17.71 -39.12
CA VAL C 252 6.56 -16.56 -38.21
C VAL C 252 5.93 -15.37 -38.92
N SER C 253 5.59 -14.36 -38.12
CA SER C 253 4.86 -13.21 -38.65
C SER C 253 5.04 -12.01 -37.74
N THR C 254 4.67 -10.85 -38.25
CA THR C 254 4.65 -9.60 -37.48
C THR C 254 3.94 -8.53 -38.29
N ARG C 255 3.18 -7.70 -37.59
CA ARG C 255 2.63 -6.50 -38.21
C ARG C 255 3.74 -5.45 -38.35
N PHE C 256 3.58 -4.57 -39.32
CA PHE C 256 4.54 -3.50 -39.52
C PHE C 256 3.85 -2.31 -40.17
N GLY C 257 4.50 -1.15 -40.06
CA GLY C 257 3.97 0.06 -40.64
C GLY C 257 4.99 0.73 -41.53
N CYS C 258 4.50 1.39 -42.57
CA CYS C 258 5.32 2.04 -43.59
C CYS C 258 5.24 3.55 -43.39
N ARG C 259 6.39 4.16 -43.08
CA ARG C 259 6.41 5.60 -42.84
C ARG C 259 7.85 6.07 -42.76
N THR C 260 8.05 7.34 -43.07
CA THR C 260 9.32 8.03 -42.89
C THR C 260 9.13 9.18 -41.89
N PHE C 261 10.24 9.63 -41.33
CA PHE C 261 10.18 10.67 -40.31
C PHE C 261 11.55 11.32 -40.18
N GLU C 262 11.57 12.49 -39.55
CA GLU C 262 12.81 13.19 -39.25
C GLU C 262 12.58 14.09 -38.06
N ILE C 263 13.66 14.41 -37.37
CA ILE C 263 13.59 15.30 -36.21
C ILE C 263 14.33 16.59 -36.53
N ASP C 264 13.68 17.46 -37.31
CA ASP C 264 14.28 18.73 -37.69
C ASP C 264 14.63 19.54 -36.45
N PRO C 265 15.81 20.16 -36.38
CA PRO C 265 16.19 20.94 -35.19
C PRO C 265 15.46 22.26 -35.05
N GLU C 266 14.63 22.66 -36.02
CA GLU C 266 13.87 23.89 -35.93
C GLU C 266 12.39 23.64 -36.24
N ARG C 267 12.11 22.69 -37.14
CA ARG C 267 10.73 22.36 -37.50
C ARG C 267 10.12 21.29 -36.60
N GLY C 268 10.92 20.66 -35.74
CA GLY C 268 10.45 19.65 -34.82
C GLY C 268 10.35 18.28 -35.46
N PHE C 269 9.41 17.47 -34.98
CA PHE C 269 9.21 16.14 -35.55
C PHE C 269 8.44 16.23 -36.86
N ILE C 270 8.84 15.41 -37.82
CA ILE C 270 8.20 15.34 -39.13
C ILE C 270 7.91 13.88 -39.44
N LEU C 271 6.64 13.58 -39.71
CA LEU C 271 6.20 12.23 -40.02
C LEU C 271 5.57 12.22 -41.41
N ASN C 272 6.19 11.50 -42.34
CA ASN C 272 5.73 11.42 -43.72
C ASN C 272 5.60 12.81 -44.33
N GLY C 273 6.70 13.58 -44.25
CA GLY C 273 6.80 14.86 -44.89
C GLY C 273 6.09 16.01 -44.20
N GLU C 274 5.09 15.73 -43.35
CA GLU C 274 4.32 16.77 -42.70
C GLU C 274 4.76 16.97 -41.26
N GLU C 275 4.59 18.18 -40.76
CA GLU C 275 4.90 18.48 -39.37
C GLU C 275 3.96 17.70 -38.45
N TYR C 276 4.48 17.24 -37.32
CA TYR C 276 3.74 16.37 -36.41
C TYR C 276 4.26 16.60 -35.00
N PRO C 277 3.87 17.71 -34.38
CA PRO C 277 4.36 18.01 -33.03
C PRO C 277 4.14 16.85 -32.07
N LEU C 278 5.17 16.53 -31.29
CA LEU C 278 5.13 15.41 -30.35
C LEU C 278 4.93 15.96 -28.95
N ARG C 279 3.69 15.99 -28.50
CA ARG C 279 3.33 16.43 -27.15
C ARG C 279 2.64 15.28 -26.44
N GLY C 280 3.28 14.76 -25.40
CA GLY C 280 2.79 13.57 -24.75
C GLY C 280 3.26 13.39 -23.32
N VAL C 281 3.44 12.12 -22.93
CA VAL C 281 3.67 11.76 -21.53
C VAL C 281 4.53 10.50 -21.48
N SER C 282 5.06 10.21 -20.29
CA SER C 282 5.74 8.97 -20.00
C SER C 282 4.85 8.07 -19.15
N ARG C 283 5.19 6.78 -19.10
CA ARG C 283 4.35 5.80 -18.40
C ARG C 283 5.23 4.70 -17.82
N HIS C 284 5.00 4.38 -16.55
CA HIS C 284 5.63 3.24 -15.91
C HIS C 284 4.72 2.02 -15.99
N GLN C 285 5.33 0.84 -16.06
CA GLN C 285 4.60 -0.41 -16.29
C GLN C 285 4.16 -1.08 -14.99
N ASP C 286 3.64 -0.33 -14.03
CA ASP C 286 3.15 -0.92 -12.79
C ASP C 286 1.76 -0.38 -12.50
N ARG C 287 1.22 -0.79 -11.35
CA ARG C 287 -0.17 -0.48 -11.00
C ARG C 287 -0.34 -0.73 -9.50
N TRP C 288 -1.09 0.15 -8.85
CA TRP C 288 -1.29 0.02 -7.41
C TRP C 288 -1.93 -1.33 -7.10
N GLY C 289 -1.27 -2.11 -6.24
CA GLY C 289 -1.79 -3.37 -5.77
C GLY C 289 -1.17 -4.60 -6.40
N ILE C 290 -0.66 -4.50 -7.62
CA ILE C 290 -0.14 -5.66 -8.33
C ILE C 290 1.30 -5.44 -8.78
N GLY C 291 2.01 -4.49 -8.18
CA GLY C 291 3.35 -4.17 -8.63
C GLY C 291 3.38 -3.98 -10.13
N ASN C 292 4.19 -4.79 -10.81
CA ASN C 292 4.23 -4.78 -12.28
C ASN C 292 3.59 -6.04 -12.88
N ALA C 293 2.90 -6.84 -12.07
CA ALA C 293 2.19 -8.02 -12.57
C ALA C 293 0.93 -7.58 -13.31
N LEU C 294 1.16 -6.95 -14.46
CA LEU C 294 0.06 -6.38 -15.23
C LEU C 294 -0.61 -7.42 -16.11
N LEU C 295 -1.92 -7.26 -16.29
CA LEU C 295 -2.71 -8.08 -17.19
C LEU C 295 -3.07 -7.28 -18.44
N PRO C 296 -3.32 -7.95 -19.56
CA PRO C 296 -3.56 -7.22 -20.82
C PRO C 296 -4.60 -6.11 -20.70
N GLU C 297 -5.63 -6.27 -19.86
CA GLU C 297 -6.61 -5.20 -19.71
C GLU C 297 -6.00 -3.98 -19.02
N HIS C 298 -4.88 -4.15 -18.32
CA HIS C 298 -4.23 -3.01 -17.69
C HIS C 298 -3.50 -2.16 -18.73
N HIS C 299 -2.77 -2.80 -19.63
CA HIS C 299 -2.18 -2.05 -20.75
C HIS C 299 -3.27 -1.36 -21.56
N ARG C 300 -4.39 -2.03 -21.80
CA ARG C 300 -5.49 -1.44 -22.55
C ARG C 300 -6.00 -0.18 -21.85
N GLU C 301 -6.24 -0.26 -20.55
CA GLU C 301 -6.78 0.88 -19.81
C GLU C 301 -5.78 2.02 -19.76
N ASP C 302 -4.51 1.72 -19.51
CA ASP C 302 -3.49 2.77 -19.46
C ASP C 302 -3.46 3.56 -20.78
N ILE C 303 -3.35 2.85 -21.90
CA ILE C 303 -3.26 3.54 -23.19
C ILE C 303 -4.57 4.21 -23.55
N ASP C 304 -5.69 3.69 -23.05
CA ASP C 304 -6.98 4.34 -23.30
C ASP C 304 -7.02 5.70 -22.63
N LEU C 305 -6.59 5.79 -21.37
CA LEU C 305 -6.55 7.07 -20.68
C LEU C 305 -5.61 8.04 -21.40
N ILE C 306 -4.52 7.53 -21.97
CA ILE C 306 -3.57 8.39 -22.65
C ILE C 306 -4.20 9.02 -23.89
N CYS C 307 -4.95 8.23 -24.67
CA CYS C 307 -5.61 8.74 -25.88
C CYS C 307 -6.75 9.68 -25.53
N GLU C 308 -7.48 9.41 -24.46
CA GLU C 308 -8.45 10.39 -23.99
C GLU C 308 -7.77 11.74 -23.79
N LEU C 309 -6.60 11.73 -23.14
CA LEU C 309 -5.82 12.95 -23.02
C LEU C 309 -5.39 13.49 -24.38
N GLY C 310 -5.11 12.59 -25.32
CA GLY C 310 -4.72 12.99 -26.66
C GLY C 310 -3.23 13.07 -26.93
N ALA C 311 -2.40 12.54 -26.03
CA ALA C 311 -0.96 12.58 -26.24
C ALA C 311 -0.60 11.97 -27.60
N THR C 312 0.32 12.62 -28.30
CA THR C 312 0.80 12.14 -29.59
C THR C 312 2.07 11.30 -29.47
N THR C 313 2.75 11.35 -28.33
CA THR C 313 3.93 10.55 -28.08
C THR C 313 3.87 10.00 -26.66
N ILE C 314 4.53 8.86 -26.46
CA ILE C 314 4.72 8.30 -25.12
C ILE C 314 6.20 7.97 -24.98
N ARG C 315 6.78 8.35 -23.84
CA ARG C 315 8.14 7.94 -23.50
C ARG C 315 8.03 6.74 -22.58
N LEU C 316 8.43 5.57 -23.07
CA LEU C 316 8.34 4.33 -22.31
C LEU C 316 9.64 4.10 -21.53
N ALA C 317 9.82 4.94 -20.52
CA ALA C 317 10.91 4.79 -19.57
C ALA C 317 10.57 3.71 -18.54
N HIS C 318 11.58 3.26 -17.79
CA HIS C 318 13.00 3.55 -18.01
C HIS C 318 13.66 2.30 -18.58
N TYR C 319 12.91 1.54 -19.37
CA TYR C 319 13.26 0.16 -19.66
C TYR C 319 12.39 -0.32 -20.80
N GLN C 320 12.61 -1.57 -21.22
CA GLN C 320 11.73 -2.19 -22.18
C GLN C 320 10.36 -2.45 -21.54
N HIS C 321 9.31 -2.22 -22.32
CA HIS C 321 7.95 -2.43 -21.86
C HIS C 321 7.40 -3.72 -22.48
N ASP C 322 6.13 -4.00 -22.21
CA ASP C 322 5.53 -5.24 -22.68
C ASP C 322 5.26 -5.18 -24.18
N GLN C 323 5.52 -6.31 -24.85
CA GLN C 323 5.27 -6.41 -26.29
C GLN C 323 3.84 -5.97 -26.61
N TYR C 324 2.89 -6.30 -25.74
CA TYR C 324 1.50 -5.95 -25.99
C TYR C 324 1.31 -4.43 -26.01
N PHE C 325 1.99 -3.72 -25.11
CA PHE C 325 1.83 -2.27 -25.05
C PHE C 325 2.39 -1.59 -26.30
N TYR C 326 3.55 -2.04 -26.78
CA TYR C 326 4.04 -1.56 -28.06
C TYR C 326 3.04 -1.84 -29.17
N ASP C 327 2.42 -3.02 -29.14
CA ASP C 327 1.40 -3.35 -30.14
C ASP C 327 0.26 -2.34 -30.11
N LEU C 328 -0.26 -2.04 -28.93
CA LEU C 328 -1.31 -1.03 -28.82
C LEU C 328 -0.86 0.29 -29.42
N CYS C 329 0.39 0.67 -29.15
CA CYS C 329 0.91 1.92 -29.70
C CYS C 329 0.85 1.91 -31.22
N ASP C 330 1.27 0.80 -31.84
CA ASP C 330 1.21 0.72 -33.29
C ASP C 330 -0.23 0.82 -33.79
N GLU C 331 -1.16 0.13 -33.13
CA GLU C 331 -2.56 0.18 -33.53
C GLU C 331 -3.13 1.59 -33.43
N ARG C 332 -2.81 2.30 -32.34
CA ARG C 332 -3.35 3.63 -32.11
C ARG C 332 -2.56 4.73 -32.81
N GLY C 333 -1.36 4.43 -33.30
CA GLY C 333 -0.58 5.43 -33.99
C GLY C 333 0.15 6.40 -33.09
N LEU C 334 0.54 5.96 -31.89
CA LEU C 334 1.35 6.79 -31.02
C LEU C 334 2.82 6.66 -31.38
N VAL C 335 3.59 7.72 -31.14
CA VAL C 335 5.01 7.76 -31.43
C VAL C 335 5.77 7.54 -30.12
N ILE C 336 6.71 6.61 -30.11
CA ILE C 336 7.21 6.01 -28.88
C ILE C 336 8.71 6.22 -28.76
N TRP C 337 9.15 6.52 -27.54
CA TRP C 337 10.55 6.61 -27.15
C TRP C 337 10.84 5.42 -26.24
N ALA C 338 11.61 4.46 -26.74
CA ALA C 338 12.02 3.29 -25.97
C ALA C 338 13.45 3.48 -25.48
N GLU C 339 13.77 2.87 -24.35
CA GLU C 339 15.09 3.07 -23.75
C GLU C 339 15.43 1.87 -22.87
N ILE C 340 16.68 1.86 -22.40
CA ILE C 340 17.18 0.82 -21.49
C ILE C 340 17.38 1.44 -20.12
N PRO C 341 17.41 0.62 -19.04
CA PRO C 341 17.54 1.19 -17.69
C PRO C 341 18.97 1.59 -17.33
N TYR C 342 19.71 2.11 -18.30
CA TYR C 342 21.07 2.63 -18.10
C TYR C 342 20.93 4.04 -17.53
N ILE C 343 20.82 4.13 -16.21
CA ILE C 343 20.22 5.31 -15.60
C ILE C 343 21.06 5.90 -14.46
N SER C 345 23.80 6.82 -12.85
CA SER C 345 25.14 6.59 -12.33
C SER C 345 25.84 5.48 -13.11
N HIS C 346 26.95 5.82 -13.76
CA HIS C 346 27.64 4.89 -14.64
C HIS C 346 28.38 3.84 -13.81
N MET C 347 28.07 2.57 -14.06
CA MET C 347 28.82 1.46 -13.47
C MET C 347 29.83 0.96 -14.50
N PRO C 348 31.13 1.16 -14.29
CA PRO C 348 32.09 0.60 -15.26
C PRO C 348 31.83 -0.86 -15.57
N ASN C 349 31.57 -1.68 -14.54
CA ASN C 349 31.24 -3.09 -14.72
C ASN C 349 29.85 -3.31 -15.28
N GLY C 350 29.11 -2.24 -15.60
CA GLY C 350 27.79 -2.40 -16.18
C GLY C 350 27.75 -2.49 -17.68
N ARG C 351 28.89 -2.24 -18.34
CA ARG C 351 28.91 -2.15 -19.79
C ARG C 351 28.31 -3.38 -20.45
N GLU C 352 28.70 -4.58 -19.99
CA GLU C 352 28.18 -5.80 -20.58
C GLU C 352 26.66 -5.79 -20.63
N ASN C 353 26.02 -5.32 -19.56
CA ASN C 353 24.55 -5.38 -19.49
C ASN C 353 23.91 -4.36 -20.42
N THR C 354 24.48 -3.16 -20.52
CA THR C 354 23.94 -2.16 -21.43
C THR C 354 23.91 -2.68 -22.86
N ILE C 355 24.99 -3.34 -23.30
CA ILE C 355 25.03 -3.85 -24.66
C ILE C 355 24.07 -5.01 -24.83
N SER C 356 23.92 -5.85 -23.79
CA SER C 356 23.00 -6.97 -23.89
C SER C 356 21.54 -6.51 -23.85
N GLN C 357 21.20 -5.66 -22.87
CA GLN C 357 19.84 -5.13 -22.80
C GLN C 357 19.50 -4.34 -24.07
N MET C 358 20.39 -3.46 -24.49
CA MET C 358 20.13 -2.64 -25.67
C MET C 358 19.98 -3.50 -26.92
N LYS C 359 20.86 -4.48 -27.10
CA LYS C 359 20.68 -5.41 -28.22
C LYS C 359 19.32 -6.08 -28.15
N GLU C 360 18.91 -6.52 -26.96
CA GLU C 360 17.59 -7.11 -26.80
C GLU C 360 16.50 -6.11 -27.16
N LEU C 361 16.66 -4.85 -26.73
CA LEU C 361 15.64 -3.84 -27.00
C LEU C 361 15.43 -3.62 -28.49
N VAL C 362 16.51 -3.63 -29.27
CA VAL C 362 16.39 -3.39 -30.71
C VAL C 362 15.90 -4.63 -31.43
N VAL C 363 16.45 -5.80 -31.08
CA VAL C 363 16.06 -7.04 -31.76
C VAL C 363 14.60 -7.37 -31.50
N GLN C 364 14.13 -7.11 -30.29
CA GLN C 364 12.78 -7.48 -29.89
C GLN C 364 11.73 -6.43 -30.23
N ASN C 365 12.13 -5.26 -30.73
CA ASN C 365 11.16 -4.21 -31.01
C ASN C 365 11.37 -3.54 -32.36
N TYR C 366 12.24 -4.08 -33.22
CA TYR C 366 12.57 -3.43 -34.48
C TYR C 366 11.35 -3.24 -35.37
N ASN C 367 10.30 -4.04 -35.21
CA ASN C 367 9.18 -4.04 -36.13
C ASN C 367 8.05 -3.11 -35.69
N HIS C 368 8.17 -2.46 -34.54
CA HIS C 368 7.11 -1.57 -34.06
C HIS C 368 7.18 -0.23 -34.77
N PRO C 369 6.25 0.07 -35.67
CA PRO C 369 6.32 1.35 -36.40
C PRO C 369 6.15 2.56 -35.51
N SER C 370 5.65 2.40 -34.28
CA SER C 370 5.49 3.51 -33.35
C SER C 370 6.81 3.96 -32.74
N ILE C 371 7.86 3.16 -32.85
CA ILE C 371 9.17 3.49 -32.28
C ILE C 371 9.96 4.29 -33.30
N VAL C 372 10.71 5.29 -32.84
CA VAL C 372 11.53 6.08 -33.75
C VAL C 372 12.85 6.53 -33.13
N VAL C 373 12.96 6.47 -31.80
CA VAL C 373 14.20 6.81 -31.10
C VAL C 373 14.47 5.78 -30.02
N TRP C 374 15.71 5.29 -29.97
CA TRP C 374 16.17 4.39 -28.92
C TRP C 374 16.89 5.20 -27.84
N GLY C 375 16.33 5.21 -26.64
CA GLY C 375 16.96 5.92 -25.54
C GLY C 375 18.22 5.20 -25.06
N LEU C 376 19.32 5.94 -24.96
CA LEU C 376 20.59 5.36 -24.53
C LEU C 376 20.72 5.31 -23.02
N SER C 377 20.32 6.37 -22.32
CA SER C 377 20.48 6.45 -20.88
C SER C 377 19.55 7.54 -20.35
N ASN C 378 19.39 7.55 -19.02
CA ASN C 378 18.59 8.55 -18.33
C ASN C 378 19.42 9.14 -17.19
N GLU C 379 19.84 10.41 -17.34
CA GLU C 379 20.50 11.17 -16.27
C GLU C 379 21.80 10.52 -15.82
N ILE C 380 22.54 9.93 -16.76
CA ILE C 380 23.65 9.04 -16.46
C ILE C 380 24.86 9.79 -15.91
N THR C 381 24.80 11.12 -15.90
CA THR C 381 25.91 11.88 -15.35
C THR C 381 25.61 12.45 -13.98
N MET C 382 24.48 12.07 -13.37
CA MET C 382 24.19 12.53 -12.02
C MET C 382 25.28 12.15 -11.03
N ALA C 383 25.97 11.03 -11.29
CA ALA C 383 27.01 10.53 -10.39
C ALA C 383 28.27 11.38 -10.47
N GLY C 384 28.99 11.27 -11.57
CA GLY C 384 30.10 12.16 -11.88
C GLY C 384 29.92 12.63 -13.31
N SER C 385 30.98 13.20 -13.88
CA SER C 385 30.92 13.72 -15.27
C SER C 385 31.49 12.71 -16.25
N SER C 386 31.24 12.93 -17.54
CA SER C 386 31.63 11.92 -18.55
C SER C 386 33.15 11.65 -18.56
N ASP C 387 33.57 10.53 -17.98
CA ASP C 387 34.99 10.11 -18.03
C ASP C 387 35.19 9.29 -19.30
N GLU C 388 36.41 8.80 -19.56
CA GLU C 388 36.52 7.98 -20.76
C GLU C 388 35.52 6.82 -20.75
N ASP C 389 35.33 6.19 -19.60
CA ASP C 389 34.47 5.01 -19.53
C ASP C 389 33.01 5.38 -19.80
N LEU C 390 32.53 6.45 -19.19
CA LEU C 390 31.15 6.87 -19.44
C LEU C 390 30.93 7.17 -20.92
N LEU C 391 31.87 7.87 -21.54
CA LEU C 391 31.73 8.24 -22.95
C LEU C 391 31.95 7.04 -23.87
N GLU C 392 32.97 6.22 -23.59
CA GLU C 392 33.17 5.04 -24.40
C GLU C 392 31.97 4.10 -24.35
N ASN C 393 31.28 4.07 -23.21
CA ASN C 393 30.06 3.26 -23.11
C ASN C 393 28.98 3.79 -24.06
N HIS C 394 28.75 5.10 -24.05
CA HIS C 394 27.70 5.67 -24.89
C HIS C 394 28.05 5.58 -26.37
N ARG C 395 29.33 5.66 -26.73
CA ARG C 395 29.71 5.51 -28.12
C ARG C 395 29.46 4.08 -28.61
N ILE C 396 29.84 3.09 -27.81
CA ILE C 396 29.63 1.70 -28.18
C ILE C 396 28.15 1.43 -28.40
N LEU C 397 27.30 1.84 -27.43
CA LEU C 397 25.86 1.72 -27.61
C LEU C 397 25.39 2.48 -28.83
N ASN C 398 25.76 3.77 -28.92
CA ASN C 398 25.28 4.60 -30.01
C ASN C 398 25.70 4.04 -31.37
N ASP C 399 26.97 3.63 -31.49
CA ASP C 399 27.41 3.01 -32.74
C ASP C 399 26.63 1.74 -33.02
N MET C 400 26.59 0.82 -32.04
CA MET C 400 25.95 -0.47 -32.24
C MET C 400 24.50 -0.32 -32.70
N VAL C 401 23.74 0.55 -32.04
CA VAL C 401 22.35 0.76 -32.43
C VAL C 401 22.26 1.14 -33.91
N HIS C 402 23.28 1.82 -34.42
CA HIS C 402 23.19 2.39 -35.76
C HIS C 402 23.41 1.33 -36.84
N GLU C 403 24.28 0.35 -36.59
CA GLU C 403 24.40 -0.76 -37.54
C GLU C 403 23.09 -1.53 -37.65
N MET C 404 22.54 -1.95 -36.52
CA MET C 404 21.35 -2.79 -36.53
C MET C 404 20.16 -2.04 -37.15
N ASP C 405 19.96 -0.79 -36.76
CA ASP C 405 18.80 0.00 -37.18
C ASP C 405 19.28 1.26 -37.90
N HIS C 406 19.22 1.23 -39.23
CA HIS C 406 19.47 2.42 -40.04
C HIS C 406 18.29 3.38 -40.05
N THR C 407 17.13 2.98 -39.52
CA THR C 407 15.89 3.70 -39.74
C THR C 407 15.47 4.59 -38.57
N ARG C 408 16.11 4.45 -37.41
CA ARG C 408 15.75 5.22 -36.23
C ARG C 408 16.95 6.05 -35.78
N LEU C 409 16.72 6.86 -34.75
CA LEU C 409 17.72 7.76 -34.22
C LEU C 409 17.90 7.53 -32.72
N THR C 410 19.14 7.70 -32.26
CA THR C 410 19.47 7.56 -30.85
C THR C 410 19.30 8.89 -30.12
N THR C 411 18.88 8.82 -28.87
CA THR C 411 18.69 10.00 -28.04
C THR C 411 19.18 9.70 -26.63
N ILE C 412 19.04 10.71 -25.74
CA ILE C 412 19.41 10.58 -24.34
C ILE C 412 18.53 11.51 -23.54
N ALA C 413 18.43 11.23 -22.23
CA ALA C 413 17.68 12.06 -21.30
C ALA C 413 18.65 12.60 -20.28
N VAL C 414 18.94 13.90 -20.36
CA VAL C 414 19.99 14.52 -19.56
C VAL C 414 19.42 15.03 -18.25
N VAL C 415 20.19 14.87 -17.18
CA VAL C 415 19.77 15.36 -15.88
C VAL C 415 19.86 16.89 -15.87
N SER C 416 18.98 17.51 -15.06
CA SER C 416 18.78 18.95 -15.12
C SER C 416 20.10 19.71 -15.05
N MET C 417 20.86 19.49 -13.98
CA MET C 417 22.04 20.29 -13.71
C MET C 417 23.24 19.95 -14.59
N CYS C 418 23.10 19.05 -15.56
CA CYS C 418 24.23 18.69 -16.40
C CYS C 418 24.55 19.85 -17.34
N ASP C 419 25.79 20.33 -17.27
CA ASP C 419 26.25 21.37 -18.19
C ASP C 419 25.88 21.01 -19.62
N ILE C 420 25.37 22.00 -20.36
CA ILE C 420 24.98 21.74 -21.74
C ILE C 420 26.20 21.42 -22.60
N HIS C 421 27.39 21.75 -22.14
CA HIS C 421 28.63 21.48 -22.86
C HIS C 421 29.28 20.15 -22.45
N ASP C 422 28.57 19.31 -21.69
CA ASP C 422 29.15 18.03 -21.31
C ASP C 422 29.38 17.17 -22.56
N PRO C 423 30.47 16.40 -22.61
CA PRO C 423 30.84 15.73 -23.87
C PRO C 423 29.80 14.75 -24.38
N TYR C 424 29.10 14.02 -23.49
CA TYR C 424 28.24 12.94 -23.98
C TYR C 424 26.98 13.47 -24.65
N ILE C 425 26.66 14.75 -24.49
CA ILE C 425 25.55 15.35 -25.20
C ILE C 425 25.77 15.39 -26.71
N GLN C 426 27.01 15.17 -27.17
CA GLN C 426 27.34 15.23 -28.58
C GLN C 426 27.32 13.87 -29.28
N ILE C 427 27.21 12.79 -28.53
CA ILE C 427 27.35 11.43 -29.06
C ILE C 427 26.09 11.01 -29.80
N PRO C 428 24.90 11.18 -29.24
CA PRO C 428 23.68 10.69 -29.88
C PRO C 428 23.12 11.68 -30.91
N ASP C 429 22.06 11.23 -31.60
CA ASP C 429 21.49 12.03 -32.67
C ASP C 429 20.69 13.21 -32.11
N VAL C 430 19.85 12.95 -31.10
CA VAL C 430 19.04 13.98 -30.47
C VAL C 430 19.22 13.88 -28.96
N ILE C 431 18.74 14.90 -28.26
CA ILE C 431 18.81 14.94 -26.80
C ILE C 431 17.61 15.70 -26.26
N SER C 432 17.18 15.30 -25.07
CA SER C 432 16.16 16.00 -24.30
C SER C 432 16.63 16.13 -22.87
N TYR C 433 16.06 17.09 -22.16
CA TYR C 433 16.44 17.36 -20.78
C TYR C 433 15.27 17.05 -19.83
N ASN C 434 15.62 16.70 -18.60
CA ASN C 434 14.66 16.48 -17.52
C ASN C 434 14.77 17.67 -16.57
N HIS C 435 13.80 18.58 -16.65
CA HIS C 435 13.84 19.82 -15.89
C HIS C 435 12.62 19.91 -14.98
N TYR C 436 12.86 20.24 -13.72
CA TYR C 436 11.80 20.38 -12.72
C TYR C 436 11.81 21.77 -12.10
N PHE C 437 12.17 22.77 -12.90
CA PHE C 437 12.05 24.17 -12.46
C PHE C 437 10.62 24.46 -12.05
N GLY C 438 10.42 24.84 -10.80
CA GLY C 438 9.10 25.03 -10.25
C GLY C 438 8.62 23.91 -9.35
N TRP C 439 9.35 22.79 -9.30
CA TRP C 439 9.12 21.77 -8.27
C TRP C 439 10.37 21.54 -7.42
N TYR C 440 11.46 21.05 -8.02
CA TYR C 440 12.73 20.93 -7.31
C TYR C 440 13.44 22.29 -7.33
N GLY C 441 12.85 23.23 -6.59
CA GLY C 441 13.35 24.58 -6.54
C GLY C 441 13.12 25.35 -7.83
N GLY C 442 13.44 26.64 -7.82
CA GLY C 442 13.31 27.44 -9.02
C GLY C 442 11.91 27.97 -9.23
N ASP C 443 11.65 28.40 -10.46
CA ASP C 443 10.35 28.90 -10.87
C ASP C 443 9.98 28.26 -12.20
N VAL C 444 8.66 28.09 -12.41
CA VAL C 444 8.20 27.45 -13.63
C VAL C 444 8.48 28.29 -14.87
N SER C 445 8.77 29.58 -14.70
CA SER C 445 9.04 30.44 -15.84
C SER C 445 10.43 30.21 -16.41
N MET C 446 11.34 29.60 -15.65
CA MET C 446 12.70 29.38 -16.12
C MET C 446 12.79 28.36 -17.25
N ASN C 447 11.69 27.65 -17.55
CA ASN C 447 11.78 26.52 -18.47
C ASN C 447 11.96 26.98 -19.91
N GLY C 448 11.10 27.88 -20.38
CA GLY C 448 11.16 28.37 -21.74
C GLY C 448 12.51 28.97 -22.07
N PRO C 449 12.92 29.99 -21.30
CA PRO C 449 14.25 30.59 -21.54
C PRO C 449 15.37 29.56 -21.57
N TRP C 450 15.36 28.61 -20.63
CA TRP C 450 16.41 27.61 -20.58
C TRP C 450 16.55 26.90 -21.91
N MET C 451 15.45 26.30 -22.41
CA MET C 451 15.51 25.63 -23.70
C MET C 451 15.98 26.57 -24.79
N ASP C 452 15.50 27.82 -24.78
CA ASP C 452 15.98 28.81 -25.74
C ASP C 452 17.50 28.95 -25.67
N ASN C 453 18.04 29.04 -24.45
CA ASN C 453 19.47 29.25 -24.29
C ASN C 453 20.27 28.07 -24.83
N PHE C 454 19.79 26.84 -24.60
CA PHE C 454 20.43 25.69 -25.23
C PHE C 454 20.27 25.74 -26.74
N HIS C 455 19.09 26.15 -27.22
CA HIS C 455 18.85 26.19 -28.66
C HIS C 455 19.82 27.14 -29.35
N LYS C 456 20.12 28.27 -28.72
CA LYS C 456 21.07 29.21 -29.33
C LYS C 456 22.47 28.58 -29.40
N GLU C 457 22.89 27.88 -28.34
CA GLU C 457 24.25 27.38 -28.28
C GLU C 457 24.48 26.24 -29.27
N PHE C 458 23.52 25.32 -29.35
CA PHE C 458 23.62 24.13 -30.21
C PHE C 458 22.40 24.07 -31.11
N PRO C 459 22.27 25.02 -32.04
CA PRO C 459 21.05 25.08 -32.87
C PRO C 459 20.80 23.85 -33.72
N ASN C 460 21.80 22.99 -33.94
CA ASN C 460 21.62 21.80 -34.78
C ASN C 460 21.53 20.52 -33.96
N ILE C 461 21.50 20.63 -32.64
CA ILE C 461 21.20 19.49 -31.79
C ILE C 461 19.72 19.55 -31.44
N PRO C 462 18.87 18.76 -32.09
CA PRO C 462 17.44 18.79 -31.74
C PRO C 462 17.26 18.57 -30.25
N LEU C 463 16.52 19.49 -29.62
CA LEU C 463 16.36 19.48 -28.17
C LEU C 463 14.91 19.15 -27.83
N GLY C 464 14.74 18.26 -26.85
CA GLY C 464 13.43 17.91 -26.35
C GLY C 464 13.34 18.10 -24.84
N MET C 465 12.14 17.89 -24.33
CA MET C 465 11.89 17.85 -22.89
C MET C 465 11.43 16.43 -22.58
N SER C 466 12.40 15.61 -22.17
CA SER C 466 12.14 14.18 -21.87
C SER C 466 11.35 14.06 -20.59
N GLU C 467 11.50 15.03 -19.70
CA GLU C 467 10.80 14.90 -18.41
C GLU C 467 10.52 16.26 -17.80
N TYR C 468 9.38 16.41 -17.13
CA TYR C 468 9.00 17.65 -16.44
C TYR C 468 7.70 17.37 -15.73
N GLY C 469 7.52 17.90 -14.52
CA GLY C 469 6.31 17.61 -13.79
C GLY C 469 6.40 18.18 -12.38
N CYS C 470 5.43 17.76 -11.57
CA CYS C 470 5.25 18.33 -10.24
C CYS C 470 4.26 17.48 -9.47
N GLU C 471 4.56 17.21 -8.21
CA GLU C 471 3.73 16.33 -7.39
C GLU C 471 2.34 16.91 -7.19
N ALA C 472 1.39 16.02 -6.88
CA ALA C 472 0.03 16.43 -6.59
C ALA C 472 -0.71 15.27 -5.94
N LEU C 473 -1.27 15.52 -4.76
CA LEU C 473 -2.15 14.57 -4.08
C LEU C 473 -3.45 15.29 -3.71
N ASN C 474 -4.27 14.66 -2.86
CA ASN C 474 -5.57 15.24 -2.50
C ASN C 474 -5.41 16.27 -1.39
N TRP C 475 -4.58 17.28 -1.68
CA TRP C 475 -4.45 18.47 -0.86
C TRP C 475 -4.89 19.67 -1.68
N HIS C 476 -5.34 20.72 -1.00
CA HIS C 476 -5.93 21.84 -1.72
C HIS C 476 -5.61 23.14 -1.01
N THR C 477 -5.67 24.24 -1.77
CA THR C 477 -5.38 25.55 -1.24
C THR C 477 -5.88 26.61 -2.21
N SER C 478 -6.06 27.83 -1.71
CA SER C 478 -6.32 28.99 -2.55
C SER C 478 -5.06 29.81 -2.82
N ASP C 479 -3.96 29.56 -2.08
CA ASP C 479 -2.66 30.20 -2.29
C ASP C 479 -1.67 29.11 -2.69
N PRO C 480 -1.78 28.57 -3.91
CA PRO C 480 -0.86 27.50 -4.31
C PRO C 480 0.61 27.94 -4.23
N LYS C 481 1.45 27.05 -3.71
CA LYS C 481 2.86 27.32 -3.57
C LYS C 481 3.65 26.05 -3.83
N GLN C 482 4.89 26.22 -4.31
CA GLN C 482 5.77 25.08 -4.53
C GLN C 482 6.01 24.35 -3.22
N GLY C 483 5.67 23.07 -3.18
CA GLY C 483 5.87 22.25 -2.01
C GLY C 483 4.68 22.10 -1.09
N ASP C 484 3.51 22.62 -1.47
CA ASP C 484 2.30 22.33 -0.71
C ASP C 484 1.59 21.07 -1.20
N TYR C 485 2.07 20.47 -2.29
CA TYR C 485 1.59 19.19 -2.81
C TYR C 485 0.12 19.22 -3.21
N THR C 486 -0.48 20.41 -3.33
CA THR C 486 -1.90 20.51 -3.60
C THR C 486 -2.19 20.26 -5.08
N GLU C 487 -3.42 19.86 -5.37
CA GLU C 487 -3.84 19.67 -6.75
C GLU C 487 -3.81 20.98 -7.52
N GLU C 488 -4.13 22.09 -6.84
CA GLU C 488 -4.17 23.39 -7.51
C GLU C 488 -2.83 23.75 -8.11
N TYR C 489 -1.78 23.78 -7.28
CA TYR C 489 -0.48 24.21 -7.77
C TYR C 489 0.00 23.34 -8.92
N GLN C 490 -0.29 22.04 -8.87
CA GLN C 490 0.14 21.16 -9.95
C GLN C 490 -0.60 21.48 -11.25
N ALA C 491 -1.86 21.92 -11.14
CA ALA C 491 -2.58 22.38 -12.32
C ALA C 491 -1.98 23.66 -12.86
N TYR C 492 -1.70 24.62 -11.97
CA TYR C 492 -1.03 25.85 -12.38
C TYR C 492 0.30 25.54 -13.04
N TYR C 493 1.13 24.71 -12.40
CA TYR C 493 2.43 24.37 -12.96
C TYR C 493 2.31 23.91 -14.41
N HIS C 494 1.36 23.01 -14.68
CA HIS C 494 1.23 22.45 -16.01
C HIS C 494 0.59 23.42 -16.99
N GLU C 495 -0.33 24.27 -16.52
CA GLU C 495 -0.80 25.37 -17.36
C GLU C 495 0.38 26.18 -17.89
N GLU C 496 1.29 26.57 -16.99
CA GLU C 496 2.43 27.39 -17.39
C GLU C 496 3.38 26.62 -18.31
N MET C 497 3.65 25.35 -17.97
CA MET C 497 4.57 24.56 -18.80
C MET C 497 4.02 24.39 -20.21
N ILE C 498 2.70 24.19 -20.34
CA ILE C 498 2.11 24.03 -21.66
C ILE C 498 2.27 25.30 -22.48
N LYS C 499 2.04 26.46 -21.85
CA LYS C 499 2.17 27.72 -22.57
C LYS C 499 3.58 27.91 -23.11
N GLN C 500 4.59 27.42 -22.38
CA GLN C 500 5.98 27.62 -22.81
C GLN C 500 6.42 26.55 -23.80
N LEU C 501 6.09 25.29 -23.53
CA LEU C 501 6.63 24.21 -24.34
C LEU C 501 5.87 24.03 -25.65
N PHE C 502 4.53 24.11 -25.60
CA PHE C 502 3.74 23.79 -26.79
C PHE C 502 3.82 24.89 -27.85
N THR C 503 4.27 26.09 -27.48
CA THR C 503 4.42 27.20 -28.41
C THR C 503 5.80 27.26 -29.05
N ARG C 504 6.71 26.36 -28.69
CA ARG C 504 8.08 26.38 -29.18
C ARG C 504 8.26 25.17 -30.11
N LYS C 505 8.07 25.41 -31.41
CA LYS C 505 8.04 24.33 -32.39
C LYS C 505 9.35 23.54 -32.47
N TYR C 506 10.46 24.11 -31.99
CA TYR C 506 11.74 23.44 -32.19
C TYR C 506 11.97 22.31 -31.19
N ILE C 507 11.37 22.39 -30.00
CA ILE C 507 11.38 21.27 -29.08
C ILE C 507 10.71 20.09 -29.76
N TRP C 508 11.49 19.06 -30.09
CA TRP C 508 10.95 17.98 -30.93
C TRP C 508 9.94 17.13 -30.18
N ALA C 509 10.08 16.98 -28.87
CA ALA C 509 9.16 16.16 -28.11
C ALA C 509 9.17 16.59 -26.65
N THR C 510 7.98 16.78 -26.08
CA THR C 510 7.81 17.00 -24.65
C THR C 510 7.07 15.82 -24.05
N HIS C 511 7.45 15.43 -22.83
CA HIS C 511 6.90 14.24 -22.17
C HIS C 511 6.60 14.58 -20.72
N VAL C 512 5.31 14.74 -20.39
CA VAL C 512 4.94 14.91 -19.00
C VAL C 512 5.41 13.73 -18.19
N TRP C 513 5.91 14.02 -16.98
CA TRP C 513 6.30 13.00 -16.01
C TRP C 513 5.44 13.22 -14.78
N ASN C 514 4.52 12.30 -14.51
CA ASN C 514 4.30 11.09 -15.30
C ASN C 514 2.82 11.02 -15.66
N MET C 515 2.46 10.17 -16.63
CA MET C 515 1.04 9.98 -16.93
C MET C 515 0.29 9.50 -15.70
N PHE C 516 0.87 8.55 -14.96
CA PHE C 516 0.29 8.04 -13.73
C PHE C 516 1.32 8.09 -12.61
N ASP C 517 0.82 8.20 -11.37
CA ASP C 517 1.66 7.92 -10.22
C ASP C 517 2.11 6.46 -10.28
N PHE C 518 3.30 6.19 -9.75
CA PHE C 518 3.90 4.87 -9.89
C PHE C 518 4.56 4.47 -8.57
N GLY C 519 5.13 3.26 -8.57
CA GLY C 519 5.81 2.74 -7.40
C GLY C 519 7.26 3.17 -7.26
N ALA C 520 7.59 3.77 -6.12
CA ALA C 520 8.96 4.17 -5.80
C ALA C 520 9.11 4.00 -4.30
N ASP C 521 9.47 2.79 -3.88
CA ASP C 521 9.44 2.46 -2.46
C ASP C 521 10.31 3.38 -1.61
N ALA C 522 11.30 4.04 -2.21
CA ALA C 522 12.15 4.95 -1.44
C ALA C 522 11.43 6.25 -1.09
N ARG C 523 10.43 6.63 -1.87
CA ARG C 523 9.72 7.88 -1.62
C ARG C 523 8.97 7.83 -0.30
N ASN C 524 9.07 8.90 0.48
CA ASN C 524 8.37 9.03 1.75
C ASN C 524 7.86 10.46 1.91
N GLU C 525 7.11 10.94 0.92
CA GLU C 525 6.66 12.33 0.91
C GLU C 525 5.21 12.41 0.43
N GLY C 526 4.57 13.53 0.77
CA GLY C 526 3.23 13.84 0.33
C GLY C 526 2.11 13.39 1.25
N GLY C 527 2.39 12.49 2.19
CA GLY C 527 1.37 11.87 3.01
C GLY C 527 0.96 10.49 2.54
N GLU C 528 1.64 9.95 1.53
CA GLU C 528 1.40 8.59 1.05
C GLU C 528 2.74 8.07 0.54
N ASN C 529 3.46 7.35 1.40
CA ASN C 529 4.81 6.93 1.09
C ASN C 529 4.81 5.73 0.16
N GLY C 530 5.93 5.55 -0.54
CA GLY C 530 6.08 4.48 -1.50
C GLY C 530 5.67 4.82 -2.91
N GLN C 531 5.11 6.01 -3.14
CA GLN C 531 4.65 6.41 -4.46
C GLN C 531 5.35 7.68 -4.90
N ASN C 532 5.51 7.80 -6.22
CA ASN C 532 5.81 9.07 -6.87
C ASN C 532 4.49 9.64 -7.38
N HIS C 533 4.10 10.79 -6.86
CA HIS C 533 2.78 11.36 -7.13
C HIS C 533 2.82 12.46 -8.19
N LYS C 534 3.74 12.35 -9.16
CA LYS C 534 3.86 13.32 -10.24
C LYS C 534 2.98 12.98 -11.44
N GLY C 535 1.91 12.23 -11.24
CA GLY C 535 1.07 11.77 -12.33
C GLY C 535 -0.11 12.69 -12.59
N LEU C 536 -0.55 12.71 -13.85
CA LEU C 536 -1.82 13.34 -14.18
C LEU C 536 -2.99 12.52 -13.68
N VAL C 537 -2.75 11.24 -13.33
CA VAL C 537 -3.78 10.32 -12.86
C VAL C 537 -3.18 9.50 -11.74
N THR C 538 -4.05 9.05 -10.81
CA THR C 538 -3.58 8.38 -9.61
C THR C 538 -3.06 6.98 -9.93
N PHE C 539 -2.32 6.42 -8.97
CA PHE C 539 -1.67 5.12 -9.15
C PHE C 539 -2.67 4.02 -9.48
N ASP C 540 -3.88 4.10 -8.94
CA ASP C 540 -4.90 3.09 -9.21
C ASP C 540 -5.77 3.45 -10.41
N ARG C 541 -5.38 4.47 -11.18
CA ARG C 541 -6.07 4.89 -12.41
C ARG C 541 -7.47 5.42 -12.16
N LYS C 542 -7.91 5.55 -10.91
CA LYS C 542 -9.31 5.84 -10.61
C LYS C 542 -9.65 7.33 -10.62
N TYR C 543 -8.65 8.20 -10.53
CA TYR C 543 -8.91 9.64 -10.46
C TYR C 543 -7.98 10.38 -11.42
N LYS C 544 -8.58 11.08 -12.38
CA LYS C 544 -7.84 12.02 -13.21
C LYS C 544 -7.69 13.34 -12.47
N LYS C 545 -6.45 13.77 -12.25
CA LYS C 545 -6.22 15.05 -11.60
C LYS C 545 -6.60 16.20 -12.53
N ASP C 546 -6.82 17.37 -11.94
CA ASP C 546 -7.15 18.54 -12.72
C ASP C 546 -6.16 18.75 -13.87
N SER C 547 -4.87 18.55 -13.58
CA SER C 547 -3.85 18.71 -14.62
C SER C 547 -4.15 17.85 -15.84
N PHE C 548 -4.79 16.69 -15.64
CA PHE C 548 -5.16 15.85 -16.77
C PHE C 548 -5.94 16.63 -17.82
N TYR C 549 -6.77 17.55 -17.38
CA TYR C 549 -7.69 18.22 -18.28
C TYR C 549 -7.11 19.47 -18.92
N ALA C 550 -6.09 20.09 -18.31
CA ALA C 550 -5.35 21.13 -18.99
C ALA C 550 -4.70 20.61 -20.25
N TYR C 551 -4.25 19.35 -20.23
CA TYR C 551 -3.63 18.75 -21.41
C TYR C 551 -4.68 18.30 -22.43
N LYS C 552 -5.79 17.73 -21.96
CA LYS C 552 -6.85 17.34 -22.89
C LYS C 552 -7.37 18.55 -23.68
N ALA C 553 -7.46 19.72 -23.03
CA ALA C 553 -7.94 20.91 -23.71
C ALA C 553 -7.04 21.31 -24.88
N TRP C 554 -5.75 20.93 -24.81
CA TRP C 554 -4.80 21.29 -25.84
C TRP C 554 -4.60 20.21 -26.90
N LEU C 555 -4.77 18.94 -26.54
CA LEU C 555 -4.42 17.84 -27.42
C LEU C 555 -5.60 17.02 -27.90
N SER C 556 -6.79 17.23 -27.37
CA SER C 556 -7.96 16.41 -27.70
C SER C 556 -8.97 17.20 -28.49
N ASP C 557 -9.50 16.59 -29.56
CA ASP C 557 -10.62 17.14 -30.31
C ASP C 557 -11.97 16.75 -29.72
N GLU C 558 -11.97 15.95 -28.66
CA GLU C 558 -13.21 15.62 -27.96
C GLU C 558 -13.72 16.85 -27.22
N PRO C 559 -14.77 17.52 -27.70
CA PRO C 559 -15.26 18.71 -27.00
C PRO C 559 -15.66 18.37 -25.56
N PHE C 560 -15.27 19.25 -24.64
CA PHE C 560 -15.51 19.00 -23.22
C PHE C 560 -15.37 20.31 -22.45
N VAL C 561 -15.81 20.28 -21.19
CA VAL C 561 -15.73 21.41 -20.28
C VAL C 561 -15.52 20.86 -18.88
N HIS C 562 -14.46 21.31 -18.21
CA HIS C 562 -14.05 20.75 -16.93
C HIS C 562 -13.91 21.84 -15.89
N LEU C 563 -14.71 21.76 -14.83
CA LEU C 563 -14.53 22.61 -13.66
C LEU C 563 -13.42 22.03 -12.79
N CYS C 564 -12.36 22.79 -12.57
CA CYS C 564 -11.32 22.37 -11.64
C CYS C 564 -11.75 22.65 -10.20
N GLY C 565 -11.05 22.00 -9.27
CA GLY C 565 -11.24 22.24 -7.85
C GLY C 565 -12.42 21.54 -7.23
N LYS C 566 -13.00 20.55 -7.90
CA LYS C 566 -14.20 19.89 -7.40
C LYS C 566 -14.04 19.41 -5.97
N ARG C 567 -12.83 19.00 -5.58
CA ARG C 567 -12.58 18.45 -4.26
C ARG C 567 -12.19 19.51 -3.24
N TYR C 568 -12.28 20.78 -3.61
CA TYR C 568 -11.97 21.91 -2.72
C TYR C 568 -13.27 22.69 -2.54
N VAL C 569 -14.01 22.35 -1.48
CA VAL C 569 -15.36 22.88 -1.29
C VAL C 569 -15.35 23.98 -0.25
N ASP C 570 -14.90 23.67 0.97
CA ASP C 570 -14.84 24.67 2.03
C ASP C 570 -13.76 25.69 1.72
N ARG C 571 -14.14 26.97 1.63
CA ARG C 571 -13.21 28.04 1.27
C ARG C 571 -13.47 29.26 2.14
N VAL C 572 -12.39 29.90 2.59
CA VAL C 572 -12.51 30.96 3.60
C VAL C 572 -12.84 32.30 2.95
N GLU C 573 -12.42 32.51 1.71
CA GLU C 573 -12.55 33.81 1.09
C GLU C 573 -14.01 34.09 0.73
N ASP C 574 -14.32 35.40 0.61
CA ASP C 574 -15.65 35.83 0.18
C ASP C 574 -15.73 35.96 -1.33
N THR C 575 -14.62 36.23 -2.00
CA THR C 575 -14.48 36.08 -3.44
C THR C 575 -13.45 34.99 -3.71
N THR C 576 -13.87 33.97 -4.45
CA THR C 576 -13.09 32.76 -4.69
C THR C 576 -12.85 32.61 -6.19
N LYS C 577 -11.67 32.08 -6.53
CA LYS C 577 -11.30 31.86 -7.91
C LYS C 577 -11.63 30.44 -8.36
N VAL C 578 -12.09 30.31 -9.60
CA VAL C 578 -12.48 29.03 -10.17
C VAL C 578 -11.87 28.94 -11.55
N THR C 579 -11.23 27.81 -11.85
CA THR C 579 -10.64 27.58 -13.16
C THR C 579 -11.50 26.60 -13.93
N VAL C 580 -11.62 26.84 -15.23
CA VAL C 580 -12.31 25.95 -16.14
C VAL C 580 -11.39 25.64 -17.31
N TYR C 581 -11.34 24.37 -17.70
CA TYR C 581 -10.62 23.95 -18.90
C TYR C 581 -11.64 23.55 -19.97
N SER C 582 -11.35 23.95 -21.20
CA SER C 582 -12.13 23.48 -22.33
C SER C 582 -11.37 23.79 -23.61
N ASN C 583 -11.48 22.88 -24.58
CA ASN C 583 -11.02 23.10 -25.94
C ASN C 583 -12.07 23.81 -26.78
N LEU C 584 -13.00 24.51 -26.15
CA LEU C 584 -13.98 25.36 -26.82
C LEU C 584 -13.63 26.83 -26.60
N PRO C 585 -14.12 27.71 -27.46
CA PRO C 585 -13.65 29.11 -27.41
C PRO C 585 -14.18 29.90 -26.24
N GLU C 586 -15.38 29.61 -25.76
CA GLU C 586 -16.05 30.48 -24.81
C GLU C 586 -16.79 29.66 -23.75
N VAL C 587 -16.65 30.08 -22.49
CA VAL C 587 -17.24 29.41 -21.35
C VAL C 587 -18.03 30.43 -20.54
N GLU C 588 -19.21 30.03 -20.07
CA GLU C 588 -20.04 30.85 -19.20
C GLU C 588 -20.23 30.12 -17.88
N LEU C 589 -19.88 30.77 -16.78
CA LEU C 589 -19.91 30.16 -15.46
C LEU C 589 -21.07 30.74 -14.66
N PHE C 590 -21.90 29.86 -14.11
CA PHE C 590 -23.06 30.23 -13.30
C PHE C 590 -22.84 29.86 -11.85
N VAL C 591 -23.26 30.73 -10.95
CA VAL C 591 -23.21 30.49 -9.52
C VAL C 591 -24.64 30.50 -9.01
N ASN C 592 -25.16 29.31 -8.66
CA ASN C 592 -26.52 29.17 -8.17
C ASN C 592 -27.55 29.53 -9.23
N GLY C 593 -27.30 29.08 -10.47
CA GLY C 593 -28.18 29.38 -11.57
C GLY C 593 -28.06 30.77 -12.15
N LYS C 594 -27.45 31.71 -11.42
CA LYS C 594 -27.24 33.06 -11.91
C LYS C 594 -25.90 33.15 -12.65
N SER C 595 -25.91 33.85 -13.78
CA SER C 595 -24.68 33.99 -14.57
C SER C 595 -23.68 34.88 -13.84
N ALA C 596 -22.42 34.46 -13.83
CA ALA C 596 -21.33 35.27 -13.31
C ALA C 596 -20.48 35.87 -14.40
N GLY C 597 -20.84 35.63 -15.65
CA GLY C 597 -20.15 36.21 -16.79
C GLY C 597 -19.64 35.15 -17.75
N LYS C 598 -19.16 35.63 -18.88
CA LYS C 598 -18.55 34.82 -19.90
C LYS C 598 -17.07 35.16 -20.02
N LEU C 599 -16.32 34.23 -20.60
CA LEU C 599 -14.87 34.34 -20.68
C LEU C 599 -14.37 33.60 -21.92
N GLN C 600 -13.29 34.14 -22.51
CA GLN C 600 -12.63 33.53 -23.64
C GLN C 600 -11.16 33.30 -23.33
N ALA C 601 -10.57 32.31 -24.00
CA ALA C 601 -9.17 31.96 -23.74
C ALA C 601 -8.71 31.05 -24.87
N GLU C 602 -7.82 31.57 -25.72
CA GLU C 602 -7.17 30.72 -26.71
C GLU C 602 -6.30 29.68 -26.04
N ASP C 603 -5.73 30.00 -24.88
CA ASP C 603 -4.92 29.04 -24.13
C ASP C 603 -5.76 28.06 -23.33
N HIS C 604 -7.08 28.07 -23.48
CA HIS C 604 -8.00 27.09 -22.92
C HIS C 604 -8.06 27.13 -21.39
N PHE C 605 -7.42 28.10 -20.76
CA PHE C 605 -7.39 28.21 -19.30
C PHE C 605 -8.25 29.39 -18.89
N PHE C 606 -9.50 29.10 -18.54
CA PHE C 606 -10.46 30.13 -18.14
C PHE C 606 -10.38 30.32 -16.64
N HIS C 607 -9.91 31.49 -16.20
CA HIS C 607 -9.75 31.80 -14.78
C HIS C 607 -10.85 32.77 -14.36
N PHE C 608 -11.90 32.23 -13.73
CA PHE C 608 -13.01 33.04 -13.24
C PHE C 608 -12.78 33.46 -11.79
N GLU C 609 -13.58 34.42 -11.34
CA GLU C 609 -13.69 34.79 -9.95
C GLU C 609 -15.18 34.87 -9.61
N VAL C 610 -15.52 34.42 -8.40
CA VAL C 610 -16.92 34.13 -8.07
C VAL C 610 -17.16 34.46 -6.62
N PRO C 611 -18.39 34.88 -6.30
CA PRO C 611 -18.75 35.17 -4.91
C PRO C 611 -18.98 33.88 -4.14
N ASN C 612 -18.22 33.69 -3.07
CA ASN C 612 -18.35 32.53 -2.20
C ASN C 612 -19.35 32.85 -1.10
N VAL C 613 -20.61 32.52 -1.36
CA VAL C 613 -21.73 32.85 -0.47
C VAL C 613 -22.46 31.56 -0.11
N GLY C 614 -22.39 31.16 1.17
CA GLY C 614 -23.10 29.95 1.58
C GLY C 614 -22.65 28.74 0.78
N GLU C 615 -23.60 27.87 0.46
CA GLU C 615 -23.37 26.72 -0.39
C GLU C 615 -23.81 27.07 -1.81
N SER C 616 -22.87 27.05 -2.75
CA SER C 616 -23.13 27.43 -4.12
C SER C 616 -22.87 26.27 -5.06
N THR C 617 -23.65 26.22 -6.15
CA THR C 617 -23.51 25.22 -7.18
C THR C 617 -23.07 25.91 -8.46
N LEU C 618 -21.82 25.68 -8.88
CA LEU C 618 -21.28 26.27 -10.09
C LEU C 618 -21.52 25.35 -11.27
N VAL C 619 -21.92 25.93 -12.39
CA VAL C 619 -22.11 25.20 -13.64
C VAL C 619 -21.40 25.97 -14.75
N ALA C 620 -20.49 25.30 -15.45
CA ALA C 620 -19.76 25.89 -16.56
C ALA C 620 -20.28 25.33 -17.86
N VAL C 621 -20.63 26.21 -18.78
CA VAL C 621 -21.28 25.82 -20.03
C VAL C 621 -20.46 26.34 -21.19
N ALA C 622 -20.30 25.50 -22.21
CA ALA C 622 -19.61 25.85 -23.44
C ALA C 622 -20.30 25.13 -24.59
N GLY C 623 -21.02 25.88 -25.42
CA GLY C 623 -21.88 25.24 -26.40
C GLY C 623 -22.91 24.39 -25.69
N GLU C 624 -23.03 23.15 -26.13
CA GLU C 624 -23.96 22.20 -25.53
C GLU C 624 -23.32 21.35 -24.44
N TYR C 625 -22.14 21.73 -23.96
CA TYR C 625 -21.40 20.96 -22.97
C TYR C 625 -21.32 21.72 -21.66
N LYS C 626 -21.45 20.99 -20.55
CA LYS C 626 -21.44 21.59 -19.23
C LYS C 626 -20.63 20.73 -18.28
N ASP C 627 -20.30 21.33 -17.12
CA ASP C 627 -19.75 20.63 -15.98
C ASP C 627 -20.25 21.34 -14.73
N GLU C 628 -20.21 20.63 -13.60
CA GLU C 628 -20.79 21.17 -12.38
C GLU C 628 -19.90 20.85 -11.20
N SER C 629 -19.96 21.71 -10.18
CA SER C 629 -19.15 21.56 -8.99
C SER C 629 -19.78 22.39 -7.88
N HIS C 630 -19.30 22.19 -6.65
CA HIS C 630 -19.89 22.80 -5.48
C HIS C 630 -18.82 23.46 -4.62
N ILE C 631 -19.23 24.51 -3.90
CA ILE C 631 -18.38 25.23 -2.96
C ILE C 631 -19.21 25.58 -1.73
N ARG C 632 -18.52 25.98 -0.67
CA ARG C 632 -19.16 26.29 0.60
C ARG C 632 -18.35 27.36 1.31
N LYS C 633 -19.03 28.40 1.78
CA LYS C 633 -18.35 29.44 2.54
C LYS C 633 -18.10 28.97 3.96
N VAL C 634 -16.84 29.05 4.39
CA VAL C 634 -16.40 28.59 5.70
C VAL C 634 -15.64 29.74 6.36
N ASP C 635 -15.63 29.74 7.70
CA ASP C 635 -15.03 30.86 8.41
C ASP C 635 -13.54 30.65 8.71
N THR C 636 -13.07 29.41 8.77
CA THR C 636 -11.64 29.13 8.91
C THR C 636 -11.26 27.95 8.04
N PHE C 637 -10.03 27.96 7.55
CA PHE C 637 -9.57 26.95 6.60
C PHE C 637 -9.70 25.54 7.16
N ASN C 638 -10.20 24.63 6.32
CA ASN C 638 -10.36 23.23 6.70
C ASN C 638 -9.01 22.54 6.60
N GLU C 639 -8.44 22.19 7.76
CA GLU C 639 -7.11 21.57 7.79
C GLU C 639 -7.06 20.26 7.02
N GLU C 640 -8.20 19.59 6.82
CA GLU C 640 -8.21 18.38 6.02
C GLU C 640 -7.65 18.62 4.62
N TYR C 641 -7.62 19.87 4.17
CA TYR C 641 -7.12 20.19 2.84
C TYR C 641 -5.60 20.33 2.82
N SER C 642 -4.99 20.69 3.95
CA SER C 642 -3.57 21.01 3.99
C SER C 642 -2.76 19.83 4.51
N LEU C 643 -1.64 19.57 3.84
CA LEU C 643 -0.74 18.50 4.26
C LEU C 643 0.06 18.88 5.50
N LYS C 644 0.20 20.19 5.78
CA LYS C 644 0.92 20.63 6.98
C LYS C 644 0.10 20.39 8.24
N MET D 1 12.29 -22.23 49.92
CA MET D 1 10.93 -22.20 50.45
C MET D 1 9.93 -22.73 49.43
N ARG D 2 10.42 -23.22 48.30
CA ARG D 2 9.57 -23.83 47.29
C ARG D 2 8.83 -25.03 47.88
N GLU D 3 7.51 -25.04 47.73
CA GLU D 3 6.67 -26.09 48.31
C GLU D 3 5.77 -26.71 47.25
N VAL D 4 5.53 -28.01 47.38
CA VAL D 4 4.69 -28.76 46.45
C VAL D 4 3.51 -29.32 47.22
N ILE D 5 2.31 -29.12 46.69
CA ILE D 5 1.07 -29.58 47.31
C ILE D 5 0.39 -30.55 46.36
N ASN D 6 -0.02 -31.71 46.87
CA ASN D 6 -0.75 -32.65 46.05
C ASN D 6 -2.18 -32.15 45.84
N PHE D 7 -2.72 -32.44 44.66
CA PHE D 7 -4.04 -31.95 44.27
C PHE D 7 -4.85 -33.07 43.62
N ASN D 8 -4.72 -34.30 44.14
CA ASN D 8 -5.25 -35.46 43.45
C ASN D 8 -6.63 -35.90 43.91
N THR D 9 -7.08 -35.46 45.09
CA THR D 9 -8.28 -36.02 45.70
C THR D 9 -9.56 -35.31 45.24
N TRP D 11 -11.87 -34.86 43.03
CA TRP D 11 -12.13 -34.37 41.68
C TRP D 11 -13.46 -34.90 41.15
N ALA D 12 -14.29 -34.00 40.64
CA ALA D 12 -15.54 -34.36 39.99
C ALA D 12 -15.31 -34.60 38.51
N PHE D 13 -15.90 -35.66 37.98
CA PHE D 13 -15.61 -36.11 36.62
C PHE D 13 -16.89 -36.46 35.89
N THR D 14 -16.87 -36.25 34.57
CA THR D 14 -17.97 -36.67 33.70
C THR D 14 -17.46 -36.79 32.27
N LYS D 15 -18.18 -37.58 31.48
CA LYS D 15 -17.95 -37.68 30.05
C LYS D 15 -19.05 -37.04 29.22
N GLU D 16 -20.08 -36.50 29.87
CA GLU D 16 -21.26 -35.99 29.18
C GLU D 16 -21.30 -34.46 29.10
N ALA D 17 -20.46 -33.75 29.83
CA ALA D 17 -20.42 -32.31 29.72
C ALA D 17 -20.08 -31.90 28.29
N THR D 18 -20.61 -30.76 27.87
CA THR D 18 -20.18 -30.15 26.62
C THR D 18 -19.58 -28.77 26.83
N GLU D 19 -19.55 -28.28 28.06
CA GLU D 19 -19.05 -26.95 28.35
C GLU D 19 -18.52 -26.90 29.78
N VAL D 20 -17.53 -26.05 29.99
CA VAL D 20 -16.96 -25.81 31.31
C VAL D 20 -18.09 -25.38 32.23
N PRO D 21 -18.32 -26.08 33.34
CA PRO D 21 -19.36 -25.64 34.28
C PRO D 21 -18.96 -24.36 34.98
N LYS D 22 -19.96 -23.51 35.22
CA LYS D 22 -19.71 -22.21 35.83
C LYS D 22 -19.67 -22.25 37.35
N GLU D 23 -20.20 -23.32 37.95
CA GLU D 23 -20.09 -23.55 39.39
C GLU D 23 -19.83 -25.03 39.62
N MET D 24 -19.38 -25.34 40.83
CA MET D 24 -18.93 -26.70 41.15
C MET D 24 -20.05 -27.71 40.88
N PRO D 25 -19.80 -28.71 40.04
CA PRO D 25 -20.84 -29.70 39.78
C PRO D 25 -21.18 -30.47 41.05
N GLU D 26 -22.43 -30.92 41.10
CA GLU D 26 -22.93 -31.62 42.28
C GLU D 26 -23.39 -33.06 42.07
N LYS D 27 -23.39 -33.59 40.83
CA LYS D 27 -24.05 -34.82 40.36
C LYS D 27 -23.02 -35.59 39.50
N TRP D 28 -21.79 -35.07 39.38
CA TRP D 28 -20.67 -35.66 38.66
C TRP D 28 -20.09 -36.79 39.49
N TYR D 29 -19.39 -37.71 38.82
CA TYR D 29 -18.79 -38.86 39.49
C TYR D 29 -17.47 -38.45 40.14
N TRP D 30 -17.23 -38.96 41.35
CA TRP D 30 -16.06 -38.61 42.14
C TRP D 30 -14.90 -39.54 41.80
N VAL D 31 -13.72 -38.95 41.53
CA VAL D 31 -12.50 -39.70 41.31
C VAL D 31 -11.38 -39.06 42.13
N THR D 32 -10.40 -39.88 42.50
CA THR D 32 -9.13 -39.39 43.02
C THR D 32 -8.04 -39.81 42.04
N LEU D 33 -7.17 -38.86 41.69
CA LEU D 33 -6.11 -39.13 40.71
C LEU D 33 -4.96 -39.87 41.38
N PRO D 34 -4.19 -40.66 40.61
CA PRO D 34 -4.31 -40.88 39.16
C PRO D 34 -5.66 -41.44 38.74
N HIS D 35 -6.12 -41.02 37.56
CA HIS D 35 -7.39 -41.49 37.03
C HIS D 35 -7.34 -41.58 35.51
N SER D 36 -8.09 -42.53 34.97
CA SER D 36 -8.38 -42.60 33.55
C SER D 36 -9.78 -43.17 33.39
N TRP D 37 -10.53 -42.65 32.42
CA TRP D 37 -11.87 -43.13 32.14
C TRP D 37 -11.88 -44.32 31.19
N ASN D 38 -10.72 -44.87 30.85
CA ASN D 38 -10.62 -46.01 29.95
C ASN D 38 -10.16 -47.27 30.68
N GLU D 39 -10.29 -47.29 32.01
CA GLU D 39 -9.75 -48.39 32.80
C GLU D 39 -10.37 -49.73 32.40
N ILE D 40 -11.67 -49.76 32.15
CA ILE D 40 -12.36 -50.99 31.77
C ILE D 40 -12.59 -51.06 30.27
N ASP D 41 -13.21 -50.03 29.68
CA ASP D 41 -13.59 -50.09 28.27
C ASP D 41 -12.38 -50.15 27.34
N GLY D 42 -11.19 -49.82 27.84
CA GLY D 42 -9.96 -49.84 27.08
C GLY D 42 -9.11 -51.08 27.24
N GLN D 43 -9.62 -52.12 27.92
CA GLN D 43 -8.88 -53.37 28.09
C GLN D 43 -9.73 -54.60 27.79
N ASP D 44 -10.94 -54.43 27.24
CA ASP D 44 -11.83 -55.56 26.98
C ASP D 44 -12.04 -55.83 25.50
N GLY D 45 -11.60 -54.96 24.61
CA GLY D 45 -11.59 -55.24 23.19
C GLY D 45 -12.57 -54.37 22.42
N GLY D 46 -12.83 -54.81 21.19
CA GLY D 46 -13.72 -54.12 20.29
C GLY D 46 -13.28 -52.74 19.85
N ASN D 47 -12.11 -52.26 20.27
CA ASN D 47 -11.65 -50.91 19.91
C ASN D 47 -12.72 -49.86 20.21
N ASP D 48 -13.51 -50.10 21.26
CA ASP D 48 -14.66 -49.27 21.57
C ASP D 48 -14.43 -48.36 22.78
N TYR D 49 -13.20 -48.25 23.27
CA TYR D 49 -12.97 -47.39 24.42
C TYR D 49 -13.30 -45.94 24.08
N TYR D 50 -14.04 -45.28 24.96
CA TYR D 50 -14.53 -43.94 24.68
C TYR D 50 -13.39 -42.97 24.45
N ARG D 51 -13.44 -42.26 23.33
CA ARG D 51 -12.44 -41.26 22.99
C ARG D 51 -13.16 -39.96 22.70
N GLY D 52 -12.92 -38.94 23.54
CA GLY D 52 -13.60 -37.68 23.39
C GLY D 52 -13.09 -36.67 24.40
N THR D 53 -13.97 -35.75 24.82
CA THR D 53 -13.61 -34.70 25.76
C THR D 53 -14.37 -34.91 27.07
N CYS D 54 -13.63 -34.95 28.18
CA CYS D 54 -14.19 -35.13 29.50
C CYS D 54 -13.66 -34.03 30.42
N TYR D 55 -14.41 -33.71 31.46
CA TYR D 55 -14.12 -32.57 32.33
C TYR D 55 -13.89 -33.02 33.76
N TYR D 56 -12.86 -32.45 34.39
CA TYR D 56 -12.60 -32.61 35.81
C TYR D 56 -12.86 -31.27 36.50
N ALA D 57 -13.42 -31.31 37.71
CA ALA D 57 -13.73 -30.10 38.45
C ALA D 57 -13.31 -30.27 39.90
N LYS D 58 -12.61 -29.26 40.42
CA LYS D 58 -12.18 -29.24 41.81
C LYS D 58 -12.03 -27.79 42.25
N GLN D 59 -12.33 -27.53 43.52
CA GLN D 59 -12.26 -26.19 44.09
C GLN D 59 -10.97 -26.01 44.87
N LEU D 60 -10.33 -24.86 44.69
CA LEU D 60 -9.05 -24.53 45.32
C LEU D 60 -9.27 -23.36 46.26
N LYS D 61 -9.19 -23.62 47.56
CA LYS D 61 -9.45 -22.60 48.57
C LYS D 61 -8.15 -21.90 48.93
N LYS D 62 -8.06 -20.60 48.63
CA LYS D 62 -6.87 -19.84 48.97
C LYS D 62 -6.52 -19.97 50.44
N SER D 63 -7.53 -20.13 51.29
CA SER D 63 -7.27 -20.31 52.74
C SER D 63 -6.38 -21.53 52.94
N GLU D 64 -6.84 -22.72 52.54
CA GLU D 64 -6.08 -23.96 52.79
C GLU D 64 -4.81 -23.99 51.93
N LEU D 65 -4.08 -22.88 51.87
CA LEU D 65 -2.91 -22.80 51.03
C LEU D 65 -1.78 -22.02 51.69
N PRO D 66 -0.55 -22.54 51.67
CA PRO D 66 0.59 -21.70 52.04
C PRO D 66 0.70 -20.56 51.04
N GLU D 67 1.31 -19.46 51.48
CA GLU D 67 1.35 -18.26 50.68
C GLU D 67 2.75 -18.08 50.08
N ALA D 68 2.80 -17.94 48.75
CA ALA D 68 4.01 -17.60 48.03
C ALA D 68 3.66 -16.48 47.05
N ASP D 69 4.69 -15.97 46.37
CA ASP D 69 4.44 -14.88 45.44
C ASP D 69 3.66 -15.34 44.22
N CYS D 70 3.79 -16.61 43.84
CA CYS D 70 3.07 -17.16 42.69
C CYS D 70 2.74 -18.62 42.93
N TYR D 71 1.60 -19.06 42.40
CA TYR D 71 1.13 -20.44 42.50
C TYR D 71 1.03 -21.03 41.11
N TYR D 72 1.74 -22.14 40.89
CA TYR D 72 1.70 -22.86 39.63
C TYR D 72 0.86 -24.12 39.76
N LEU D 73 0.20 -24.48 38.67
CA LEU D 73 -0.46 -25.77 38.53
C LEU D 73 0.39 -26.67 37.65
N GLU D 74 0.87 -27.77 38.21
CA GLU D 74 1.72 -28.72 37.50
C GLU D 74 0.90 -29.95 37.15
N LEU D 75 1.01 -30.39 35.90
CA LEU D 75 0.29 -31.56 35.41
C LEU D 75 1.31 -32.56 34.85
N ARG D 76 1.45 -33.69 35.54
CA ARG D 76 2.44 -34.70 35.17
C ARG D 76 2.01 -35.56 33.98
N GLY D 77 0.71 -35.63 33.69
CA GLY D 77 0.25 -36.45 32.60
C GLY D 77 -1.23 -36.30 32.30
N ALA D 78 -1.55 -35.67 31.17
CA ALA D 78 -2.93 -35.45 30.74
C ALA D 78 -3.04 -35.93 29.30
N ASN D 79 -3.63 -37.10 29.10
CA ASN D 79 -3.68 -37.78 27.82
C ASN D 79 -5.03 -37.53 27.17
N ALA D 80 -5.02 -36.98 25.95
CA ALA D 80 -3.80 -36.63 25.23
C ALA D 80 -3.63 -35.11 25.17
N SER D 81 -4.73 -34.40 24.94
CA SER D 81 -4.75 -32.94 24.89
C SER D 81 -5.70 -32.42 25.95
N ALA D 82 -5.33 -31.31 26.60
CA ALA D 82 -6.07 -30.80 27.74
C ALA D 82 -6.11 -29.28 27.71
N ASP D 83 -7.15 -28.74 28.32
CA ASP D 83 -7.31 -27.30 28.51
C ASP D 83 -7.65 -27.03 29.97
N VAL D 84 -7.07 -25.97 30.53
CA VAL D 84 -7.17 -25.68 31.95
C VAL D 84 -7.90 -24.35 32.12
N TYR D 85 -8.95 -24.35 32.94
CA TYR D 85 -9.71 -23.15 33.25
C TYR D 85 -9.69 -22.90 34.76
N VAL D 86 -9.51 -21.64 35.14
CA VAL D 86 -9.58 -21.20 36.53
C VAL D 86 -10.69 -20.16 36.61
N ASN D 87 -11.79 -20.51 37.28
CA ASN D 87 -12.92 -19.60 37.42
C ASN D 87 -13.50 -19.19 36.07
N GLY D 88 -13.51 -20.15 35.13
CA GLY D 88 -14.10 -19.93 33.83
C GLY D 88 -13.17 -19.40 32.76
N LYS D 89 -11.97 -18.95 33.12
CA LYS D 89 -11.05 -18.31 32.18
C LYS D 89 -10.02 -19.32 31.70
N ALA D 90 -10.00 -19.56 30.39
CA ALA D 90 -8.96 -20.40 29.80
C ALA D 90 -7.58 -19.82 30.10
N VAL D 91 -6.70 -20.66 30.63
CA VAL D 91 -5.38 -20.20 31.06
C VAL D 91 -4.24 -21.03 30.51
N ALA D 92 -4.49 -22.23 29.99
CA ALA D 92 -3.38 -23.05 29.51
C ALA D 92 -3.94 -24.20 28.68
N HIS D 93 -3.16 -24.60 27.67
CA HIS D 93 -3.49 -25.74 26.82
C HIS D 93 -2.21 -26.52 26.52
N HIS D 94 -2.36 -27.83 26.36
CA HIS D 94 -1.23 -28.69 26.05
C HIS D 94 -1.69 -29.82 25.14
N ASP D 95 -0.76 -30.30 24.30
CA ASP D 95 -0.99 -31.42 23.40
C ASP D 95 0.14 -32.43 23.60
N GLY D 96 -0.20 -33.57 24.20
CA GLY D 96 0.78 -34.59 24.51
C GLY D 96 0.49 -35.21 25.87
N GLY D 97 0.14 -36.48 25.88
CA GLY D 97 -0.30 -37.12 27.11
C GLY D 97 0.77 -37.74 27.96
N TYR D 98 2.05 -37.49 27.68
CA TYR D 98 3.13 -38.23 28.34
C TYR D 98 4.21 -37.31 28.91
N SER D 99 3.92 -36.03 29.09
CA SER D 99 4.93 -35.08 29.53
C SER D 99 4.33 -34.14 30.56
N THR D 100 5.21 -33.52 31.35
CA THR D 100 4.80 -32.55 32.35
C THR D 100 4.64 -31.17 31.72
N TRP D 101 3.58 -30.47 32.11
CA TRP D 101 3.41 -29.07 31.76
C TRP D 101 2.86 -28.33 32.97
N ARG D 102 3.05 -27.01 32.97
CA ARG D 102 2.68 -26.18 34.11
C ARG D 102 1.99 -24.91 33.63
N VAL D 103 1.45 -24.16 34.59
CA VAL D 103 0.76 -22.91 34.29
C VAL D 103 0.66 -22.06 35.56
N ASP D 104 1.17 -20.83 35.49
CA ASP D 104 1.05 -19.89 36.59
C ASP D 104 -0.38 -19.36 36.67
N ILE D 105 -1.03 -19.57 37.81
CA ILE D 105 -2.42 -19.20 37.99
C ILE D 105 -2.60 -18.19 39.13
N THR D 106 -1.51 -17.51 39.51
CA THR D 106 -1.57 -16.58 40.65
C THR D 106 -2.68 -15.54 40.45
N LYS D 107 -2.76 -14.95 39.27
CA LYS D 107 -3.69 -13.85 39.03
C LYS D 107 -5.14 -14.31 38.88
N GLU D 108 -5.37 -15.59 38.62
CA GLU D 108 -6.73 -16.10 38.46
C GLU D 108 -7.35 -16.55 39.77
N LEU D 109 -6.62 -16.49 40.88
CA LEU D 109 -7.15 -16.89 42.18
C LEU D 109 -7.76 -15.69 42.88
N THR D 110 -8.74 -15.09 42.20
CA THR D 110 -9.38 -13.87 42.68
C THR D 110 -10.39 -14.14 43.79
N GLU D 111 -10.96 -15.34 43.83
CA GLU D 111 -11.98 -15.67 44.80
C GLU D 111 -11.37 -16.33 46.04
N GLU D 112 -12.19 -16.41 47.10
CA GLU D 112 -11.80 -17.24 48.22
C GLU D 112 -11.77 -18.71 47.81
N GLU D 113 -12.73 -19.11 46.96
CA GLU D 113 -12.85 -20.48 46.49
C GLU D 113 -12.88 -20.46 44.96
N ASN D 114 -11.89 -21.08 44.34
CA ASN D 114 -11.66 -20.98 42.90
C ASN D 114 -11.92 -22.32 42.24
N LEU D 115 -12.65 -22.29 41.13
CA LEU D 115 -13.07 -23.51 40.44
C LEU D 115 -12.06 -23.83 39.34
N ILE D 116 -11.34 -24.93 39.50
CA ILE D 116 -10.36 -25.40 38.52
C ILE D 116 -11.04 -26.49 37.69
N VAL D 117 -11.26 -26.22 36.42
CA VAL D 117 -11.83 -27.21 35.49
C VAL D 117 -10.76 -27.57 34.47
N ILE D 118 -10.55 -28.87 34.28
CA ILE D 118 -9.60 -29.40 33.31
C ILE D 118 -10.35 -30.31 32.35
N ALA D 119 -10.41 -29.93 31.09
CA ALA D 119 -10.96 -30.77 30.04
C ALA D 119 -9.84 -31.55 29.38
N VAL D 120 -10.08 -32.84 29.15
CA VAL D 120 -9.09 -33.72 28.57
C VAL D 120 -9.71 -34.45 27.40
N GLU D 121 -8.89 -34.71 26.38
CA GLU D 121 -9.40 -35.21 25.11
C GLU D 121 -8.41 -36.22 24.52
N ASN D 122 -8.95 -37.27 23.89
CA ASN D 122 -8.12 -38.34 23.33
C ASN D 122 -8.74 -38.88 22.05
N GLY D 123 -9.24 -37.99 21.19
CA GLY D 123 -9.92 -38.38 19.97
C GLY D 123 -9.01 -38.46 18.78
N VAL D 124 -9.62 -38.52 17.60
CA VAL D 124 -8.91 -38.62 16.33
C VAL D 124 -8.65 -37.23 15.80
N ASN D 125 -7.49 -37.05 15.16
CA ASN D 125 -7.09 -35.81 14.52
C ASN D 125 -5.71 -36.01 13.91
N ASP D 126 -5.36 -35.12 12.99
CA ASP D 126 -4.12 -35.25 12.23
C ASP D 126 -2.96 -34.47 12.85
N ARG D 127 -3.03 -34.13 14.13
CA ARG D 127 -2.01 -33.27 14.74
C ARG D 127 -1.26 -33.90 15.90
N VAL D 128 -1.93 -34.67 16.77
CA VAL D 128 -1.35 -35.12 18.03
C VAL D 128 -1.13 -36.63 17.96
N TYR D 129 0.15 -37.06 18.21
CA TYR D 129 0.60 -38.44 18.34
C TYR D 129 0.38 -38.91 19.78
N PRO D 130 0.10 -40.21 19.98
CA PRO D 130 -0.07 -41.19 18.89
C PRO D 130 -1.46 -41.16 18.28
N GLN D 131 -1.58 -41.68 17.06
CA GLN D 131 -2.88 -41.90 16.43
C GLN D 131 -3.05 -43.30 15.86
N ASN D 132 -1.95 -44.01 15.56
CA ASN D 132 -2.00 -45.37 15.01
C ASN D 132 -0.95 -46.17 15.77
N ALA D 133 -1.39 -46.92 16.78
CA ALA D 133 -0.48 -47.71 17.59
C ALA D 133 -1.24 -48.89 18.20
N ASP D 134 -0.48 -49.90 18.57
CA ASP D 134 -1.04 -51.12 19.17
C ASP D 134 -1.06 -51.00 20.69
N PHE D 135 -1.71 -49.94 21.18
CA PHE D 135 -1.86 -49.76 22.61
C PHE D 135 -2.92 -48.69 22.88
N THR D 136 -3.73 -48.94 23.91
CA THR D 136 -4.86 -48.07 24.23
C THR D 136 -4.38 -46.68 24.62
N PHE D 137 -5.03 -45.64 24.07
CA PHE D 137 -4.75 -44.26 24.44
C PHE D 137 -5.62 -43.86 25.64
N TYR D 138 -5.33 -44.49 26.78
CA TYR D 138 -6.03 -44.22 28.03
C TYR D 138 -6.18 -42.73 28.26
N GLY D 139 -7.42 -42.25 28.28
CA GLY D 139 -7.65 -40.83 28.46
C GLY D 139 -7.72 -40.43 29.92
N GLY D 140 -7.40 -39.17 30.18
CA GLY D 140 -7.63 -38.55 31.48
C GLY D 140 -6.35 -38.09 32.14
N LEU D 141 -6.49 -37.74 33.43
CA LEU D 141 -5.38 -37.28 34.25
C LEU D 141 -4.83 -38.49 35.01
N TYR D 142 -4.02 -39.27 34.31
CA TYR D 142 -3.52 -40.53 34.84
C TYR D 142 -2.23 -40.38 35.63
N ARG D 143 -1.68 -39.18 35.73
CA ARG D 143 -0.57 -38.87 36.62
C ARG D 143 -0.99 -37.75 37.57
N ASP D 144 -0.09 -37.41 38.49
CA ASP D 144 -0.43 -36.47 39.54
C ASP D 144 -0.81 -35.10 38.96
N VAL D 145 -1.57 -34.35 39.76
CA VAL D 145 -1.80 -32.92 39.54
C VAL D 145 -1.31 -32.21 40.79
N ASN D 146 -0.38 -31.27 40.61
CA ASN D 146 0.28 -30.62 41.74
C ASN D 146 0.05 -29.11 41.69
N ILE D 147 0.22 -28.49 42.86
CA ILE D 147 0.23 -27.03 42.99
C ILE D 147 1.57 -26.65 43.57
N ILE D 148 2.31 -25.78 42.88
CA ILE D 148 3.64 -25.36 43.29
C ILE D 148 3.57 -23.91 43.74
N ALA D 149 4.02 -23.65 44.96
CA ALA D 149 4.07 -22.31 45.52
C ALA D 149 5.52 -21.89 45.64
N VAL D 150 5.88 -20.79 44.97
CA VAL D 150 7.26 -20.34 44.89
C VAL D 150 7.34 -18.85 45.12
N ASN D 151 8.55 -18.40 45.44
CA ASN D 151 8.85 -16.97 45.53
C ASN D 151 8.70 -16.33 44.16
N LYS D 152 8.53 -15.00 44.17
CA LYS D 152 8.42 -14.26 42.91
C LYS D 152 9.60 -14.56 42.00
N SER D 153 10.81 -14.57 42.55
CA SER D 153 11.99 -15.06 41.85
C SER D 153 12.10 -16.57 42.09
N HIS D 154 12.11 -17.34 41.00
CA HIS D 154 12.19 -18.79 41.12
C HIS D 154 12.97 -19.35 39.94
N PHE D 155 13.45 -20.58 40.11
CA PHE D 155 13.98 -21.31 38.98
C PHE D 155 12.85 -21.63 38.00
N ASP D 156 13.23 -21.83 36.74
CA ASP D 156 12.25 -21.84 35.66
C ASP D 156 11.25 -22.99 35.81
N LEU D 157 9.96 -22.64 35.81
CA LEU D 157 8.88 -23.63 35.79
C LEU D 157 8.10 -23.63 34.48
N ASP D 158 8.40 -22.72 33.57
CA ASP D 158 7.61 -22.54 32.35
C ASP D 158 8.30 -23.04 31.09
N TYR D 159 9.52 -23.56 31.18
CA TYR D 159 10.23 -24.02 29.99
C TYR D 159 10.00 -25.52 29.82
N TYR D 160 8.95 -25.86 29.05
CA TYR D 160 8.70 -27.24 28.65
C TYR D 160 8.70 -28.18 29.85
N GLY D 161 8.13 -27.71 30.95
CA GLY D 161 7.99 -28.51 32.16
C GLY D 161 9.28 -29.13 32.65
N GLY D 162 10.40 -28.45 32.43
CA GLY D 162 11.68 -28.95 32.85
C GLY D 162 11.97 -28.67 34.31
N PRO D 163 13.06 -29.26 34.80
CA PRO D 163 13.40 -29.12 36.22
C PRO D 163 14.03 -27.78 36.58
N GLY D 164 14.40 -26.94 35.61
CA GLY D 164 15.08 -25.70 35.91
C GLY D 164 16.55 -25.85 36.24
N ILE D 165 17.11 -27.05 36.12
CA ILE D 165 18.51 -27.31 36.38
C ILE D 165 18.99 -28.36 35.38
N LYS D 166 20.22 -28.17 34.87
CA LYS D 166 20.77 -29.03 33.83
C LYS D 166 22.20 -29.39 34.20
N VAL D 167 22.41 -30.65 34.58
CA VAL D 167 23.71 -31.13 35.03
C VAL D 167 24.36 -31.94 33.91
N THR D 168 25.65 -31.68 33.66
CA THR D 168 26.39 -32.36 32.60
C THR D 168 27.78 -32.71 33.10
N PRO D 169 28.00 -33.96 33.52
CA PRO D 169 29.34 -34.34 33.98
C PRO D 169 30.30 -34.59 32.82
N GLU D 170 31.54 -34.14 33.01
CA GLU D 170 32.63 -34.42 32.09
C GLU D 170 33.69 -35.20 32.85
N ILE D 171 34.14 -36.31 32.26
CA ILE D 171 35.05 -37.22 32.93
C ILE D 171 36.45 -37.00 32.38
N LYS D 172 37.32 -36.39 33.20
CA LYS D 172 38.73 -36.22 32.89
C LYS D 172 39.52 -37.19 33.78
N GLY D 173 39.97 -38.28 33.18
CA GLY D 173 40.73 -39.26 33.94
C GLY D 173 39.89 -39.87 35.05
N ALA D 174 40.39 -39.76 36.29
CA ALA D 174 39.69 -40.25 37.46
C ALA D 174 38.89 -39.15 38.17
N ASP D 175 38.73 -38.00 37.53
CA ASP D 175 37.97 -36.88 38.08
C ASP D 175 36.81 -36.54 37.16
N ALA D 176 35.84 -35.81 37.72
CA ALA D 176 34.68 -35.36 36.99
C ALA D 176 34.58 -33.83 37.09
N SER D 177 34.40 -33.17 35.95
CA SER D 177 34.09 -31.75 35.88
C SER D 177 32.64 -31.63 35.43
N VAL D 178 31.79 -31.10 36.30
CA VAL D 178 30.34 -31.19 36.12
C VAL D 178 29.80 -29.78 35.90
N GLU D 179 29.28 -29.53 34.69
CA GLU D 179 28.57 -28.29 34.42
C GLU D 179 27.17 -28.37 35.03
N VAL D 180 26.84 -27.43 35.91
CA VAL D 180 25.51 -27.33 36.49
C VAL D 180 24.93 -26.00 36.05
N GLU D 181 24.11 -26.04 35.01
CA GLU D 181 23.43 -24.86 34.51
C GLU D 181 22.02 -24.79 35.08
N VAL D 182 21.62 -23.60 35.52
CA VAL D 182 20.28 -23.36 36.01
C VAL D 182 19.63 -22.25 35.17
N PHE D 183 18.32 -22.12 35.31
CA PHE D 183 17.55 -21.14 34.57
C PHE D 183 16.58 -20.47 35.52
N LEU D 184 16.54 -19.14 35.50
CA LEU D 184 15.81 -18.38 36.50
C LEU D 184 14.69 -17.56 35.85
N THR D 185 13.78 -17.10 36.69
CA THR D 185 12.62 -16.34 36.27
C THR D 185 12.44 -15.17 37.22
N ASN D 186 12.45 -13.95 36.67
CA ASN D 186 12.28 -12.74 37.45
C ASN D 186 13.38 -12.59 38.51
N ALA D 187 14.61 -12.88 38.12
CA ALA D 187 15.72 -12.80 39.05
C ALA D 187 16.26 -11.37 39.14
N ALA D 188 16.55 -10.93 40.36
CA ALA D 188 17.18 -9.63 40.55
C ALA D 188 18.68 -9.74 40.32
N ALA D 189 19.25 -8.71 39.69
CA ALA D 189 20.68 -8.73 39.39
C ALA D 189 21.53 -8.89 40.64
N ASP D 190 20.99 -8.56 41.82
CA ASP D 190 21.77 -8.58 43.06
C ASP D 190 21.70 -9.90 43.81
N GLN D 191 20.95 -10.88 43.29
CA GLN D 191 20.85 -12.16 43.98
C GLN D 191 22.04 -13.06 43.63
N LYS D 192 22.28 -14.06 44.47
CA LYS D 192 23.36 -15.00 44.29
C LYS D 192 22.81 -16.41 44.13
N LEU D 193 23.57 -17.26 43.45
CA LEU D 193 23.24 -18.67 43.27
C LEU D 193 24.35 -19.50 43.90
N VAL D 194 23.99 -20.35 44.86
CA VAL D 194 24.93 -21.24 45.51
C VAL D 194 24.74 -22.64 44.96
N TYR D 195 25.80 -23.20 44.38
CA TYR D 195 25.78 -24.54 43.80
C TYR D 195 26.46 -25.51 44.75
N THR D 196 25.76 -26.59 45.10
CA THR D 196 26.33 -27.65 45.92
C THR D 196 26.12 -28.99 45.24
N VAL D 197 27.17 -29.80 45.23
CA VAL D 197 27.12 -31.18 44.74
C VAL D 197 27.33 -32.10 45.93
N LYS D 198 26.35 -32.96 46.19
CA LYS D 198 26.32 -33.75 47.41
C LYS D 198 26.62 -35.22 47.14
N ASP D 199 27.13 -35.87 48.18
CA ASP D 199 27.55 -37.26 48.17
C ASP D 199 26.34 -38.19 48.10
N ALA D 200 26.60 -39.47 47.80
CA ALA D 200 25.54 -40.46 47.87
C ALA D 200 24.99 -40.58 49.28
N GLU D 201 25.84 -40.38 50.28
CA GLU D 201 25.41 -40.25 51.67
C GLU D 201 25.11 -38.80 52.04
N GLY D 202 25.09 -37.90 51.07
CA GLY D 202 24.76 -36.51 51.32
C GLY D 202 25.90 -35.61 51.75
N LYS D 203 27.13 -36.12 51.77
CA LYS D 203 28.26 -35.32 52.21
C LYS D 203 28.68 -34.35 51.11
N GLU D 204 28.54 -33.05 51.37
CA GLU D 204 28.97 -32.01 50.45
C GLU D 204 30.38 -32.30 49.93
N VAL D 205 30.51 -32.47 48.62
CA VAL D 205 31.82 -32.69 48.00
C VAL D 205 32.28 -31.49 47.18
N ALA D 206 31.37 -30.64 46.71
CA ALA D 206 31.74 -29.44 45.97
C ALA D 206 30.73 -28.35 46.27
N LYS D 207 31.20 -27.11 46.18
CA LYS D 207 30.32 -25.97 46.39
C LYS D 207 30.97 -24.72 45.81
N THR D 208 30.16 -23.87 45.21
CA THR D 208 30.64 -22.63 44.63
C THR D 208 29.50 -21.61 44.68
N GLU D 209 29.83 -20.35 44.48
CA GLU D 209 28.84 -19.28 44.67
C GLU D 209 29.09 -18.16 43.66
N THR D 210 28.14 -17.95 42.77
CA THR D 210 28.19 -16.84 41.81
C THR D 210 26.88 -16.07 41.88
N ALA D 211 26.86 -14.91 41.23
CA ALA D 211 25.70 -14.05 41.24
C ALA D 211 24.63 -14.59 40.29
N ALA D 212 23.41 -14.08 40.47
CA ALA D 212 22.30 -14.53 39.65
C ALA D 212 22.63 -14.43 38.17
N GLY D 213 23.44 -13.45 37.79
CA GLY D 213 23.75 -13.23 36.38
C GLY D 213 24.42 -14.40 35.70
N GLU D 214 25.11 -15.25 36.47
CA GLU D 214 25.84 -16.41 35.95
C GLU D 214 25.06 -17.66 36.32
N THR D 215 24.24 -18.14 35.39
CA THR D 215 23.40 -19.32 35.57
C THR D 215 24.13 -20.62 35.24
N LYS D 216 25.45 -20.59 35.11
CA LYS D 216 26.22 -21.78 34.78
C LYS D 216 27.45 -21.84 35.68
N ALA D 217 27.84 -23.06 36.04
CA ALA D 217 28.98 -23.25 36.92
C ALA D 217 29.56 -24.64 36.68
N VAL D 218 30.84 -24.78 37.03
CA VAL D 218 31.59 -26.03 36.81
C VAL D 218 32.20 -26.44 38.13
N LEU D 219 31.71 -27.54 38.69
CA LEU D 219 32.21 -28.04 39.97
C LEU D 219 33.00 -29.32 39.75
N SER D 220 34.11 -29.45 40.45
CA SER D 220 34.97 -30.61 40.31
C SER D 220 34.60 -31.68 41.33
N ILE D 221 34.66 -32.93 40.90
CA ILE D 221 34.45 -34.09 41.74
C ILE D 221 35.67 -35.01 41.61
N PRO D 222 36.57 -34.99 42.59
CA PRO D 222 37.75 -35.85 42.53
C PRO D 222 37.43 -37.30 42.88
N ALA D 223 38.18 -38.21 42.25
CA ALA D 223 38.01 -39.65 42.46
C ALA D 223 36.54 -40.03 42.35
N VAL D 224 35.88 -39.51 41.31
CA VAL D 224 34.44 -39.61 41.20
C VAL D 224 34.00 -41.07 41.11
N HIS D 225 32.96 -41.42 41.86
CA HIS D 225 32.37 -42.74 41.79
C HIS D 225 31.44 -42.79 40.58
N LEU D 226 31.84 -43.56 39.57
CA LEU D 226 31.12 -43.57 38.30
C LEU D 226 29.79 -44.30 38.45
N TRP D 227 28.75 -43.75 37.81
CA TRP D 227 27.55 -44.52 37.57
C TRP D 227 27.91 -45.67 36.65
N ASN D 228 28.09 -46.86 37.23
CA ASN D 228 28.44 -48.05 36.48
C ASN D 228 27.26 -49.02 36.43
N GLY D 229 26.06 -48.48 36.25
CA GLY D 229 24.91 -49.34 36.08
C GLY D 229 24.70 -50.27 37.27
N LYS D 230 24.16 -51.46 36.99
CA LYS D 230 23.78 -52.38 38.05
C LYS D 230 24.98 -52.84 38.85
N LYS D 231 26.18 -52.83 38.25
CA LYS D 231 27.38 -53.12 39.02
C LYS D 231 27.52 -52.14 40.17
N ASP D 232 27.38 -50.84 39.87
CA ASP D 232 27.46 -49.79 40.87
C ASP D 232 26.76 -48.53 40.35
N PRO D 233 25.44 -48.40 40.57
CA PRO D 233 24.68 -47.26 40.02
C PRO D 233 24.75 -46.03 40.93
N TYR D 234 25.94 -45.47 41.03
CA TYR D 234 26.19 -44.38 41.97
C TYR D 234 25.55 -43.08 41.49
N LEU D 235 24.96 -42.33 42.44
CA LEU D 235 24.22 -41.12 42.14
C LEU D 235 24.68 -39.99 43.05
N TYR D 236 25.13 -38.89 42.45
CA TYR D 236 25.35 -37.63 43.15
C TYR D 236 24.08 -36.79 43.11
N THR D 237 24.06 -35.73 43.92
CA THR D 237 22.91 -34.82 43.99
C THR D 237 23.38 -33.39 43.79
N ALA D 238 22.97 -32.77 42.68
CA ALA D 238 23.22 -31.36 42.45
C ALA D 238 22.11 -30.54 43.06
N GLU D 239 22.48 -29.42 43.68
CA GLU D 239 21.53 -28.61 44.44
C GLU D 239 21.93 -27.15 44.33
N VAL D 240 21.08 -26.35 43.70
CA VAL D 240 21.31 -24.91 43.53
C VAL D 240 20.25 -24.15 44.32
N ALA D 241 20.69 -23.18 45.11
CA ALA D 241 19.80 -22.28 45.81
C ALA D 241 20.01 -20.87 45.27
N LEU D 242 18.90 -20.12 45.15
CA LEU D 242 18.94 -18.72 44.76
C LEU D 242 18.71 -17.87 46.00
N VAL D 243 19.68 -17.02 46.34
CA VAL D 243 19.73 -16.34 47.63
C VAL D 243 19.45 -14.86 47.43
N SER D 244 18.58 -14.30 48.29
CA SER D 244 18.38 -12.87 48.42
C SER D 244 18.83 -12.47 49.82
N GLY D 245 19.82 -11.57 49.89
CA GLY D 245 20.54 -11.34 51.12
C GLY D 245 21.42 -12.55 51.41
N GLU D 246 21.08 -13.29 52.47
CA GLU D 246 21.53 -14.67 52.60
C GLU D 246 20.37 -15.60 52.93
N GLU D 247 19.13 -15.07 52.91
CA GLU D 247 17.96 -15.92 52.77
C GLU D 247 18.00 -16.65 51.44
N ALA D 248 17.60 -17.92 51.44
CA ALA D 248 17.42 -18.67 50.20
C ALA D 248 15.93 -18.65 49.89
N VAL D 249 15.54 -17.94 48.83
CA VAL D 249 14.12 -17.80 48.51
C VAL D 249 13.60 -18.98 47.70
N ASP D 250 14.44 -19.57 46.85
CA ASP D 250 14.03 -20.71 46.04
C ASP D 250 15.23 -21.61 45.80
N ALA D 251 14.96 -22.90 45.58
CA ALA D 251 16.01 -23.87 45.34
C ALA D 251 15.44 -25.05 44.58
N VAL D 252 16.28 -25.64 43.72
CA VAL D 252 15.94 -26.83 42.94
C VAL D 252 17.11 -27.80 43.06
N SER D 253 16.85 -29.05 42.69
CA SER D 253 17.87 -30.09 42.80
C SER D 253 17.52 -31.23 41.85
N THR D 254 18.46 -32.14 41.69
CA THR D 254 18.29 -33.30 40.84
C THR D 254 19.46 -34.23 41.07
N ARG D 255 19.16 -35.51 41.27
CA ARG D 255 20.20 -36.52 41.30
C ARG D 255 20.78 -36.71 39.90
N PHE D 256 22.04 -37.12 39.84
CA PHE D 256 22.71 -37.27 38.56
C PHE D 256 23.77 -38.35 38.68
N GLY D 257 24.26 -38.79 37.51
CA GLY D 257 25.24 -39.86 37.45
C GLY D 257 26.39 -39.49 36.54
N CYS D 258 27.57 -40.02 36.87
CA CYS D 258 28.79 -39.74 36.13
C CYS D 258 29.15 -40.99 35.35
N ARG D 259 29.13 -40.89 34.02
CA ARG D 259 29.43 -42.05 33.21
C ARG D 259 29.70 -41.61 31.77
N THR D 260 30.54 -42.39 31.10
CA THR D 260 30.76 -42.34 29.66
C THR D 260 30.31 -43.67 29.06
N PHE D 261 29.96 -43.64 27.78
CA PHE D 261 29.54 -44.85 27.11
C PHE D 261 29.76 -44.71 25.61
N GLU D 262 29.69 -45.84 24.93
CA GLU D 262 29.87 -45.92 23.49
C GLU D 262 28.95 -47.01 22.96
N ILE D 263 28.65 -46.93 21.66
CA ILE D 263 27.91 -48.00 20.99
C ILE D 263 28.72 -48.47 19.80
N ASP D 264 29.74 -49.28 20.07
CA ASP D 264 30.59 -49.79 19.01
C ASP D 264 29.80 -50.69 18.09
N PRO D 265 29.84 -50.47 16.77
CA PRO D 265 29.07 -51.31 15.85
C PRO D 265 29.58 -52.73 15.73
N GLU D 266 30.65 -53.09 16.43
CA GLU D 266 31.16 -54.46 16.43
C GLU D 266 31.24 -55.05 17.83
N ARG D 267 31.57 -54.26 18.84
CA ARG D 267 31.64 -54.70 20.22
C ARG D 267 30.34 -54.45 20.98
N GLY D 268 29.37 -53.78 20.37
CA GLY D 268 28.14 -53.53 21.08
C GLY D 268 28.31 -52.38 22.06
N PHE D 269 27.51 -52.43 23.13
CA PHE D 269 27.50 -51.34 24.09
C PHE D 269 28.73 -51.37 25.00
N ILE D 270 29.29 -50.18 25.22
CA ILE D 270 30.43 -49.99 26.10
C ILE D 270 30.04 -49.02 27.20
N LEU D 271 30.24 -49.41 28.44
CA LEU D 271 29.96 -48.56 29.60
C LEU D 271 31.25 -48.28 30.35
N ASN D 272 31.51 -47.00 30.62
CA ASN D 272 32.69 -46.55 31.36
C ASN D 272 33.96 -47.27 30.93
N GLY D 273 34.06 -47.64 29.66
CA GLY D 273 35.28 -48.19 29.11
C GLY D 273 35.26 -49.69 28.87
N GLU D 274 34.40 -50.44 29.56
CA GLU D 274 34.32 -51.88 29.42
C GLU D 274 33.01 -52.29 28.80
N GLU D 275 33.06 -53.37 28.00
CA GLU D 275 31.86 -53.85 27.34
C GLU D 275 30.77 -54.14 28.35
N TYR D 276 29.54 -53.77 28.01
CA TYR D 276 28.39 -53.91 28.89
C TYR D 276 27.19 -54.33 28.06
N PRO D 277 27.05 -55.63 27.79
CA PRO D 277 25.99 -56.10 26.89
C PRO D 277 24.60 -55.67 27.38
N LEU D 278 23.90 -54.94 26.51
CA LEU D 278 22.54 -54.47 26.80
C LEU D 278 21.56 -55.53 26.32
N ARG D 279 21.03 -56.32 27.27
CA ARG D 279 20.02 -57.33 27.00
C ARG D 279 18.88 -57.13 27.98
N GLY D 280 17.66 -56.96 27.46
CA GLY D 280 16.54 -56.66 28.32
C GLY D 280 15.16 -56.71 27.70
N VAL D 281 14.29 -55.78 28.09
CA VAL D 281 12.86 -55.85 27.79
C VAL D 281 12.33 -54.44 27.52
N SER D 282 11.10 -54.40 27.01
CA SER D 282 10.30 -53.19 26.91
C SER D 282 9.15 -53.27 27.91
N ARG D 283 8.65 -52.10 28.31
CA ARG D 283 7.58 -52.04 29.30
C ARG D 283 6.60 -50.93 28.94
N HIS D 284 5.31 -51.26 28.98
CA HIS D 284 4.25 -50.26 28.87
C HIS D 284 3.83 -49.81 30.26
N GLN D 285 3.31 -48.59 30.34
CA GLN D 285 2.98 -47.97 31.63
C GLN D 285 1.52 -48.15 32.01
N ASP D 286 0.96 -49.36 31.85
CA ASP D 286 -0.41 -49.64 32.25
C ASP D 286 -0.46 -50.95 33.03
N ARG D 287 -1.58 -51.17 33.71
CA ARG D 287 -1.82 -52.43 34.40
C ARG D 287 -3.29 -52.79 34.30
N TRP D 288 -3.55 -54.09 34.39
CA TRP D 288 -4.91 -54.60 34.29
C TRP D 288 -5.83 -53.94 35.31
N GLY D 289 -6.94 -53.39 34.82
CA GLY D 289 -8.00 -52.92 35.68
C GLY D 289 -7.90 -51.48 36.13
N ILE D 290 -6.71 -50.87 36.04
CA ILE D 290 -6.55 -49.46 36.38
C ILE D 290 -6.09 -48.65 35.17
N GLY D 291 -6.15 -49.22 33.97
CA GLY D 291 -5.70 -48.51 32.79
C GLY D 291 -4.25 -48.12 32.95
N ASN D 292 -3.98 -46.81 32.92
CA ASN D 292 -2.63 -46.28 33.11
C ASN D 292 -2.55 -45.34 34.29
N ALA D 293 -3.49 -45.43 35.23
CA ALA D 293 -3.44 -44.64 36.46
C ALA D 293 -2.66 -45.40 37.54
N LEU D 294 -1.39 -45.62 37.24
CA LEU D 294 -0.53 -46.39 38.13
C LEU D 294 -0.15 -45.57 39.37
N LEU D 295 -0.01 -46.26 40.47
CA LEU D 295 0.53 -45.67 41.69
C LEU D 295 2.01 -46.01 41.82
N PRO D 296 2.73 -45.30 42.69
CA PRO D 296 4.18 -45.57 42.82
C PRO D 296 4.51 -47.04 43.02
N GLU D 297 3.70 -47.77 43.80
CA GLU D 297 4.00 -49.17 44.04
C GLU D 297 3.92 -49.99 42.75
N HIS D 298 3.09 -49.57 41.80
CA HIS D 298 3.05 -50.27 40.52
C HIS D 298 4.37 -50.12 39.78
N HIS D 299 4.95 -48.92 39.78
CA HIS D 299 6.29 -48.74 39.22
C HIS D 299 7.30 -49.59 39.96
N ARG D 300 7.29 -49.52 41.30
CA ARG D 300 8.22 -50.32 42.10
C ARG D 300 8.09 -51.81 41.75
N GLU D 301 6.86 -52.30 41.62
CA GLU D 301 6.65 -53.72 41.36
C GLU D 301 7.13 -54.10 39.96
N ASP D 302 6.93 -53.23 38.98
CA ASP D 302 7.36 -53.53 37.63
C ASP D 302 8.88 -53.64 37.54
N ILE D 303 9.59 -52.67 38.12
CA ILE D 303 11.05 -52.70 38.07
C ILE D 303 11.58 -53.88 38.87
N ASP D 304 10.97 -54.17 40.03
CA ASP D 304 11.40 -55.32 40.82
C ASP D 304 11.30 -56.60 40.00
N LEU D 305 10.18 -56.80 39.30
CA LEU D 305 10.04 -57.96 38.44
C LEU D 305 11.08 -57.96 37.33
N ILE D 306 11.36 -56.78 36.77
CA ILE D 306 12.37 -56.66 35.73
C ILE D 306 13.76 -56.97 36.28
N CYS D 307 14.13 -56.30 37.38
CA CYS D 307 15.44 -56.56 37.97
C CYS D 307 15.55 -58.00 38.45
N GLU D 308 14.45 -58.60 38.91
CA GLU D 308 14.48 -60.01 39.25
C GLU D 308 14.83 -60.85 38.03
N LEU D 309 14.38 -60.43 36.85
CA LEU D 309 14.75 -61.12 35.62
C LEU D 309 16.22 -60.90 35.30
N GLY D 310 16.80 -59.80 35.75
CA GLY D 310 18.19 -59.51 35.47
C GLY D 310 18.44 -58.69 34.23
N ALA D 311 17.41 -58.07 33.66
CA ALA D 311 17.61 -57.20 32.52
C ALA D 311 18.57 -56.07 32.88
N THR D 312 19.42 -55.70 31.93
CA THR D 312 20.30 -54.54 32.09
C THR D 312 19.84 -53.35 31.26
N THR D 313 18.76 -53.49 30.48
CA THR D 313 18.20 -52.38 29.72
C THR D 313 16.70 -52.57 29.60
N ILE D 314 15.99 -51.44 29.59
CA ILE D 314 14.55 -51.41 29.32
C ILE D 314 14.31 -50.42 28.19
N ARG D 315 13.54 -50.84 27.19
CA ARG D 315 13.03 -49.94 26.17
C ARG D 315 11.70 -49.39 26.66
N LEU D 316 11.69 -48.11 27.05
CA LEU D 316 10.48 -47.49 27.61
C LEU D 316 9.66 -46.86 26.49
N ALA D 317 9.11 -47.74 25.64
CA ALA D 317 8.20 -47.34 24.58
C ALA D 317 6.79 -47.13 25.12
N HIS D 318 5.92 -46.55 24.31
CA HIS D 318 6.26 -45.87 23.06
C HIS D 318 6.19 -44.37 23.29
N TYR D 319 6.70 -43.91 24.43
CA TYR D 319 6.38 -42.56 24.88
C TYR D 319 7.18 -42.28 26.15
N GLN D 320 7.14 -41.01 26.57
CA GLN D 320 7.77 -40.62 27.82
C GLN D 320 7.02 -41.23 29.00
N HIS D 321 7.76 -41.84 29.92
CA HIS D 321 7.16 -42.48 31.08
C HIS D 321 7.16 -41.53 32.27
N ASP D 322 6.69 -42.03 33.41
CA ASP D 322 6.60 -41.21 34.62
C ASP D 322 7.99 -40.97 35.20
N GLN D 323 8.21 -39.76 35.72
CA GLN D 323 9.51 -39.41 36.28
C GLN D 323 9.95 -40.42 37.34
N TYR D 324 9.02 -40.86 38.18
CA TYR D 324 9.37 -41.78 39.26
C TYR D 324 9.95 -43.08 38.71
N PHE D 325 9.44 -43.56 37.58
CA PHE D 325 9.99 -44.78 37.01
C PHE D 325 11.38 -44.56 36.44
N TYR D 326 11.65 -43.37 35.88
CA TYR D 326 13.00 -43.08 35.43
C TYR D 326 13.97 -42.99 36.60
N ASP D 327 13.50 -42.48 37.74
CA ASP D 327 14.31 -42.49 38.96
C ASP D 327 14.69 -43.91 39.33
N LEU D 328 13.71 -44.80 39.46
CA LEU D 328 13.98 -46.19 39.79
C LEU D 328 15.06 -46.77 38.90
N CYS D 329 14.99 -46.49 37.60
CA CYS D 329 16.00 -46.97 36.67
C CYS D 329 17.37 -46.37 36.98
N ASP D 330 17.38 -45.09 37.40
CA ASP D 330 18.62 -44.47 37.85
C ASP D 330 19.22 -45.24 39.02
N GLU D 331 18.40 -45.50 40.05
CA GLU D 331 18.91 -46.11 41.27
C GLU D 331 19.40 -47.53 41.01
N ARG D 332 18.73 -48.28 40.12
CA ARG D 332 19.02 -49.69 39.94
C ARG D 332 20.09 -49.96 38.88
N GLY D 333 20.40 -48.98 38.03
CA GLY D 333 21.44 -49.15 37.05
C GLY D 333 21.00 -49.74 35.73
N LEU D 334 19.78 -49.45 35.28
CA LEU D 334 19.28 -49.94 34.01
C LEU D 334 19.54 -48.91 32.92
N VAL D 335 20.04 -49.38 31.78
CA VAL D 335 20.31 -48.52 30.63
C VAL D 335 19.03 -48.43 29.81
N ILE D 336 18.53 -47.21 29.61
CA ILE D 336 17.15 -47.01 29.15
C ILE D 336 17.12 -46.40 27.76
N TRP D 337 16.12 -46.80 26.97
CA TRP D 337 15.85 -46.27 25.64
C TRP D 337 14.53 -45.52 25.70
N ALA D 338 14.58 -44.19 25.67
CA ALA D 338 13.39 -43.37 25.75
C ALA D 338 13.03 -42.83 24.37
N GLU D 339 11.72 -42.73 24.10
CA GLU D 339 11.26 -42.38 22.76
C GLU D 339 9.97 -41.57 22.85
N ILE D 340 9.50 -41.11 21.69
CA ILE D 340 8.26 -40.34 21.57
C ILE D 340 7.23 -41.17 20.80
N PRO D 341 5.93 -40.84 20.89
CA PRO D 341 4.91 -41.66 20.22
C PRO D 341 4.75 -41.41 18.71
N TYR D 342 5.88 -41.22 18.02
CA TYR D 342 5.97 -40.99 16.58
C TYR D 342 5.98 -42.34 15.89
N ILE D 343 4.78 -42.91 15.71
CA ILE D 343 4.75 -44.33 15.28
C ILE D 343 3.75 -44.68 14.19
N SER D 344 4.04 -45.74 13.44
CA SER D 344 3.08 -46.32 12.45
C SER D 344 2.94 -45.51 11.17
N SER D 345 2.32 -44.34 11.23
CA SER D 345 2.05 -43.57 10.00
C SER D 345 2.50 -42.13 10.19
N HIS D 346 3.20 -41.58 9.21
CA HIS D 346 3.60 -40.17 9.31
C HIS D 346 2.45 -39.24 8.93
N MET D 347 1.97 -38.43 9.89
CA MET D 347 1.02 -37.37 9.60
C MET D 347 1.80 -36.08 9.35
N PRO D 348 1.83 -35.55 8.11
CA PRO D 348 2.50 -34.27 7.89
C PRO D 348 2.12 -33.21 8.92
N ASN D 349 0.83 -33.04 9.18
CA ASN D 349 0.36 -32.05 10.14
C ASN D 349 0.72 -32.38 11.58
N GLY D 350 1.36 -33.52 11.83
CA GLY D 350 1.83 -33.85 13.14
C GLY D 350 3.26 -33.45 13.43
N ARG D 351 3.92 -32.78 12.47
CA ARG D 351 5.32 -32.44 12.65
C ARG D 351 5.54 -31.59 13.89
N GLU D 352 4.68 -30.58 14.09
CA GLU D 352 4.81 -29.74 15.28
C GLU D 352 4.78 -30.58 16.55
N ASN D 353 3.91 -31.59 16.59
CA ASN D 353 3.75 -32.38 17.80
C ASN D 353 4.96 -33.27 18.06
N THR D 354 5.60 -33.79 17.01
CA THR D 354 6.84 -34.53 17.21
C THR D 354 7.89 -33.64 17.85
N ILE D 355 8.03 -32.40 17.34
CA ILE D 355 9.01 -31.48 17.88
C ILE D 355 8.65 -31.10 19.32
N SER D 356 7.36 -30.90 19.59
CA SER D 356 6.95 -30.49 20.93
C SER D 356 7.26 -31.58 21.95
N GLN D 357 6.81 -32.81 21.68
CA GLN D 357 7.02 -33.89 22.64
C GLN D 357 8.50 -34.22 22.80
N MET D 358 9.25 -34.21 21.69
CA MET D 358 10.68 -34.54 21.75
C MET D 358 11.42 -33.57 22.65
N LYS D 359 11.06 -32.29 22.61
CA LYS D 359 11.71 -31.30 23.47
C LYS D 359 11.41 -31.56 24.93
N GLU D 360 10.14 -31.82 25.26
CA GLU D 360 9.79 -32.13 26.64
C GLU D 360 10.48 -33.40 27.11
N LEU D 361 10.65 -34.37 26.21
CA LEU D 361 11.35 -35.60 26.56
C LEU D 361 12.77 -35.30 27.04
N VAL D 362 13.53 -34.53 26.26
CA VAL D 362 14.93 -34.27 26.59
C VAL D 362 15.04 -33.31 27.77
N VAL D 363 14.30 -32.21 27.72
CA VAL D 363 14.39 -31.19 28.77
C VAL D 363 14.06 -31.81 30.13
N GLN D 364 12.95 -32.55 30.21
CA GLN D 364 12.46 -33.06 31.49
C GLN D 364 13.27 -34.25 31.99
N ASN D 365 14.03 -34.92 31.13
CA ASN D 365 14.73 -36.14 31.52
C ASN D 365 16.23 -36.09 31.24
N TYR D 366 16.78 -34.91 30.95
CA TYR D 366 18.20 -34.81 30.62
C TYR D 366 19.08 -35.32 31.76
N ASN D 367 18.58 -35.30 33.00
CA ASN D 367 19.40 -35.59 34.16
C ASN D 367 19.32 -37.06 34.59
N HIS D 368 18.69 -37.92 33.81
CA HIS D 368 18.64 -39.33 34.15
C HIS D 368 19.86 -40.05 33.62
N PRO D 369 20.83 -40.40 34.47
CA PRO D 369 22.02 -41.12 33.98
C PRO D 369 21.68 -42.42 33.29
N SER D 370 20.53 -43.01 33.59
CA SER D 370 20.16 -44.30 33.01
C SER D 370 19.85 -44.20 31.52
N ILE D 371 19.46 -43.04 31.03
CA ILE D 371 19.09 -42.88 29.63
C ILE D 371 20.36 -42.62 28.81
N VAL D 372 20.48 -43.33 27.68
CA VAL D 372 21.62 -43.15 26.79
C VAL D 372 21.23 -42.90 25.35
N VAL D 373 20.04 -43.28 24.88
CA VAL D 373 19.62 -42.99 23.51
C VAL D 373 18.22 -42.39 23.53
N TRP D 374 17.95 -41.53 22.55
CA TRP D 374 16.64 -40.92 22.34
C TRP D 374 16.07 -41.48 21.04
N GLY D 375 14.93 -42.16 21.14
CA GLY D 375 14.30 -42.75 19.96
C GLY D 375 13.40 -41.77 19.27
N LEU D 376 13.59 -41.63 17.95
CA LEU D 376 12.83 -40.65 17.17
C LEU D 376 11.48 -41.18 16.70
N SER D 377 11.39 -42.45 16.34
CA SER D 377 10.15 -42.99 15.78
C SER D 377 10.17 -44.51 15.86
N ASN D 378 8.97 -45.09 15.82
CA ASN D 378 8.79 -46.54 15.85
C ASN D 378 7.91 -46.95 14.66
N GLU D 379 8.43 -47.88 13.87
CA GLU D 379 7.71 -48.40 12.70
C GLU D 379 7.01 -47.28 11.94
N ILE D 380 7.77 -46.22 11.66
CA ILE D 380 7.19 -45.04 11.03
C ILE D 380 6.93 -45.21 9.55
N THR D 381 7.56 -46.20 8.91
CA THR D 381 7.32 -46.48 7.50
C THR D 381 6.37 -47.65 7.30
N MET D 382 5.68 -48.08 8.35
CA MET D 382 4.71 -49.17 8.22
C MET D 382 3.73 -48.89 7.09
N ALA D 383 3.22 -47.65 7.02
CA ALA D 383 2.33 -47.30 5.91
C ALA D 383 2.99 -47.53 4.57
N GLY D 384 4.20 -47.00 4.38
CA GLY D 384 4.93 -47.20 3.15
C GLY D 384 6.32 -46.64 3.25
N SER D 385 7.07 -46.74 2.15
CA SER D 385 8.42 -46.21 2.07
C SER D 385 8.42 -44.74 2.47
N SER D 386 9.57 -44.21 2.85
CA SER D 386 9.61 -42.87 3.44
C SER D 386 9.38 -41.78 2.41
N ASP D 387 8.71 -40.71 2.84
CA ASP D 387 8.47 -39.51 2.05
C ASP D 387 9.57 -38.49 2.29
N GLU D 388 9.62 -37.48 1.42
CA GLU D 388 10.44 -36.30 1.73
C GLU D 388 10.00 -35.68 3.04
N ASP D 389 8.69 -35.64 3.29
CA ASP D 389 8.18 -35.06 4.53
C ASP D 389 8.54 -35.93 5.73
N LEU D 390 8.49 -37.26 5.56
CA LEU D 390 8.97 -38.14 6.63
C LEU D 390 10.45 -37.89 6.90
N LEU D 391 11.25 -37.80 5.84
CA LEU D 391 12.70 -37.62 6.01
C LEU D 391 13.02 -36.26 6.63
N GLU D 392 12.33 -35.20 6.20
CA GLU D 392 12.57 -33.90 6.80
C GLU D 392 12.15 -33.90 8.27
N ASN D 393 10.99 -34.46 8.58
CA ASN D 393 10.53 -34.52 9.97
C ASN D 393 11.54 -35.24 10.85
N HIS D 394 12.21 -36.26 10.31
CA HIS D 394 13.22 -36.97 11.09
C HIS D 394 14.49 -36.14 11.25
N ARG D 395 15.04 -35.63 10.13
CA ARG D 395 16.23 -34.80 10.20
C ARG D 395 16.04 -33.65 11.19
N ILE D 396 14.87 -33.00 11.16
CA ILE D 396 14.59 -31.92 12.10
C ILE D 396 14.75 -32.42 13.53
N LEU D 397 14.19 -33.60 13.83
CA LEU D 397 14.27 -34.13 15.18
C LEU D 397 15.68 -34.56 15.53
N ASN D 398 16.35 -35.27 14.61
CA ASN D 398 17.73 -35.69 14.83
C ASN D 398 18.60 -34.49 15.19
N ASP D 399 18.60 -33.47 14.32
CA ASP D 399 19.42 -32.29 14.57
C ASP D 399 19.04 -31.62 15.89
N MET D 400 17.74 -31.53 16.18
CA MET D 400 17.30 -30.88 17.41
C MET D 400 17.82 -31.62 18.64
N VAL D 401 17.70 -32.95 18.64
CA VAL D 401 18.20 -33.74 19.76
C VAL D 401 19.72 -33.58 19.87
N HIS D 402 20.41 -33.71 18.74
CA HIS D 402 21.87 -33.65 18.75
C HIS D 402 22.36 -32.31 19.29
N GLU D 403 21.63 -31.23 19.05
CA GLU D 403 22.05 -29.93 19.52
C GLU D 403 21.75 -29.74 21.00
N MET D 404 20.62 -30.29 21.47
CA MET D 404 20.24 -30.14 22.87
C MET D 404 21.05 -31.02 23.79
N ASP D 405 21.46 -32.21 23.34
CA ASP D 405 22.13 -33.18 24.21
C ASP D 405 23.30 -33.77 23.43
N HIS D 406 24.51 -33.28 23.72
CA HIS D 406 25.72 -33.81 23.09
C HIS D 406 26.17 -35.13 23.68
N THR D 407 25.53 -35.61 24.74
CA THR D 407 26.03 -36.76 25.49
C THR D 407 25.34 -38.07 25.16
N ARG D 408 24.28 -38.04 24.37
CA ARG D 408 23.52 -39.25 24.07
C ARG D 408 23.35 -39.40 22.56
N LEU D 409 22.86 -40.58 22.16
CA LEU D 409 22.70 -40.93 20.75
C LEU D 409 21.23 -41.04 20.39
N THR D 410 20.93 -40.79 19.12
CA THR D 410 19.59 -40.98 18.59
C THR D 410 19.46 -42.38 18.01
N THR D 411 18.24 -42.92 18.04
CA THR D 411 17.99 -44.26 17.53
C THR D 411 16.63 -44.30 16.84
N ILE D 412 16.38 -45.43 16.18
CA ILE D 412 15.17 -45.66 15.38
C ILE D 412 14.76 -47.11 15.56
N ALA D 413 13.46 -47.35 15.65
CA ALA D 413 12.89 -48.69 15.69
C ALA D 413 12.15 -48.91 14.38
N VAL D 414 12.67 -49.80 13.54
CA VAL D 414 12.22 -49.97 12.17
C VAL D 414 11.22 -51.12 12.09
N VAL D 415 10.15 -50.94 11.32
CA VAL D 415 9.22 -52.03 11.07
C VAL D 415 9.95 -53.14 10.33
N SER D 416 9.55 -54.38 10.59
CA SER D 416 10.28 -55.54 10.09
C SER D 416 10.50 -55.49 8.59
N MET D 417 9.45 -55.14 7.83
CA MET D 417 9.49 -55.24 6.38
C MET D 417 10.32 -54.15 5.71
N CYS D 418 10.62 -53.07 6.40
CA CYS D 418 11.24 -51.91 5.74
C CYS D 418 12.58 -52.28 5.14
N ASP D 419 12.69 -52.08 3.82
CA ASP D 419 13.94 -52.17 3.10
C ASP D 419 15.07 -51.58 3.93
N ILE D 420 16.18 -52.32 4.05
CA ILE D 420 17.30 -51.84 4.82
C ILE D 420 18.02 -50.70 4.10
N HIS D 421 17.75 -50.51 2.81
CA HIS D 421 18.31 -49.40 2.04
C HIS D 421 17.41 -48.17 2.03
N ASP D 422 16.34 -48.15 2.82
CA ASP D 422 15.52 -46.96 2.88
C ASP D 422 16.35 -45.80 3.42
N PRO D 423 16.20 -44.59 2.86
CA PRO D 423 17.04 -43.46 3.28
C PRO D 423 16.93 -43.12 4.76
N TYR D 424 15.79 -43.41 5.41
CA TYR D 424 15.60 -42.92 6.78
C TYR D 424 16.46 -43.67 7.78
N ILE D 425 16.88 -44.90 7.47
CA ILE D 425 17.73 -45.63 8.39
C ILE D 425 19.05 -44.90 8.59
N GLN D 426 19.49 -44.14 7.58
CA GLN D 426 20.79 -43.48 7.62
C GLN D 426 20.78 -42.19 8.42
N ILE D 427 19.65 -41.78 8.99
CA ILE D 427 19.54 -40.48 9.65
C ILE D 427 20.11 -40.52 11.06
N PRO D 428 19.68 -41.45 11.90
CA PRO D 428 20.12 -41.45 13.31
C PRO D 428 21.43 -42.19 13.51
N ASP D 429 21.98 -42.01 14.72
CA ASP D 429 23.27 -42.61 15.05
C ASP D 429 23.21 -44.14 14.99
N VAL D 430 22.25 -44.73 15.71
CA VAL D 430 22.08 -46.17 15.73
C VAL D 430 20.66 -46.50 15.29
N ILE D 431 20.40 -47.79 15.07
CA ILE D 431 19.08 -48.26 14.67
C ILE D 431 18.84 -49.64 15.26
N SER D 432 17.56 -49.96 15.42
CA SER D 432 17.12 -51.28 15.86
C SER D 432 15.91 -51.69 15.03
N TYR D 433 15.76 -53.00 14.83
CA TYR D 433 14.66 -53.53 14.05
C TYR D 433 13.64 -54.21 14.96
N ASN D 434 12.38 -54.15 14.54
CA ASN D 434 11.30 -54.90 15.16
C ASN D 434 11.03 -56.11 14.26
N HIS D 435 11.43 -57.29 14.72
CA HIS D 435 11.29 -58.51 13.94
C HIS D 435 10.47 -59.52 14.71
N TYR D 436 9.47 -60.09 14.04
CA TYR D 436 8.63 -61.13 14.64
C TYR D 436 8.68 -62.38 13.77
N PHE D 437 9.90 -62.79 13.39
CA PHE D 437 10.09 -64.05 12.68
C PHE D 437 9.85 -65.20 13.65
N GLY D 438 8.88 -66.04 13.35
CA GLY D 438 8.47 -67.10 14.24
C GLY D 438 7.15 -66.87 14.93
N TRP D 439 6.61 -65.65 14.88
CA TRP D 439 5.23 -65.39 15.30
C TRP D 439 4.39 -64.85 14.15
N TYR D 440 4.76 -63.71 13.58
CA TYR D 440 4.05 -63.15 12.42
C TYR D 440 4.52 -63.78 11.12
N GLY D 441 4.56 -65.11 11.08
CA GLY D 441 5.06 -65.83 9.92
C GLY D 441 6.54 -66.12 10.02
N GLY D 442 7.02 -66.91 9.06
CA GLY D 442 8.43 -67.23 9.05
C GLY D 442 8.79 -68.26 10.12
N ASP D 443 10.05 -68.27 10.49
CA ASP D 443 10.60 -69.23 11.44
C ASP D 443 11.54 -68.50 12.39
N VAL D 444 11.55 -68.92 13.66
CA VAL D 444 12.39 -68.24 14.65
C VAL D 444 13.86 -68.40 14.32
N SER D 445 14.22 -69.38 13.49
CA SER D 445 15.60 -69.54 13.06
C SER D 445 16.04 -68.47 12.07
N MET D 446 15.10 -67.69 11.53
CA MET D 446 15.44 -66.66 10.55
C MET D 446 16.08 -65.43 11.17
N ASN D 447 15.84 -65.17 12.46
CA ASN D 447 16.28 -63.93 13.08
C ASN D 447 17.80 -63.79 13.02
N GLY D 448 18.52 -64.77 13.54
CA GLY D 448 19.96 -64.75 13.55
C GLY D 448 20.54 -64.36 12.21
N PRO D 449 20.26 -65.14 11.18
CA PRO D 449 20.76 -64.80 9.83
C PRO D 449 20.43 -63.38 9.40
N TRP D 450 19.17 -62.96 9.55
CA TRP D 450 18.78 -61.61 9.11
C TRP D 450 19.70 -60.55 9.72
N MET D 451 19.85 -60.58 11.05
CA MET D 451 20.73 -59.61 11.70
C MET D 451 22.13 -59.64 11.11
N ASP D 452 22.70 -60.84 10.99
CA ASP D 452 24.03 -60.96 10.36
C ASP D 452 24.06 -60.27 9.01
N ASN D 453 23.07 -60.57 8.16
CA ASN D 453 23.09 -60.07 6.80
C ASN D 453 22.95 -58.55 6.74
N PHE D 454 22.20 -57.96 7.66
CA PHE D 454 22.23 -56.51 7.81
C PHE D 454 23.63 -56.04 8.15
N HIS D 455 24.26 -56.68 9.15
CA HIS D 455 25.57 -56.23 9.61
C HIS D 455 26.62 -56.33 8.51
N LYS D 456 26.51 -57.33 7.63
CA LYS D 456 27.42 -57.39 6.50
C LYS D 456 27.22 -56.20 5.57
N GLU D 457 25.98 -55.78 5.37
CA GLU D 457 25.68 -54.68 4.45
C GLU D 457 26.08 -53.33 5.05
N PHE D 458 25.84 -53.15 6.35
CA PHE D 458 26.05 -51.86 7.01
C PHE D 458 26.90 -52.05 8.26
N PRO D 459 28.16 -52.44 8.10
CA PRO D 459 28.97 -52.85 9.26
C PRO D 459 29.31 -51.72 10.23
N ASN D 460 29.05 -50.46 9.89
CA ASN D 460 29.39 -49.35 10.78
C ASN D 460 28.18 -48.65 11.36
N ILE D 461 26.97 -49.14 11.10
CA ILE D 461 25.77 -48.70 11.78
C ILE D 461 25.43 -49.71 12.86
N PRO D 462 25.50 -49.35 14.15
CA PRO D 462 25.19 -50.32 15.20
C PRO D 462 23.73 -50.75 15.13
N LEU D 463 23.51 -52.06 15.10
CA LEU D 463 22.20 -52.64 14.87
C LEU D 463 21.71 -53.33 16.14
N GLY D 464 20.52 -52.95 16.59
CA GLY D 464 19.87 -53.58 17.72
C GLY D 464 18.58 -54.26 17.31
N MET D 465 18.04 -55.04 18.25
CA MET D 465 16.74 -55.70 18.08
C MET D 465 15.79 -55.07 19.11
N SER D 466 15.12 -54.01 18.69
CA SER D 466 14.23 -53.26 19.57
C SER D 466 12.92 -53.97 19.86
N GLU D 467 12.57 -55.01 19.10
CA GLU D 467 11.33 -55.74 19.34
C GLU D 467 11.44 -57.16 18.82
N TYR D 468 11.12 -58.11 19.70
CA TYR D 468 10.85 -59.49 19.32
C TYR D 468 9.99 -60.09 20.42
N GLY D 469 9.13 -61.02 20.04
CA GLY D 469 8.20 -61.58 21.00
C GLY D 469 7.27 -62.57 20.34
N CYS D 470 6.35 -63.09 21.14
CA CYS D 470 5.44 -64.15 20.71
C CYS D 470 4.34 -64.29 21.75
N GLU D 471 3.10 -64.49 21.27
CA GLU D 471 1.94 -64.48 22.14
C GLU D 471 1.88 -65.74 23.00
N ALA D 472 1.35 -65.59 24.21
CA ALA D 472 1.28 -66.68 25.17
C ALA D 472 0.15 -66.41 26.16
N LEU D 473 -0.87 -67.28 26.16
CA LEU D 473 -1.91 -67.29 27.16
C LEU D 473 -1.81 -68.58 27.97
N ASN D 474 -2.90 -68.96 28.63
CA ASN D 474 -2.93 -70.16 29.46
C ASN D 474 -3.35 -71.39 28.66
N TRP D 475 -2.79 -71.55 27.47
CA TRP D 475 -3.01 -72.71 26.63
C TRP D 475 -1.76 -73.57 26.63
N HIS D 476 -1.96 -74.89 26.57
CA HIS D 476 -0.85 -75.82 26.72
C HIS D 476 -0.97 -76.97 25.73
N THR D 477 0.17 -77.52 25.37
CA THR D 477 0.28 -78.56 24.36
C THR D 477 1.65 -79.22 24.53
N SER D 478 1.76 -80.44 24.01
CA SER D 478 3.03 -81.15 24.00
C SER D 478 3.73 -81.10 22.64
N ASP D 479 3.06 -80.57 21.61
CA ASP D 479 3.67 -80.28 20.33
C ASP D 479 3.51 -78.78 20.09
N PRO D 480 4.36 -77.95 20.66
CA PRO D 480 4.26 -76.51 20.45
C PRO D 480 4.36 -76.16 18.97
N LYS D 481 3.51 -75.23 18.55
CA LYS D 481 3.44 -74.80 17.16
C LYS D 481 3.06 -73.33 17.12
N GLN D 482 3.65 -72.59 16.17
CA GLN D 482 3.36 -71.18 16.05
C GLN D 482 1.90 -70.95 15.73
N GLY D 483 1.24 -70.11 16.52
CA GLY D 483 -0.16 -69.80 16.33
C GLY D 483 -1.09 -70.42 17.35
N ASP D 484 -0.61 -71.31 18.21
CA ASP D 484 -1.49 -71.95 19.20
C ASP D 484 -1.60 -71.15 20.49
N TYR D 485 -0.78 -70.13 20.68
CA TYR D 485 -0.83 -69.26 21.86
C TYR D 485 -0.46 -70.02 23.14
N THR D 486 0.28 -71.11 23.02
CA THR D 486 0.61 -71.94 24.17
C THR D 486 1.82 -71.40 24.91
N GLU D 487 1.77 -71.49 26.24
CA GLU D 487 2.92 -71.12 27.04
C GLU D 487 4.19 -71.84 26.60
N GLU D 488 4.03 -73.07 26.11
CA GLU D 488 5.18 -73.87 25.72
C GLU D 488 5.86 -73.30 24.48
N TYR D 489 5.09 -73.03 23.42
CA TYR D 489 5.70 -72.50 22.21
C TYR D 489 6.37 -71.17 22.46
N GLN D 490 5.73 -70.29 23.24
CA GLN D 490 6.37 -69.02 23.59
C GLN D 490 7.68 -69.26 24.32
N ALA D 491 7.74 -70.31 25.14
CA ALA D 491 8.98 -70.66 25.81
C ALA D 491 10.02 -71.17 24.83
N TYR D 492 9.62 -72.02 23.89
CA TYR D 492 10.54 -72.46 22.85
C TYR D 492 11.01 -71.31 21.99
N TYR D 493 10.10 -70.39 21.64
CA TYR D 493 10.49 -69.24 20.84
C TYR D 493 11.61 -68.46 21.49
N HIS D 494 11.47 -68.15 22.78
CA HIS D 494 12.47 -67.33 23.46
C HIS D 494 13.76 -68.11 23.67
N GLU D 495 13.68 -69.43 23.85
CA GLU D 495 14.90 -70.24 23.91
C GLU D 495 15.76 -70.02 22.67
N GLU D 496 15.15 -70.11 21.49
CA GLU D 496 15.89 -69.93 20.25
C GLU D 496 16.30 -68.47 20.07
N MET D 497 15.42 -67.52 20.42
CA MET D 497 15.78 -66.11 20.34
C MET D 497 16.98 -65.80 21.22
N ILE D 498 16.96 -66.29 22.47
CA ILE D 498 18.07 -66.04 23.39
C ILE D 498 19.38 -66.60 22.81
N LYS D 499 19.32 -67.82 22.30
CA LYS D 499 20.54 -68.45 21.76
C LYS D 499 21.04 -67.70 20.53
N GLN D 500 20.13 -67.11 19.74
CA GLN D 500 20.55 -66.38 18.55
C GLN D 500 21.11 -65.01 18.91
N LEU D 501 20.36 -64.24 19.69
CA LEU D 501 20.74 -62.86 19.98
C LEU D 501 21.84 -62.78 21.04
N PHE D 502 21.68 -63.50 22.14
CA PHE D 502 22.57 -63.33 23.28
C PHE D 502 24.02 -63.69 22.95
N THR D 503 24.25 -64.44 21.87
CA THR D 503 25.58 -64.85 21.47
C THR D 503 26.20 -63.96 20.39
N ARG D 504 25.51 -62.89 19.99
CA ARG D 504 25.99 -61.99 18.95
C ARG D 504 26.32 -60.64 19.60
N LYS D 505 27.61 -60.41 19.86
CA LYS D 505 27.99 -59.21 20.61
C LYS D 505 27.74 -57.93 19.84
N TYR D 506 27.66 -57.99 18.50
CA TYR D 506 27.53 -56.76 17.73
C TYR D 506 26.15 -56.13 17.86
N ILE D 507 25.12 -56.91 18.20
CA ILE D 507 23.79 -56.38 18.45
C ILE D 507 23.85 -55.55 19.73
N TRP D 508 23.89 -54.21 19.59
CA TRP D 508 24.16 -53.35 20.74
C TRP D 508 23.09 -53.42 21.81
N ALA D 509 21.89 -53.90 21.49
CA ALA D 509 20.87 -54.05 22.51
C ALA D 509 19.72 -54.86 21.95
N THR D 510 19.17 -55.74 22.79
CA THR D 510 17.98 -56.49 22.45
C THR D 510 16.90 -56.19 23.50
N HIS D 511 15.65 -56.19 23.04
CA HIS D 511 14.54 -55.82 23.92
C HIS D 511 13.39 -56.79 23.69
N VAL D 512 13.05 -57.55 24.73
CA VAL D 512 11.90 -58.44 24.66
C VAL D 512 10.63 -57.61 24.63
N TRP D 513 9.75 -57.91 23.67
CA TRP D 513 8.44 -57.30 23.60
C TRP D 513 7.40 -58.37 23.86
N ASN D 514 6.73 -58.28 25.01
CA ASN D 514 6.96 -57.23 25.99
C ASN D 514 7.25 -57.87 27.36
N MET D 515 7.75 -57.08 28.31
CA MET D 515 7.94 -57.60 29.67
C MET D 515 6.61 -58.03 30.28
N PHE D 516 5.57 -57.22 30.11
CA PHE D 516 4.24 -57.53 30.61
C PHE D 516 3.23 -57.52 29.46
N ASP D 517 2.14 -58.26 29.66
CA ASP D 517 0.95 -58.06 28.84
C ASP D 517 0.42 -56.65 29.08
N PHE D 518 -0.16 -56.05 28.04
CA PHE D 518 -0.57 -54.66 28.12
C PHE D 518 -1.87 -54.42 27.36
N GLY D 519 -2.51 -53.31 27.68
CA GLY D 519 -3.80 -53.00 27.11
C GLY D 519 -3.69 -52.55 25.67
N ALA D 520 -4.41 -53.20 24.77
CA ALA D 520 -4.54 -52.79 23.38
C ALA D 520 -5.96 -53.15 22.95
N ASP D 521 -6.89 -52.21 23.21
CA ASP D 521 -8.32 -52.50 23.11
C ASP D 521 -8.76 -52.94 21.72
N ALA D 522 -7.92 -52.82 20.69
CA ALA D 522 -8.26 -53.28 19.36
C ALA D 522 -7.89 -54.75 19.13
N ARG D 523 -7.12 -55.35 20.02
CA ARG D 523 -6.76 -56.75 19.89
C ARG D 523 -7.96 -57.64 20.23
N ASN D 524 -8.14 -58.69 19.43
CA ASN D 524 -9.25 -59.64 19.61
C ASN D 524 -8.76 -61.04 19.24
N GLU D 525 -7.74 -61.53 19.93
CA GLU D 525 -7.12 -62.78 19.55
C GLU D 525 -6.68 -63.57 20.78
N GLY D 526 -6.58 -64.89 20.61
CA GLY D 526 -5.98 -65.77 21.59
C GLY D 526 -6.89 -66.23 22.71
N GLY D 527 -8.17 -65.86 22.69
CA GLY D 527 -9.10 -66.25 23.73
C GLY D 527 -9.34 -65.20 24.79
N GLU D 528 -8.61 -64.09 24.75
CA GLU D 528 -8.82 -62.98 25.70
C GLU D 528 -8.61 -61.68 24.93
N ASN D 529 -9.66 -60.88 24.84
CA ASN D 529 -9.67 -59.71 23.97
C ASN D 529 -9.17 -58.46 24.70
N GLY D 530 -8.78 -57.47 23.90
CA GLY D 530 -8.32 -56.20 24.42
C GLY D 530 -6.91 -56.19 24.98
N GLN D 531 -6.11 -57.22 24.71
CA GLN D 531 -4.78 -57.32 25.29
C GLN D 531 -3.78 -57.85 24.28
N ASN D 532 -2.56 -57.36 24.36
CA ASN D 532 -1.42 -57.97 23.69
C ASN D 532 -0.75 -58.92 24.68
N HIS D 533 -0.71 -60.21 24.35
CA HIS D 533 -0.30 -61.24 25.29
C HIS D 533 1.14 -61.69 25.06
N LYS D 534 1.98 -60.85 24.47
CA LYS D 534 3.37 -61.20 24.21
C LYS D 534 4.29 -60.99 25.40
N GLY D 535 3.73 -60.66 26.57
CA GLY D 535 4.55 -60.39 27.73
C GLY D 535 5.19 -61.65 28.30
N LEU D 536 6.19 -61.42 29.15
CA LEU D 536 6.74 -62.49 29.97
C LEU D 536 5.95 -62.66 31.27
N VAL D 537 5.17 -61.65 31.64
CA VAL D 537 4.34 -61.65 32.84
C VAL D 537 2.96 -61.18 32.45
N THR D 538 1.95 -61.62 33.19
CA THR D 538 0.58 -61.32 32.84
C THR D 538 0.22 -59.87 33.16
N PHE D 539 -0.88 -59.41 32.57
CA PHE D 539 -1.27 -58.00 32.65
C PHE D 539 -1.38 -57.52 34.09
N ASP D 540 -1.75 -58.40 35.02
CA ASP D 540 -1.86 -58.03 36.43
C ASP D 540 -0.60 -58.35 37.22
N ARG D 541 0.49 -58.71 36.55
CA ARG D 541 1.77 -58.98 37.20
C ARG D 541 1.66 -60.09 38.24
N LYS D 542 0.69 -60.99 38.05
CA LYS D 542 0.45 -62.06 39.00
C LYS D 542 1.10 -63.38 38.62
N TYR D 543 1.43 -63.57 37.34
CA TYR D 543 1.92 -64.87 36.88
C TYR D 543 3.11 -64.67 35.94
N LYS D 544 4.26 -65.19 36.33
CA LYS D 544 5.44 -65.20 35.48
C LYS D 544 5.38 -66.41 34.55
N LYS D 545 5.31 -66.15 33.25
CA LYS D 545 5.30 -67.23 32.27
C LYS D 545 6.64 -67.98 32.30
N ASP D 546 6.64 -69.17 31.72
CA ASP D 546 7.86 -69.97 31.68
C ASP D 546 8.99 -69.23 31.00
N SER D 547 8.67 -68.40 29.99
CA SER D 547 9.71 -67.67 29.27
C SER D 547 10.41 -66.66 30.16
N PHE D 548 9.71 -66.13 31.16
CA PHE D 548 10.35 -65.23 32.13
C PHE D 548 11.57 -65.90 32.76
N TYR D 549 11.48 -67.20 33.02
CA TYR D 549 12.57 -67.90 33.68
C TYR D 549 13.68 -68.30 32.72
N ALA D 550 13.36 -68.46 31.43
CA ALA D 550 14.42 -68.60 30.44
C ALA D 550 15.38 -67.43 30.50
N TYR D 551 14.85 -66.22 30.71
CA TYR D 551 15.70 -65.03 30.75
C TYR D 551 16.42 -64.91 32.10
N LYS D 552 15.76 -65.31 33.19
CA LYS D 552 16.44 -65.32 34.49
C LYS D 552 17.65 -66.24 34.45
N ALA D 553 17.55 -67.39 33.78
CA ALA D 553 18.67 -68.31 33.67
C ALA D 553 19.89 -67.66 33.05
N TRP D 554 19.70 -66.74 32.11
CA TRP D 554 20.82 -66.16 31.37
C TRP D 554 21.37 -64.87 31.99
N LEU D 555 20.53 -64.09 32.69
CA LEU D 555 20.88 -62.72 33.07
C LEU D 555 20.87 -62.42 34.56
N SER D 556 20.26 -63.26 35.41
CA SER D 556 20.18 -62.98 36.83
C SER D 556 21.27 -63.73 37.59
N ASP D 557 21.79 -63.09 38.63
CA ASP D 557 22.71 -63.71 39.57
C ASP D 557 21.99 -64.39 40.73
N GLU D 558 20.67 -64.39 40.71
CA GLU D 558 19.83 -65.07 41.69
C GLU D 558 19.84 -66.57 41.44
N PRO D 559 20.49 -67.38 42.28
CA PRO D 559 20.43 -68.83 42.09
C PRO D 559 18.99 -69.33 42.21
N PHE D 560 18.58 -70.16 41.26
CA PHE D 560 17.19 -70.60 41.22
C PHE D 560 17.07 -71.86 40.36
N VAL D 561 15.94 -72.55 40.52
CA VAL D 561 15.58 -73.72 39.73
C VAL D 561 14.10 -73.62 39.41
N HIS D 562 13.73 -73.76 38.13
CA HIS D 562 12.34 -73.58 37.71
C HIS D 562 11.89 -74.74 36.85
N LEU D 563 10.83 -75.43 37.28
CA LEU D 563 10.20 -76.45 36.47
C LEU D 563 9.20 -75.79 35.52
N CYS D 564 9.37 -76.02 34.23
CA CYS D 564 8.42 -75.51 33.25
C CYS D 564 7.29 -76.50 33.06
N GLY D 565 6.12 -75.99 32.68
CA GLY D 565 4.98 -76.82 32.38
C GLY D 565 3.99 -77.01 33.51
N LYS D 566 4.25 -76.41 34.69
CA LYS D 566 3.45 -76.64 35.89
C LYS D 566 1.95 -76.61 35.63
N ARG D 567 1.52 -75.83 34.64
CA ARG D 567 0.10 -75.73 34.32
C ARG D 567 -0.35 -76.72 33.27
N TYR D 568 0.57 -77.51 32.73
CA TYR D 568 0.24 -78.56 31.75
C TYR D 568 0.40 -79.91 32.48
N VAL D 569 -0.71 -80.38 33.05
CA VAL D 569 -0.68 -81.55 33.92
C VAL D 569 -1.14 -82.79 33.18
N ASP D 570 -2.39 -82.79 32.72
CA ASP D 570 -2.94 -83.94 32.01
C ASP D 570 -2.32 -84.05 30.63
N ARG D 571 -1.50 -85.08 30.41
CA ARG D 571 -0.87 -85.33 29.12
C ARG D 571 -1.14 -86.76 28.69
N VAL D 572 -1.23 -86.97 27.38
CA VAL D 572 -1.63 -88.27 26.84
C VAL D 572 -0.42 -89.18 26.60
N GLU D 573 0.68 -88.63 26.09
CA GLU D 573 1.84 -89.44 25.75
C GLU D 573 2.29 -90.28 26.94
N ASP D 574 2.93 -91.41 26.63
CA ASP D 574 3.47 -92.27 27.67
C ASP D 574 4.79 -91.73 28.21
N THR D 575 5.65 -91.22 27.34
CA THR D 575 6.83 -90.48 27.72
C THR D 575 6.60 -89.00 27.46
N THR D 576 7.03 -88.16 28.40
CA THR D 576 6.80 -86.73 28.30
C THR D 576 8.12 -85.98 28.39
N LYS D 577 8.17 -84.84 27.70
CA LYS D 577 9.31 -83.96 27.80
C LYS D 577 9.17 -83.05 29.02
N VAL D 578 10.30 -82.77 29.65
CA VAL D 578 10.35 -81.92 30.85
C VAL D 578 11.54 -81.00 30.72
N THR D 579 11.34 -79.72 31.02
CA THR D 579 12.37 -78.71 30.85
C THR D 579 12.53 -77.91 32.14
N VAL D 580 13.78 -77.73 32.56
CA VAL D 580 14.13 -76.97 33.74
C VAL D 580 15.02 -75.81 33.31
N TYR D 581 14.66 -74.61 33.74
CA TYR D 581 15.52 -73.45 33.58
C TYR D 581 16.27 -73.20 34.88
N SER D 582 17.56 -72.89 34.76
CA SER D 582 18.38 -72.64 35.94
C SER D 582 19.68 -71.98 35.52
N ASN D 583 20.16 -71.04 36.33
CA ASN D 583 21.48 -70.46 36.16
C ASN D 583 22.54 -71.20 36.98
N LEU D 584 22.30 -72.47 37.29
CA LEU D 584 23.23 -73.31 38.03
C LEU D 584 23.71 -74.45 37.13
N PRO D 585 24.88 -75.01 37.41
CA PRO D 585 25.52 -75.89 36.41
C PRO D 585 24.83 -77.23 36.21
N GLU D 586 24.44 -77.91 37.29
CA GLU D 586 23.90 -79.26 37.19
C GLU D 586 22.50 -79.32 37.82
N VAL D 587 21.60 -80.03 37.15
CA VAL D 587 20.21 -80.14 37.58
C VAL D 587 19.78 -81.60 37.46
N GLU D 588 19.32 -82.18 38.57
CA GLU D 588 18.85 -83.55 38.60
C GLU D 588 17.33 -83.56 38.77
N LEU D 589 16.65 -84.38 37.97
CA LEU D 589 15.20 -84.46 37.99
C LEU D 589 14.76 -85.79 38.57
N PHE D 590 13.77 -85.74 39.47
CA PHE D 590 13.24 -86.91 40.16
C PHE D 590 11.76 -87.04 39.83
N VAL D 591 11.37 -88.17 39.24
CA VAL D 591 9.97 -88.49 38.99
C VAL D 591 9.54 -89.49 40.06
N ASN D 592 8.69 -89.04 41.00
CA ASN D 592 8.19 -89.90 42.08
C ASN D 592 9.34 -90.46 42.92
N GLY D 593 10.40 -89.67 43.06
CA GLY D 593 11.52 -89.97 43.92
C GLY D 593 12.69 -90.62 43.23
N LYS D 594 12.48 -91.23 42.07
CA LYS D 594 13.56 -91.86 41.33
C LYS D 594 14.16 -90.86 40.35
N SER D 595 15.48 -90.68 40.44
CA SER D 595 16.17 -89.74 39.57
C SER D 595 16.05 -90.17 38.12
N ALA D 596 15.82 -89.19 37.24
CA ALA D 596 15.77 -89.42 35.80
C ALA D 596 17.07 -89.02 35.12
N GLY D 597 18.11 -88.69 35.89
CA GLY D 597 19.38 -88.29 35.34
C GLY D 597 19.86 -86.95 35.88
N LYS D 598 21.14 -86.67 35.73
CA LYS D 598 21.72 -85.37 36.03
C LYS D 598 22.24 -84.77 34.73
N LEU D 599 21.92 -83.49 34.51
CA LEU D 599 22.23 -82.85 33.26
C LEU D 599 22.94 -81.52 33.51
N GLN D 600 23.78 -81.15 32.55
CA GLN D 600 24.28 -79.79 32.38
C GLN D 600 23.76 -79.27 31.04
N ALA D 601 24.05 -78.01 30.76
CA ALA D 601 23.52 -77.40 29.55
C ALA D 601 24.28 -76.13 29.25
N GLU D 602 24.80 -76.03 28.02
CA GLU D 602 25.35 -74.76 27.54
C GLU D 602 24.37 -73.62 27.77
N ASP D 603 23.12 -73.79 27.33
CA ASP D 603 22.15 -72.70 27.23
C ASP D 603 21.23 -72.58 28.42
N HIS D 604 21.52 -73.28 29.52
CA HIS D 604 20.73 -73.25 30.74
C HIS D 604 19.33 -73.84 30.56
N PHE D 605 19.06 -74.49 29.44
CA PHE D 605 17.77 -75.13 29.18
C PHE D 605 17.97 -76.63 29.31
N PHE D 606 17.58 -77.18 30.46
CA PHE D 606 17.75 -78.59 30.75
C PHE D 606 16.52 -79.35 30.28
N HIS D 607 16.69 -80.17 29.24
CA HIS D 607 15.59 -80.91 28.63
C HIS D 607 15.65 -82.37 29.07
N PHE D 608 14.66 -82.80 29.84
CA PHE D 608 14.53 -84.17 30.29
C PHE D 608 13.41 -84.87 29.53
N GLU D 609 13.45 -86.20 29.54
CA GLU D 609 12.38 -87.04 29.02
C GLU D 609 12.10 -88.12 30.04
N VAL D 610 10.87 -88.20 30.52
CA VAL D 610 10.52 -89.11 31.62
C VAL D 610 9.24 -89.84 31.29
N PRO D 611 9.10 -91.05 31.81
CA PRO D 611 7.87 -91.83 31.56
C PRO D 611 6.66 -91.19 32.23
N ASN D 612 5.52 -91.26 31.56
CA ASN D 612 4.27 -90.66 32.02
C ASN D 612 3.29 -91.79 32.31
N VAL D 613 3.26 -92.24 33.57
CA VAL D 613 2.45 -93.36 33.99
C VAL D 613 1.73 -92.99 35.28
N GLY D 614 0.40 -93.02 35.25
CA GLY D 614 -0.38 -92.64 36.40
C GLY D 614 -0.13 -91.19 36.78
N GLU D 615 -0.20 -90.92 38.07
CA GLU D 615 0.09 -89.60 38.61
C GLU D 615 1.53 -89.57 39.11
N SER D 616 2.32 -88.63 38.59
CA SER D 616 3.72 -88.50 38.94
C SER D 616 3.99 -87.12 39.53
N THR D 617 4.99 -87.06 40.40
CA THR D 617 5.47 -85.80 40.96
C THR D 617 6.91 -85.61 40.54
N LEU D 618 7.19 -84.51 39.85
CA LEU D 618 8.53 -84.20 39.40
C LEU D 618 9.19 -83.21 40.35
N VAL D 619 10.49 -83.40 40.58
CA VAL D 619 11.25 -82.53 41.47
C VAL D 619 12.59 -82.25 40.82
N ALA D 620 12.89 -80.98 40.59
CA ALA D 620 14.18 -80.56 40.06
C ALA D 620 15.03 -80.03 41.21
N VAL D 621 16.29 -80.49 41.26
CA VAL D 621 17.22 -80.08 42.30
C VAL D 621 18.52 -79.64 41.64
N ALA D 622 19.01 -78.48 42.03
CA ALA D 622 20.32 -77.99 41.64
C ALA D 622 21.00 -77.52 42.92
N GLY D 623 21.94 -78.31 43.41
CA GLY D 623 22.53 -77.99 44.70
C GLY D 623 21.46 -77.90 45.77
N GLU D 624 21.44 -76.77 46.47
CA GLU D 624 20.48 -76.54 47.55
C GLU D 624 19.17 -75.92 47.06
N TYR D 625 18.82 -76.12 45.80
CA TYR D 625 17.62 -75.50 45.24
C TYR D 625 16.77 -76.56 44.55
N LYS D 626 15.46 -76.50 44.81
CA LYS D 626 14.52 -77.49 44.32
C LYS D 626 13.29 -76.79 43.77
N ASP D 627 12.48 -77.57 43.03
CA ASP D 627 11.24 -77.09 42.46
C ASP D 627 10.34 -78.32 42.23
N GLU D 628 9.04 -78.07 42.11
CA GLU D 628 8.06 -79.14 42.11
C GLU D 628 7.06 -78.95 40.98
N SER D 629 6.82 -80.04 40.24
CA SER D 629 5.81 -80.11 39.20
C SER D 629 5.07 -81.43 39.34
N HIS D 630 3.80 -81.46 38.93
CA HIS D 630 3.06 -82.71 38.85
C HIS D 630 2.48 -82.89 37.46
N ILE D 631 2.27 -84.16 37.09
CA ILE D 631 1.75 -84.57 35.80
C ILE D 631 0.85 -85.78 36.02
N ARG D 632 0.16 -86.19 34.95
CA ARG D 632 -0.77 -87.31 35.04
C ARG D 632 -1.01 -87.87 33.66
N LYS D 633 -0.83 -89.17 33.50
CA LYS D 633 -1.21 -89.83 32.27
C LYS D 633 -2.73 -89.83 32.13
N VAL D 634 -3.21 -89.69 30.89
CA VAL D 634 -4.63 -89.78 30.58
C VAL D 634 -4.76 -90.32 29.17
N ASP D 635 -5.95 -90.78 28.83
CA ASP D 635 -6.16 -91.49 27.57
C ASP D 635 -6.41 -90.57 26.38
N THR D 636 -6.96 -89.38 26.61
CA THR D 636 -7.27 -88.46 25.52
C THR D 636 -6.95 -87.03 25.96
N PHE D 637 -6.63 -86.18 24.98
CA PHE D 637 -6.19 -84.82 25.26
C PHE D 637 -7.30 -84.01 25.91
N ASN D 638 -6.97 -83.38 27.03
CA ASN D 638 -7.91 -82.52 27.77
C ASN D 638 -8.10 -81.23 26.99
N GLU D 639 -9.23 -81.11 26.29
CA GLU D 639 -9.46 -79.98 25.41
C GLU D 639 -9.47 -78.65 26.15
N GLU D 640 -9.59 -78.67 27.48
CA GLU D 640 -9.50 -77.43 28.25
C GLU D 640 -8.14 -76.77 28.08
N TYR D 641 -7.14 -77.50 27.60
CA TYR D 641 -5.81 -76.96 27.36
C TYR D 641 -5.69 -76.27 26.01
N SER D 642 -6.59 -76.54 25.07
CA SER D 642 -6.50 -76.09 23.69
C SER D 642 -7.45 -74.92 23.44
N LEU D 643 -7.02 -73.99 22.59
CA LEU D 643 -7.76 -72.74 22.38
C LEU D 643 -9.05 -72.98 21.63
N LYS D 644 -8.94 -73.55 20.44
CA LYS D 644 -10.09 -73.91 19.64
C LYS D 644 -10.98 -72.68 19.43
#